data_5M66
#
_entry.id   5M66
#
_cell.length_a   106.437
_cell.length_b   173.622
_cell.length_c   97.425
_cell.angle_alpha   90.00
_cell.angle_beta   90.00
_cell.angle_gamma   90.00
#
_symmetry.space_group_name_H-M   'P 21 21 2'
#
loop_
_entity.id
_entity.type
_entity.pdbx_description
1 polymer Adenosylhomocysteinase
2 non-polymer NICOTINAMIDE-ADENINE-DINUCLEOTIDE
3 non-polymer ADENOSINE
4 non-polymer 'SODIUM ION'
5 non-polymer DI(HYDROXYETHYL)ETHER
6 water water
#
_entity_poly.entity_id   1
_entity_poly.type   'polypeptide(L)'
_entity_poly.pdbx_seq_one_letter_code
;GIDPFTMNAKPGFTDYIVKDIALADFGRKEISLAETEMPGLMATREEYGPKQPLKGARIAGSLHMTIQTAVLIETLAALG
ADIRWVSCNIYSTQDHAAAAIAAAGIPVFAVKGETLTEYWDYTAKLFDWHGGGTPNMILDDGGDATMLVHAGYRAEQGDT
AFLDKPGSEEEEIFYALVKRLLKEKPKGWFAEIAKNIKGVSEETTTGVHRLYEMANKGTLLFPAINVNDSVTKSKFDNLY
GCRESLVDGIRRGTDVMLSGKVAMVAGFGDVGKGSAASLRQAGCRVMVSEVDPICALQAAMEGYEVVTMEDAAPRADIFV
TATGNKDIITIEHMRAMKDRAIVCNIGHFDNEIQIASLRNLKWTNIKPQVDEIEFPDKHRIIMLSEGRLVNLGNAMGHPS
FVMSASFTNQTLAQIELFANNKDSKYAKKVYVLPKTLDEKVARLHLAKIGVKLTELRKDQADYIGVKQEGPYKSDHYRY
;
_entity_poly.pdbx_strand_id   A,B,C,D
#
loop_
_chem_comp.id
_chem_comp.type
_chem_comp.name
_chem_comp.formula
ADN non-polymer ADENOSINE 'C10 H13 N5 O4'
NA non-polymer 'SODIUM ION' 'Na 1'
NAD non-polymer NICOTINAMIDE-ADENINE-DINUCLEOTIDE 'C21 H27 N7 O14 P2'
PEG non-polymer DI(HYDROXYETHYL)ETHER 'C4 H10 O3'
#
# COMPACT_ATOMS: atom_id res chain seq x y z
N GLY A 12 20.66 -40.65 -29.47
CA GLY A 12 21.64 -40.49 -30.54
C GLY A 12 21.85 -39.01 -30.81
N PHE A 13 21.04 -38.22 -30.10
CA PHE A 13 21.06 -36.77 -30.15
C PHE A 13 22.19 -36.22 -29.27
N THR A 14 23.15 -35.49 -29.89
CA THR A 14 24.23 -34.82 -29.18
C THR A 14 24.34 -33.32 -29.51
N ASP A 15 23.38 -32.77 -30.27
CA ASP A 15 23.47 -31.37 -30.71
C ASP A 15 22.85 -30.48 -29.63
N TYR A 16 23.51 -30.45 -28.47
CA TYR A 16 23.13 -29.53 -27.40
C TYR A 16 24.33 -29.33 -26.48
N ILE A 17 24.29 -28.29 -25.66
CA ILE A 17 25.28 -28.11 -24.59
C ILE A 17 24.50 -27.56 -23.39
N VAL A 18 24.51 -28.28 -22.26
CA VAL A 18 23.74 -27.93 -21.05
C VAL A 18 24.59 -28.38 -19.88
N LYS A 19 24.29 -27.85 -18.69
CA LYS A 19 25.11 -28.22 -17.53
C LYS A 19 25.05 -29.71 -17.22
N ASP A 20 23.83 -30.27 -17.20
CA ASP A 20 23.66 -31.65 -16.78
C ASP A 20 22.33 -32.10 -17.34
N ILE A 21 22.37 -32.94 -18.38
CA ILE A 21 21.16 -33.50 -18.92
C ILE A 21 20.38 -34.27 -17.85
N ALA A 22 21.03 -34.66 -16.74
CA ALA A 22 20.29 -35.39 -15.70
C ALA A 22 19.28 -34.51 -14.97
N LEU A 23 19.35 -33.18 -15.13
CA LEU A 23 18.32 -32.30 -14.55
C LEU A 23 17.04 -32.25 -15.37
N ALA A 24 16.95 -33.08 -16.43
CA ALA A 24 15.82 -33.05 -17.35
C ALA A 24 14.51 -33.38 -16.65
N ASP A 25 14.51 -34.33 -15.72
CA ASP A 25 13.27 -34.73 -15.07
C ASP A 25 12.76 -33.63 -14.15
N PHE A 26 13.65 -33.04 -13.36
CA PHE A 26 13.30 -31.86 -12.56
C PHE A 26 12.79 -30.74 -13.46
N GLY A 27 13.47 -30.49 -14.57
CA GLY A 27 13.03 -29.46 -15.48
C GLY A 27 11.65 -29.73 -16.03
N ARG A 28 11.37 -30.99 -16.41
CA ARG A 28 10.06 -31.35 -16.94
C ARG A 28 8.93 -31.13 -15.92
N LYS A 29 9.19 -31.46 -14.64
CA LYS A 29 8.21 -31.23 -13.59
C LYS A 29 7.89 -29.74 -13.46
N GLU A 30 8.91 -28.88 -13.49
CA GLU A 30 8.57 -27.47 -13.34
C GLU A 30 7.91 -26.96 -14.62
N ILE A 31 8.27 -27.53 -15.78
CA ILE A 31 7.62 -27.12 -17.03
C ILE A 31 6.14 -27.43 -16.96
N SER A 32 5.81 -28.58 -16.40
CA SER A 32 4.41 -28.95 -16.28
C SER A 32 3.68 -27.96 -15.38
N LEU A 33 4.28 -27.64 -14.24
CA LEU A 33 3.67 -26.67 -13.34
C LEU A 33 3.45 -25.34 -14.03
N ALA A 34 4.44 -24.94 -14.85
CA ALA A 34 4.41 -23.68 -15.58
C ALA A 34 3.32 -23.64 -16.65
N GLU A 35 3.05 -24.78 -17.31
CA GLU A 35 1.97 -24.80 -18.30
C GLU A 35 0.66 -24.35 -17.68
N THR A 36 0.37 -24.80 -16.46
CA THR A 36 -0.85 -24.37 -15.79
C THR A 36 -0.84 -22.86 -15.58
N GLU A 37 0.32 -22.29 -15.32
CA GLU A 37 0.43 -20.86 -15.08
C GLU A 37 0.56 -20.05 -16.36
N MET A 38 0.53 -20.68 -17.53
CA MET A 38 0.72 -20.00 -18.80
C MET A 38 -0.45 -20.23 -19.76
N PRO A 39 -1.65 -19.72 -19.41
CA PRO A 39 -2.85 -20.01 -20.23
C PRO A 39 -2.78 -19.44 -21.61
N GLY A 40 -2.12 -18.30 -21.79
CA GLY A 40 -2.04 -17.76 -23.14
C GLY A 40 -1.27 -18.68 -24.06
N LEU A 41 -0.11 -19.17 -23.59
CA LEU A 41 0.68 -20.07 -24.42
C LEU A 41 -0.09 -21.37 -24.64
N MET A 42 -0.79 -21.87 -23.63
CA MET A 42 -1.42 -23.18 -23.83
C MET A 42 -2.63 -23.09 -24.77
N ALA A 43 -3.44 -22.05 -24.58
CA ALA A 43 -4.54 -21.78 -25.51
C ALA A 43 -4.06 -21.60 -26.92
N THR A 44 -2.87 -20.96 -27.08
CA THR A 44 -2.31 -20.80 -28.41
C THR A 44 -1.97 -22.15 -29.03
N ARG A 45 -1.43 -23.09 -28.23
CA ARG A 45 -1.23 -24.46 -28.72
C ARG A 45 -2.55 -25.07 -29.19
N GLU A 46 -3.61 -24.83 -28.44
CA GLU A 46 -4.88 -25.48 -28.74
C GLU A 46 -5.49 -24.90 -30.01
N GLU A 47 -5.42 -23.58 -30.19
CA GLU A 47 -6.00 -22.91 -31.34
C GLU A 47 -5.21 -23.16 -32.60
N TYR A 48 -3.89 -23.02 -32.54
CA TYR A 48 -3.11 -23.06 -33.77
C TYR A 48 -2.41 -24.38 -34.00
N GLY A 49 -2.32 -25.22 -32.97
CA GLY A 49 -1.82 -26.55 -33.11
C GLY A 49 -2.31 -27.26 -34.36
N PRO A 50 -3.62 -27.34 -34.57
CA PRO A 50 -4.12 -28.12 -35.71
C PRO A 50 -3.89 -27.43 -37.02
N LYS A 51 -3.51 -26.16 -37.00
CA LYS A 51 -3.31 -25.42 -38.23
C LYS A 51 -1.84 -25.42 -38.65
N GLN A 52 -0.91 -25.91 -37.79
CA GLN A 52 0.56 -25.86 -37.92
C GLN A 52 1.05 -24.64 -38.68
N PRO A 53 0.77 -23.43 -38.15
CA PRO A 53 1.16 -22.19 -38.86
C PRO A 53 2.67 -22.05 -39.01
N LEU A 54 3.44 -22.75 -38.18
CA LEU A 54 4.89 -22.62 -38.25
C LEU A 54 5.55 -23.83 -38.87
N LYS A 55 4.81 -24.61 -39.67
CA LYS A 55 5.39 -25.75 -40.34
C LYS A 55 6.36 -25.19 -41.35
N GLY A 56 7.55 -25.78 -41.40
CA GLY A 56 8.59 -25.26 -42.23
C GLY A 56 9.39 -24.15 -41.58
N ALA A 57 8.96 -23.63 -40.43
CA ALA A 57 9.74 -22.59 -39.76
C ALA A 57 10.96 -23.20 -39.09
N ARG A 58 12.06 -22.44 -39.09
CA ARG A 58 13.33 -22.85 -38.49
C ARG A 58 13.71 -21.66 -37.61
N ILE A 59 13.29 -21.69 -36.35
CA ILE A 59 13.38 -20.51 -35.48
C ILE A 59 14.62 -20.63 -34.62
N ALA A 60 15.51 -19.66 -34.78
CA ALA A 60 16.68 -19.48 -33.90
C ALA A 60 16.28 -18.52 -32.77
N GLY A 61 16.23 -19.04 -31.54
CA GLY A 61 15.89 -18.23 -30.37
C GLY A 61 17.14 -17.96 -29.55
N SER A 62 17.33 -16.68 -29.18
CA SER A 62 18.33 -16.20 -28.21
C SER A 62 17.55 -15.48 -27.09
N LEU A 63 17.19 -16.21 -26.04
CA LEU A 63 16.32 -15.69 -25.00
C LEU A 63 16.56 -16.53 -23.77
N HIS A 64 16.69 -15.87 -22.60
CA HIS A 64 17.05 -16.53 -21.33
C HIS A 64 16.43 -17.92 -21.26
N MET A 65 17.29 -18.95 -21.10
CA MET A 65 16.79 -20.35 -21.12
C MET A 65 16.21 -20.75 -19.77
N THR A 66 14.99 -20.21 -19.52
CA THR A 66 14.26 -20.46 -18.30
C THR A 66 13.17 -21.50 -18.53
N ILE A 67 12.56 -21.91 -17.42
CA ILE A 67 11.39 -22.78 -17.48
C ILE A 67 10.29 -22.15 -18.33
N GLN A 68 10.11 -20.83 -18.20
CA GLN A 68 9.11 -20.12 -19.02
C GLN A 68 9.46 -20.17 -20.50
N THR A 69 10.72 -19.92 -20.83
CA THR A 69 11.13 -20.07 -22.23
C THR A 69 10.91 -21.49 -22.69
N ALA A 70 11.01 -22.50 -21.80
CA ALA A 70 10.82 -23.87 -22.29
C ALA A 70 9.37 -24.07 -22.75
N VAL A 71 8.42 -23.48 -22.04
CA VAL A 71 7.03 -23.56 -22.47
C VAL A 71 6.83 -22.85 -23.80
N LEU A 72 7.48 -21.70 -23.99
CA LEU A 72 7.45 -21.05 -25.30
C LEU A 72 8.05 -21.94 -26.39
N ILE A 73 9.22 -22.50 -26.12
CA ILE A 73 9.81 -23.35 -27.13
C ILE A 73 8.88 -24.51 -27.50
N GLU A 74 8.27 -25.14 -26.51
CA GLU A 74 7.38 -26.26 -26.87
C GLU A 74 6.10 -25.77 -27.54
N THR A 75 5.71 -24.53 -27.30
CA THR A 75 4.56 -24.01 -28.01
C THR A 75 4.87 -23.84 -29.49
N LEU A 76 6.03 -23.26 -29.79
CA LEU A 76 6.46 -23.13 -31.18
C LEU A 76 6.51 -24.48 -31.87
N ALA A 77 7.09 -25.49 -31.21
CA ALA A 77 7.18 -26.82 -31.85
C ALA A 77 5.80 -27.46 -32.02
N ALA A 78 4.90 -27.27 -31.04
CA ALA A 78 3.49 -27.64 -31.16
C ALA A 78 2.85 -27.00 -32.40
N LEU A 79 3.29 -25.82 -32.78
CA LEU A 79 2.77 -25.16 -33.98
C LEU A 79 3.52 -25.54 -35.25
N GLY A 80 4.48 -26.45 -35.19
CA GLY A 80 5.18 -26.97 -36.37
C GLY A 80 6.62 -26.52 -36.53
N ALA A 81 7.14 -25.63 -35.67
CA ALA A 81 8.47 -25.06 -35.86
C ALA A 81 9.57 -26.05 -35.49
N ASP A 82 10.64 -26.00 -36.27
CA ASP A 82 11.92 -26.58 -35.93
C ASP A 82 12.71 -25.47 -35.21
N ILE A 83 13.51 -25.87 -34.22
CA ILE A 83 14.04 -24.88 -33.29
C ILE A 83 15.50 -25.19 -32.94
N ARG A 84 16.30 -24.13 -32.75
CA ARG A 84 17.60 -24.13 -32.05
C ARG A 84 17.60 -22.95 -31.08
N TRP A 85 18.21 -23.13 -29.91
CA TRP A 85 18.07 -22.11 -28.87
C TRP A 85 19.37 -21.88 -28.11
N VAL A 86 19.51 -20.63 -27.62
CA VAL A 86 20.56 -20.25 -26.67
C VAL A 86 19.96 -19.26 -25.70
N SER A 87 20.62 -19.12 -24.56
CA SER A 87 20.24 -18.08 -23.61
C SER A 87 20.83 -16.74 -24.03
N CYS A 88 20.17 -15.64 -23.65
CA CYS A 88 20.72 -14.35 -24.04
C CYS A 88 21.46 -13.65 -22.91
N ASN A 89 21.79 -14.36 -21.81
CA ASN A 89 22.64 -13.83 -20.73
C ASN A 89 23.47 -15.00 -20.17
N ILE A 90 24.72 -14.73 -19.78
CA ILE A 90 25.60 -15.79 -19.29
C ILE A 90 25.13 -16.39 -17.97
N TYR A 91 24.21 -15.73 -17.23
CA TYR A 91 23.81 -16.18 -15.88
C TYR A 91 22.31 -16.47 -15.74
N SER A 92 21.52 -16.34 -16.80
CA SER A 92 20.07 -16.44 -16.70
C SER A 92 19.51 -17.82 -17.04
N THR A 93 20.33 -18.71 -17.63
CA THR A 93 19.87 -20.07 -17.85
C THR A 93 19.44 -20.72 -16.54
N GLN A 94 18.36 -21.49 -16.62
CA GLN A 94 17.88 -22.35 -15.57
C GLN A 94 18.22 -23.77 -16.02
N ASP A 95 19.25 -24.36 -15.41
CA ASP A 95 19.85 -25.54 -16.04
C ASP A 95 18.86 -26.71 -16.14
N HIS A 96 17.87 -26.83 -15.23
CA HIS A 96 16.91 -27.92 -15.43
C HIS A 96 16.01 -27.66 -16.62
N ALA A 97 15.76 -26.39 -16.95
CA ALA A 97 14.97 -26.04 -18.13
C ALA A 97 15.73 -26.38 -19.39
N ALA A 98 17.00 -25.99 -19.44
CA ALA A 98 17.87 -26.36 -20.55
C ALA A 98 17.94 -27.88 -20.70
N ALA A 99 18.18 -28.59 -19.60
CA ALA A 99 18.22 -30.05 -19.66
C ALA A 99 16.93 -30.60 -20.27
N ALA A 100 15.78 -30.14 -19.79
CA ALA A 100 14.53 -30.70 -20.29
C ALA A 100 14.32 -30.45 -21.78
N ILE A 101 14.77 -29.31 -22.29
CA ILE A 101 14.62 -29.04 -23.71
C ILE A 101 15.53 -29.94 -24.53
N ALA A 102 16.78 -30.07 -24.08
CA ALA A 102 17.72 -30.93 -24.79
C ALA A 102 17.23 -32.37 -24.78
N ALA A 103 16.66 -32.81 -23.65
CA ALA A 103 16.11 -34.17 -23.60
C ALA A 103 14.90 -34.34 -24.50
N ALA A 104 14.18 -33.27 -24.84
CA ALA A 104 13.12 -33.33 -25.83
C ALA A 104 13.59 -33.42 -27.26
N GLY A 105 14.90 -33.40 -27.48
CA GLY A 105 15.42 -33.48 -28.83
C GLY A 105 15.67 -32.15 -29.50
N ILE A 106 15.53 -31.04 -28.81
CA ILE A 106 15.69 -29.70 -29.39
C ILE A 106 17.10 -29.21 -29.08
N PRO A 107 17.89 -28.82 -30.09
CA PRO A 107 19.25 -28.31 -29.83
C PRO A 107 19.18 -27.07 -28.98
N VAL A 108 19.86 -27.12 -27.82
CA VAL A 108 20.02 -25.95 -26.97
C VAL A 108 21.46 -25.87 -26.49
N PHE A 109 21.97 -24.64 -26.41
CA PHE A 109 23.31 -24.36 -25.93
C PHE A 109 23.16 -23.26 -24.89
N ALA A 110 23.05 -23.66 -23.61
CA ALA A 110 22.62 -22.76 -22.54
C ALA A 110 23.10 -23.35 -21.22
N VAL A 111 23.99 -22.61 -20.55
CA VAL A 111 24.50 -22.99 -19.24
C VAL A 111 24.56 -21.76 -18.33
N LYS A 112 24.14 -21.95 -17.09
CA LYS A 112 24.16 -20.82 -16.16
C LYS A 112 25.60 -20.65 -15.73
N GLY A 113 26.16 -19.49 -16.01
CA GLY A 113 27.57 -19.28 -15.76
C GLY A 113 28.48 -19.56 -16.94
N GLU A 114 27.97 -19.66 -18.16
CA GLU A 114 28.84 -19.80 -19.32
C GLU A 114 29.78 -18.58 -19.40
N THR A 115 30.92 -18.74 -20.06
CA THR A 115 31.79 -17.58 -20.21
C THR A 115 31.30 -16.73 -21.37
N LEU A 116 31.83 -15.51 -21.46
CA LEU A 116 31.51 -14.63 -22.61
C LEU A 116 31.93 -15.27 -23.92
N THR A 117 33.11 -15.90 -23.92
CA THR A 117 33.55 -16.56 -25.13
C THR A 117 32.61 -17.69 -25.51
N GLU A 118 32.22 -18.49 -24.51
CA GLU A 118 31.23 -19.55 -24.73
C GLU A 118 29.90 -18.96 -25.19
N TYR A 119 29.50 -17.85 -24.61
CA TYR A 119 28.25 -17.22 -24.96
C TYR A 119 28.14 -16.92 -26.44
N TRP A 120 29.15 -16.28 -26.99
CA TRP A 120 29.11 -15.86 -28.41
C TRP A 120 29.28 -17.04 -29.36
N ASP A 121 30.12 -17.99 -29.00
CA ASP A 121 30.20 -19.23 -29.75
C ASP A 121 28.86 -19.97 -29.75
N TYR A 122 28.12 -19.95 -28.64
CA TYR A 122 26.80 -20.61 -28.68
C TYR A 122 25.85 -19.86 -29.61
N THR A 123 25.85 -18.53 -29.56
CA THR A 123 25.01 -17.75 -30.45
C THR A 123 25.26 -18.15 -31.89
N ALA A 124 26.54 -18.29 -32.27
CA ALA A 124 26.83 -18.68 -33.64
C ALA A 124 26.23 -20.04 -33.96
N LYS A 125 26.19 -20.95 -32.99
CA LYS A 125 25.65 -22.30 -33.21
C LYS A 125 24.17 -22.29 -33.58
N LEU A 126 23.48 -21.20 -33.27
CA LEU A 126 22.11 -21.04 -33.73
C LEU A 126 22.02 -21.19 -35.24
N PHE A 127 23.04 -20.68 -35.96
CA PHE A 127 22.91 -20.49 -37.40
C PHE A 127 23.44 -21.65 -38.21
N ASP A 128 24.04 -22.66 -37.55
CA ASP A 128 24.39 -23.91 -38.20
C ASP A 128 23.23 -24.85 -37.97
N TRP A 129 22.22 -24.74 -38.80
CA TRP A 129 21.07 -25.59 -38.59
C TRP A 129 21.46 -27.07 -38.70
N HIS A 130 20.79 -27.88 -37.90
CA HIS A 130 20.98 -29.31 -37.92
C HIS A 130 20.38 -29.87 -39.19
N GLY A 131 21.09 -30.78 -39.82
CA GLY A 131 20.82 -31.14 -41.18
C GLY A 131 21.44 -30.24 -42.21
N GLY A 132 21.99 -29.10 -41.80
CA GLY A 132 22.52 -28.13 -42.74
C GLY A 132 21.59 -26.94 -42.91
N GLY A 133 22.15 -25.91 -43.56
CA GLY A 133 21.42 -24.68 -43.84
C GLY A 133 21.37 -23.77 -42.62
N THR A 134 20.44 -22.84 -42.66
CA THR A 134 20.39 -21.70 -41.74
C THR A 134 19.01 -21.68 -41.13
N PRO A 135 18.76 -20.82 -40.14
CA PRO A 135 17.37 -20.62 -39.71
C PRO A 135 16.64 -19.80 -40.77
N ASN A 136 15.30 -19.71 -40.64
CA ASN A 136 14.52 -18.78 -41.46
C ASN A 136 13.71 -17.83 -40.60
N MET A 137 13.98 -17.78 -39.29
CA MET A 137 13.32 -16.91 -38.33
C MET A 137 14.27 -16.71 -37.16
N ILE A 138 14.21 -15.53 -36.57
CA ILE A 138 14.92 -15.26 -35.33
C ILE A 138 13.89 -14.82 -34.30
N LEU A 139 13.99 -15.38 -33.10
CA LEU A 139 13.26 -14.86 -31.95
C LEU A 139 14.31 -14.35 -30.96
N ASP A 140 14.37 -13.03 -30.76
CA ASP A 140 15.54 -12.42 -30.12
C ASP A 140 15.14 -11.65 -28.87
N ASP A 141 16.06 -11.66 -27.89
CA ASP A 141 15.87 -10.90 -26.66
C ASP A 141 17.14 -10.08 -26.46
N GLY A 142 17.08 -8.80 -26.72
CA GLY A 142 18.27 -7.97 -26.56
C GLY A 142 19.11 -7.85 -27.82
N GLY A 143 18.75 -8.57 -28.91
CA GLY A 143 19.23 -8.29 -30.24
C GLY A 143 20.58 -8.90 -30.57
N ASP A 144 21.07 -9.82 -29.75
CA ASP A 144 22.41 -10.38 -29.96
C ASP A 144 22.46 -11.24 -31.22
N ALA A 145 21.45 -12.11 -31.42
CA ALA A 145 21.52 -12.94 -32.61
C ALA A 145 21.34 -12.07 -33.84
N THR A 146 20.47 -11.06 -33.75
CA THR A 146 20.26 -10.14 -34.87
C THR A 146 21.54 -9.37 -35.19
N MET A 147 22.27 -8.94 -34.15
CA MET A 147 23.51 -8.21 -34.33
C MET A 147 24.58 -9.13 -34.93
N LEU A 148 24.58 -10.41 -34.54
CA LEU A 148 25.55 -11.34 -35.15
C LEU A 148 25.32 -11.39 -36.64
N VAL A 149 24.05 -11.41 -37.07
CA VAL A 149 23.84 -11.47 -38.51
C VAL A 149 24.23 -10.16 -39.17
N HIS A 150 23.83 -9.02 -38.58
CA HIS A 150 24.04 -7.75 -39.28
C HIS A 150 25.51 -7.39 -39.34
N ALA A 151 26.25 -7.66 -38.27
CA ALA A 151 27.65 -7.32 -38.22
C ALA A 151 28.45 -8.18 -39.20
N GLY A 152 28.19 -9.48 -39.21
CA GLY A 152 28.83 -10.34 -40.20
C GLY A 152 28.45 -9.97 -41.62
N TYR A 153 27.18 -9.60 -41.85
CA TYR A 153 26.81 -9.14 -43.18
C TYR A 153 27.60 -7.90 -43.56
N ARG A 154 27.63 -6.93 -42.66
CA ARG A 154 28.37 -5.72 -42.98
C ARG A 154 29.81 -6.05 -43.34
N ALA A 155 30.47 -6.87 -42.51
CA ALA A 155 31.88 -7.25 -42.76
C ALA A 155 32.03 -8.03 -44.06
N GLU A 156 31.12 -8.98 -44.31
CA GLU A 156 31.08 -9.71 -45.56
C GLU A 156 31.06 -8.79 -46.78
N GLN A 157 30.39 -7.63 -46.68
CA GLN A 157 30.31 -6.64 -47.76
C GLN A 157 31.63 -5.93 -48.02
N GLY A 158 32.69 -6.18 -47.24
CA GLY A 158 33.93 -5.46 -47.40
C GLY A 158 34.13 -4.32 -46.42
N ASP A 159 33.11 -3.98 -45.62
CA ASP A 159 33.21 -2.93 -44.61
C ASP A 159 33.64 -3.56 -43.29
N THR A 160 34.92 -3.91 -43.23
CA THR A 160 35.50 -4.67 -42.12
C THR A 160 36.20 -3.79 -41.09
N ALA A 161 36.30 -2.48 -41.34
CA ALA A 161 37.08 -1.64 -40.46
C ALA A 161 36.66 -1.82 -39.01
N PHE A 162 35.36 -1.86 -38.73
CA PHE A 162 34.91 -1.79 -37.34
C PHE A 162 35.42 -2.94 -36.48
N LEU A 163 35.70 -4.09 -37.10
CA LEU A 163 36.12 -5.26 -36.34
C LEU A 163 37.49 -5.04 -35.70
N ASP A 164 38.30 -4.20 -36.33
CA ASP A 164 39.73 -4.34 -36.12
C ASP A 164 40.21 -3.60 -34.88
N LYS A 165 39.34 -2.84 -34.20
CA LYS A 165 39.39 -2.77 -32.73
C LYS A 165 38.02 -2.44 -32.17
N PRO A 166 37.71 -3.00 -31.03
CA PRO A 166 36.40 -2.79 -30.40
C PRO A 166 36.30 -1.62 -29.44
N GLY A 167 35.89 -1.94 -28.21
CA GLY A 167 35.55 -0.99 -27.16
C GLY A 167 35.34 -1.60 -25.78
N SER A 168 34.71 -2.77 -25.69
CA SER A 168 34.64 -3.55 -24.46
C SER A 168 35.31 -4.90 -24.68
N GLU A 169 35.51 -5.64 -23.58
CA GLU A 169 35.94 -7.02 -23.73
C GLU A 169 34.98 -7.77 -24.64
N GLU A 170 33.68 -7.72 -24.32
CA GLU A 170 32.68 -8.45 -25.08
C GLU A 170 32.65 -7.99 -26.53
N GLU A 171 32.96 -6.72 -26.78
CA GLU A 171 33.03 -6.24 -28.16
C GLU A 171 34.22 -6.90 -28.89
N GLU A 172 35.30 -7.24 -28.14
CA GLU A 172 36.47 -7.88 -28.74
C GLU A 172 36.24 -9.37 -28.96
N ILE A 173 35.71 -10.08 -27.96
CA ILE A 173 35.23 -11.43 -28.17
C ILE A 173 34.27 -11.45 -29.35
N PHE A 174 33.29 -10.54 -29.35
CA PHE A 174 32.24 -10.57 -30.39
C PHE A 174 32.83 -10.39 -31.79
N TYR A 175 33.74 -9.44 -31.95
CA TYR A 175 34.38 -9.21 -33.25
C TYR A 175 35.29 -10.37 -33.63
N ALA A 176 35.98 -10.94 -32.64
CA ALA A 176 36.79 -12.14 -32.89
C ALA A 176 35.90 -13.25 -33.45
N LEU A 177 34.69 -13.40 -32.89
CA LEU A 177 33.76 -14.37 -33.45
C LEU A 177 33.49 -14.07 -34.92
N VAL A 178 33.20 -12.80 -35.23
CA VAL A 178 32.82 -12.48 -36.61
C VAL A 178 33.95 -12.84 -37.54
N LYS A 179 35.18 -12.50 -37.16
CA LYS A 179 36.36 -12.86 -37.92
C LYS A 179 36.43 -14.36 -38.12
N ARG A 180 36.29 -15.13 -37.03
CA ARG A 180 36.34 -16.59 -37.12
C ARG A 180 35.31 -17.13 -38.11
N LEU A 181 34.08 -16.60 -38.03
CA LEU A 181 32.99 -17.07 -38.92
C LEU A 181 33.26 -16.71 -40.36
N LEU A 182 33.87 -15.54 -40.59
CA LEU A 182 34.23 -15.18 -41.96
C LEU A 182 35.24 -16.15 -42.54
N LYS A 183 36.09 -16.75 -41.70
CA LYS A 183 37.08 -17.72 -42.16
C LYS A 183 36.54 -19.15 -42.15
N GLU A 184 35.71 -19.49 -41.16
CA GLU A 184 35.28 -20.87 -40.96
C GLU A 184 33.95 -21.18 -41.61
N LYS A 185 33.19 -20.18 -42.02
CA LYS A 185 31.94 -20.44 -42.72
C LYS A 185 32.07 -20.05 -44.17
N PRO A 186 31.22 -20.59 -45.07
CA PRO A 186 31.44 -20.42 -46.50
C PRO A 186 31.27 -18.97 -46.91
N LYS A 187 31.81 -18.67 -48.08
CA LYS A 187 31.73 -17.33 -48.63
C LYS A 187 30.28 -16.93 -48.82
N GLY A 188 29.90 -15.76 -48.33
CA GLY A 188 28.54 -15.33 -48.47
C GLY A 188 27.60 -15.87 -47.43
N TRP A 189 28.13 -16.52 -46.39
CA TRP A 189 27.28 -17.20 -45.43
C TRP A 189 26.37 -16.20 -44.69
N PHE A 190 26.88 -15.00 -44.39
CA PHE A 190 26.01 -14.05 -43.70
C PHE A 190 24.92 -13.52 -44.64
N ALA A 191 25.22 -13.39 -45.93
CA ALA A 191 24.17 -13.05 -46.87
C ALA A 191 23.19 -14.22 -47.07
N GLU A 192 23.70 -15.45 -47.09
CA GLU A 192 22.84 -16.63 -47.09
CA GLU A 192 22.82 -16.62 -47.11
C GLU A 192 21.84 -16.57 -45.94
N ILE A 193 22.34 -16.40 -44.71
CA ILE A 193 21.47 -16.25 -43.54
C ILE A 193 20.49 -15.11 -43.75
N ALA A 194 21.00 -13.91 -44.03
CA ALA A 194 20.10 -12.76 -44.08
C ALA A 194 19.02 -12.97 -45.14
N LYS A 195 19.37 -13.61 -46.24
CA LYS A 195 18.40 -13.94 -47.26
C LYS A 195 17.32 -14.88 -46.70
N ASN A 196 17.74 -15.93 -45.99
CA ASN A 196 16.77 -16.92 -45.50
C ASN A 196 15.91 -16.40 -44.35
N ILE A 197 16.42 -15.45 -43.56
CA ILE A 197 15.65 -14.99 -42.41
C ILE A 197 14.47 -14.18 -42.94
N LYS A 198 13.25 -14.64 -42.66
CA LYS A 198 12.04 -13.94 -43.07
C LYS A 198 11.61 -12.86 -42.08
N GLY A 199 12.06 -12.92 -40.84
CA GLY A 199 11.77 -11.85 -39.90
C GLY A 199 12.43 -12.14 -38.57
N VAL A 200 12.46 -11.11 -37.71
CA VAL A 200 12.86 -11.27 -36.33
C VAL A 200 11.77 -10.68 -35.43
N SER A 201 11.46 -11.34 -34.34
CA SER A 201 10.62 -10.68 -33.34
C SER A 201 11.49 -10.43 -32.12
N GLU A 202 11.47 -9.21 -31.61
CA GLU A 202 12.40 -8.77 -30.57
C GLU A 202 11.68 -8.42 -29.26
N GLU A 203 12.23 -8.94 -28.16
CA GLU A 203 11.56 -9.05 -26.87
C GLU A 203 11.65 -7.81 -26.01
N THR A 204 12.79 -7.07 -26.03
CA THR A 204 13.06 -6.12 -24.94
C THR A 204 13.43 -4.74 -25.45
N THR A 205 13.25 -3.74 -24.55
CA THR A 205 13.41 -2.34 -24.93
C THR A 205 14.72 -2.06 -25.63
N THR A 206 15.82 -2.48 -24.99
CA THR A 206 17.15 -2.23 -25.54
C THR A 206 17.30 -2.81 -26.94
N GLY A 207 16.86 -4.07 -27.13
CA GLY A 207 16.95 -4.69 -28.44
C GLY A 207 16.08 -4.04 -29.50
N VAL A 208 14.86 -3.63 -29.13
CA VAL A 208 13.97 -2.95 -30.07
C VAL A 208 14.52 -1.58 -30.50
N HIS A 209 15.12 -0.83 -29.57
CA HIS A 209 15.70 0.45 -29.96
C HIS A 209 16.76 0.27 -31.05
N ARG A 210 17.62 -0.77 -30.91
CA ARG A 210 18.58 -1.17 -31.96
C ARG A 210 17.90 -1.37 -33.31
N LEU A 211 16.83 -2.18 -33.33
CA LEU A 211 16.05 -2.39 -34.55
C LEU A 211 15.58 -1.07 -35.18
N TYR A 212 14.98 -0.15 -34.38
CA TYR A 212 14.46 1.10 -34.95
C TYR A 212 15.58 1.94 -35.54
N GLU A 213 16.70 2.06 -34.81
CA GLU A 213 17.86 2.76 -35.35
C GLU A 213 18.36 2.12 -36.64
N MET A 214 18.48 0.77 -36.71
CA MET A 214 18.89 0.12 -37.96
C MET A 214 17.88 0.35 -39.10
N ALA A 215 16.60 0.15 -38.83
CA ALA A 215 15.55 0.57 -39.77
C ALA A 215 15.69 2.04 -40.16
N ASN A 216 15.89 2.92 -39.18
CA ASN A 216 16.04 4.32 -39.53
C ASN A 216 17.23 4.53 -40.48
N LYS A 217 18.34 3.82 -40.25
CA LYS A 217 19.47 3.97 -41.15
C LYS A 217 19.34 3.11 -42.39
N GLY A 218 18.26 2.34 -42.56
CA GLY A 218 18.18 1.48 -43.74
C GLY A 218 19.14 0.30 -43.80
N THR A 219 19.72 -0.10 -42.66
CA THR A 219 20.58 -1.27 -42.56
C THR A 219 19.85 -2.54 -42.06
N LEU A 220 18.62 -2.42 -41.57
CA LEU A 220 17.86 -3.61 -41.13
C LEU A 220 17.67 -4.60 -42.29
N LEU A 221 18.12 -5.84 -42.13
CA LEU A 221 18.12 -6.79 -43.26
C LEU A 221 16.81 -7.59 -43.43
N PHE A 222 15.89 -7.56 -42.48
CA PHE A 222 14.64 -8.30 -42.65
C PHE A 222 13.55 -7.68 -41.77
N PRO A 223 12.27 -7.97 -42.06
CA PRO A 223 11.17 -7.43 -41.24
C PRO A 223 11.34 -7.75 -39.76
N ALA A 224 10.87 -6.84 -38.91
CA ALA A 224 10.98 -7.03 -37.48
C ALA A 224 9.66 -6.67 -36.80
N ILE A 225 9.29 -7.42 -35.75
CA ILE A 225 8.17 -7.07 -34.90
C ILE A 225 8.70 -6.74 -33.53
N ASN A 226 8.31 -5.58 -33.06
CA ASN A 226 8.64 -5.15 -31.72
C ASN A 226 7.61 -5.78 -30.80
N VAL A 227 8.02 -6.82 -30.09
CA VAL A 227 7.09 -7.47 -29.18
C VAL A 227 7.08 -6.72 -27.86
N ASN A 228 8.20 -6.05 -27.55
CA ASN A 228 8.33 -5.37 -26.27
C ASN A 228 7.16 -4.42 -26.09
N ASP A 229 6.88 -3.63 -27.12
CA ASP A 229 5.88 -2.59 -27.05
C ASP A 229 4.46 -3.06 -27.41
N SER A 230 4.18 -4.36 -27.37
CA SER A 230 2.79 -4.72 -27.13
C SER A 230 2.41 -4.18 -25.75
N VAL A 231 1.21 -3.65 -25.63
CA VAL A 231 0.69 -3.31 -24.30
C VAL A 231 0.81 -4.49 -23.34
N THR A 232 0.39 -5.70 -23.79
CA THR A 232 0.39 -6.87 -22.90
C THR A 232 1.80 -7.42 -22.66
N LYS A 233 2.80 -6.68 -23.07
CA LYS A 233 4.18 -7.02 -22.74
C LYS A 233 4.73 -5.89 -21.86
N SER A 234 5.02 -4.73 -22.45
CA SER A 234 5.72 -3.67 -21.74
C SER A 234 5.01 -3.22 -20.45
N LYS A 235 3.68 -3.20 -20.42
CA LYS A 235 3.04 -2.75 -19.20
CA LYS A 235 2.89 -2.78 -19.26
C LYS A 235 2.61 -3.91 -18.28
N PHE A 236 3.06 -5.14 -18.57
CA PHE A 236 2.89 -6.25 -17.66
C PHE A 236 4.22 -6.88 -17.28
N ASP A 237 4.91 -7.47 -18.25
CA ASP A 237 6.27 -8.00 -18.06
C ASP A 237 7.20 -6.99 -17.44
N ASN A 238 7.44 -5.88 -18.15
CA ASN A 238 8.48 -4.96 -17.65
C ASN A 238 8.08 -4.39 -16.29
N LEU A 239 6.78 -4.13 -16.12
CA LEU A 239 6.27 -3.47 -14.90
C LEU A 239 6.03 -4.47 -13.76
N TYR A 240 5.02 -5.37 -13.92
CA TYR A 240 4.71 -6.32 -12.87
C TYR A 240 5.73 -7.44 -12.77
N GLY A 241 6.33 -7.84 -13.90
CA GLY A 241 7.43 -8.82 -13.83
C GLY A 241 8.55 -8.40 -12.90
N CYS A 242 9.11 -7.19 -13.13
CA CYS A 242 10.17 -6.68 -12.22
C CYS A 242 9.66 -6.48 -10.81
N ARG A 243 8.38 -6.13 -10.66
CA ARG A 243 7.84 -5.93 -9.33
C ARG A 243 7.92 -7.20 -8.53
N GLU A 244 7.75 -8.36 -9.18
CA GLU A 244 7.86 -9.63 -8.48
C GLU A 244 9.29 -10.13 -8.46
N SER A 245 10.03 -9.93 -9.52
CA SER A 245 11.28 -10.68 -9.53
C SER A 245 12.48 -9.88 -9.02
N LEU A 246 12.42 -8.55 -8.91
CA LEU A 246 13.64 -7.84 -8.45
C LEU A 246 14.01 -8.22 -7.04
N VAL A 247 13.08 -8.02 -6.09
CA VAL A 247 13.43 -8.34 -4.68
C VAL A 247 13.60 -9.83 -4.47
N ASP A 248 12.94 -10.66 -5.30
CA ASP A 248 13.24 -12.10 -5.30
C ASP A 248 14.74 -12.33 -5.50
N GLY A 249 15.31 -11.69 -6.52
CA GLY A 249 16.75 -11.83 -6.73
C GLY A 249 17.59 -11.22 -5.61
N ILE A 250 17.18 -10.07 -5.07
CA ILE A 250 17.98 -9.49 -3.98
C ILE A 250 17.90 -10.39 -2.74
N ARG A 251 16.71 -10.95 -2.48
CA ARG A 251 16.51 -11.82 -1.32
C ARG A 251 17.37 -13.07 -1.43
N ARG A 252 17.33 -13.73 -2.59
CA ARG A 252 18.08 -14.97 -2.78
C ARG A 252 19.59 -14.74 -2.68
N GLY A 253 20.06 -13.60 -3.20
CA GLY A 253 21.49 -13.34 -3.16
C GLY A 253 21.98 -12.94 -1.78
N THR A 254 21.17 -12.23 -0.98
CA THR A 254 21.72 -11.61 0.25
C THR A 254 20.96 -11.99 1.54
N ASP A 255 19.70 -12.42 1.43
CA ASP A 255 18.87 -12.67 2.63
C ASP A 255 18.80 -11.47 3.59
N VAL A 256 18.78 -10.31 3.04
CA VAL A 256 18.83 -9.11 3.85
C VAL A 256 17.41 -8.68 4.17
N MET A 257 17.25 -8.09 5.36
CA MET A 257 15.97 -7.48 5.75
C MET A 257 15.76 -6.21 4.94
N LEU A 258 14.64 -6.13 4.22
CA LEU A 258 14.35 -4.95 3.43
C LEU A 258 13.61 -3.86 4.20
N SER A 259 12.74 -4.23 5.13
CA SER A 259 12.05 -3.25 5.98
C SER A 259 13.07 -2.49 6.80
N GLY A 260 13.03 -1.16 6.74
CA GLY A 260 14.02 -0.35 7.40
C GLY A 260 15.10 0.18 6.46
N LYS A 261 15.25 -0.41 5.29
CA LYS A 261 16.37 -0.06 4.43
C LYS A 261 15.93 0.98 3.43
N VAL A 262 16.88 1.82 3.02
CA VAL A 262 16.74 2.79 1.95
C VAL A 262 17.27 2.19 0.65
N ALA A 263 16.46 2.21 -0.40
CA ALA A 263 16.88 1.72 -1.70
C ALA A 263 16.87 2.87 -2.69
N MET A 264 17.76 2.76 -3.68
CA MET A 264 17.85 3.72 -4.77
C MET A 264 17.62 2.97 -6.08
N VAL A 265 16.73 3.47 -6.92
CA VAL A 265 16.48 2.89 -8.22
C VAL A 265 16.80 3.93 -9.26
N ALA A 266 17.65 3.57 -10.23
CA ALA A 266 17.92 4.52 -11.29
C ALA A 266 17.01 4.19 -12.44
N GLY A 267 16.19 5.16 -12.81
CA GLY A 267 15.25 4.99 -13.91
C GLY A 267 13.83 4.76 -13.44
N PHE A 268 12.86 5.38 -14.14
CA PHE A 268 11.46 5.18 -13.77
C PHE A 268 10.66 5.03 -15.04
N GLY A 269 11.22 4.27 -15.99
CA GLY A 269 10.49 3.70 -17.11
C GLY A 269 9.68 2.55 -16.57
N ASP A 270 9.29 1.61 -17.45
CA ASP A 270 8.46 0.51 -16.96
C ASP A 270 9.25 -0.38 -15.99
N VAL A 271 10.50 -0.69 -16.32
CA VAL A 271 11.30 -1.52 -15.43
C VAL A 271 11.57 -0.79 -14.12
N GLY A 272 11.93 0.49 -14.21
CA GLY A 272 12.20 1.25 -12.99
C GLY A 272 10.94 1.38 -12.13
N LYS A 273 9.79 1.62 -12.75
CA LYS A 273 8.54 1.62 -11.97
C LYS A 273 8.32 0.27 -11.27
N GLY A 274 8.53 -0.82 -11.98
CA GLY A 274 8.26 -2.11 -11.37
C GLY A 274 9.29 -2.41 -10.31
N SER A 275 10.54 -1.89 -10.48
CA SER A 275 11.61 -2.18 -9.52
C SER A 275 11.46 -1.35 -8.24
N ALA A 276 11.08 -0.09 -8.38
CA ALA A 276 10.80 0.70 -7.21
C ALA A 276 9.61 0.11 -6.43
N ALA A 277 8.53 -0.30 -7.14
CA ALA A 277 7.42 -0.94 -6.42
C ALA A 277 7.89 -2.18 -5.69
N SER A 278 8.77 -2.96 -6.34
CA SER A 278 9.26 -4.21 -5.76
C SER A 278 9.88 -3.94 -4.40
N LEU A 279 10.75 -2.95 -4.36
CA LEU A 279 11.45 -2.60 -3.13
C LEU A 279 10.54 -1.89 -2.15
N ARG A 280 9.73 -0.94 -2.63
CA ARG A 280 8.74 -0.37 -1.71
C ARG A 280 7.81 -1.44 -1.13
N GLN A 281 7.23 -2.27 -1.97
CA GLN A 281 6.29 -3.27 -1.43
C GLN A 281 6.95 -4.21 -0.43
N ALA A 282 8.26 -4.42 -0.55
CA ALA A 282 9.03 -5.22 0.40
C ALA A 282 9.38 -4.47 1.66
N GLY A 283 9.16 -3.17 1.73
CA GLY A 283 9.35 -2.41 2.99
C GLY A 283 10.47 -1.39 2.95
N CYS A 284 11.18 -1.28 1.84
CA CYS A 284 12.17 -0.23 1.74
C CYS A 284 11.54 1.15 1.57
N ARG A 285 12.28 2.14 2.03
CA ARG A 285 12.05 3.51 1.64
CA ARG A 285 12.06 3.52 1.64
C ARG A 285 12.85 3.76 0.35
N VAL A 286 12.15 4.04 -0.75
CA VAL A 286 12.75 3.98 -2.09
C VAL A 286 12.95 5.38 -2.66
N MET A 287 14.13 5.65 -3.15
CA MET A 287 14.35 6.87 -3.89
C MET A 287 14.64 6.49 -5.32
N VAL A 288 14.53 7.46 -6.22
CA VAL A 288 14.59 7.20 -7.66
C VAL A 288 15.42 8.28 -8.31
N SER A 289 16.18 7.94 -9.36
CA SER A 289 16.76 8.98 -10.22
C SER A 289 16.11 8.91 -11.59
N GLU A 290 16.03 10.06 -12.28
CA GLU A 290 15.48 10.06 -13.62
C GLU A 290 16.09 11.20 -14.39
N VAL A 291 16.09 11.07 -15.71
CA VAL A 291 16.48 12.18 -16.56
C VAL A 291 15.26 12.78 -17.27
N ASP A 292 14.15 12.06 -17.30
CA ASP A 292 13.01 12.44 -18.09
C ASP A 292 12.03 13.14 -17.16
N PRO A 293 11.70 14.41 -17.37
CA PRO A 293 10.91 15.14 -16.36
C PRO A 293 9.53 14.51 -16.14
N ILE A 294 8.95 13.91 -17.17
CA ILE A 294 7.63 13.29 -17.01
C ILE A 294 7.72 12.07 -16.10
N CYS A 295 8.70 11.17 -16.37
CA CYS A 295 8.89 10.05 -15.48
C CYS A 295 9.27 10.48 -14.07
N ALA A 296 10.15 11.51 -13.94
CA ALA A 296 10.47 12.04 -12.63
C ALA A 296 9.22 12.45 -11.87
N LEU A 297 8.33 13.21 -12.53
CA LEU A 297 7.13 13.68 -11.82
C LEU A 297 6.19 12.51 -11.46
N GLN A 298 6.10 11.49 -12.33
CA GLN A 298 5.40 10.27 -11.92
C GLN A 298 5.99 9.68 -10.65
N ALA A 299 7.31 9.49 -10.60
CA ALA A 299 7.92 8.96 -9.37
C ALA A 299 7.52 9.82 -8.15
N ALA A 300 7.61 11.14 -8.30
CA ALA A 300 7.28 12.00 -7.17
C ALA A 300 5.83 11.81 -6.75
N MET A 301 4.92 11.76 -7.73
CA MET A 301 3.50 11.65 -7.39
C MET A 301 3.16 10.28 -6.78
N GLU A 302 3.97 9.25 -7.03
CA GLU A 302 3.84 7.96 -6.34
C GLU A 302 4.55 7.94 -4.97
N GLY A 303 5.16 9.03 -4.56
CA GLY A 303 5.64 9.14 -3.19
C GLY A 303 7.09 8.76 -3.04
N TYR A 304 7.83 8.65 -4.14
CA TYR A 304 9.23 8.31 -4.11
C TYR A 304 10.00 9.64 -4.09
N GLU A 305 11.03 9.72 -3.27
CA GLU A 305 11.96 10.88 -3.32
C GLU A 305 12.87 10.80 -4.52
N VAL A 306 12.91 11.85 -5.36
CA VAL A 306 13.67 11.82 -6.62
C VAL A 306 14.95 12.63 -6.41
N VAL A 307 16.08 11.94 -6.50
CA VAL A 307 17.40 12.51 -6.18
C VAL A 307 18.40 12.07 -7.24
N THR A 308 19.62 12.62 -7.17
CA THR A 308 20.65 12.13 -8.06
C THR A 308 21.39 10.95 -7.42
N MET A 309 22.09 10.14 -8.25
CA MET A 309 22.94 9.07 -7.69
C MET A 309 23.97 9.64 -6.71
N GLU A 310 24.46 10.85 -6.96
CA GLU A 310 25.47 11.44 -6.09
C GLU A 310 24.91 11.69 -4.72
N ASP A 311 23.67 12.20 -4.66
CA ASP A 311 22.88 12.33 -3.44
C ASP A 311 22.69 10.98 -2.77
N ALA A 312 22.16 9.99 -3.50
CA ALA A 312 21.91 8.68 -2.89
C ALA A 312 23.17 7.87 -2.55
N ALA A 313 24.32 8.11 -3.23
CA ALA A 313 25.45 7.17 -3.09
C ALA A 313 25.84 6.96 -1.63
N PRO A 314 26.01 7.98 -0.79
CA PRO A 314 26.42 7.73 0.57
C PRO A 314 25.29 7.29 1.48
N ARG A 315 24.03 7.21 1.02
CA ARG A 315 23.02 6.90 2.02
C ARG A 315 22.14 5.66 1.79
N ALA A 316 21.96 5.17 0.57
CA ALA A 316 21.10 4.01 0.39
C ALA A 316 21.84 2.71 0.76
N ASP A 317 21.04 1.71 1.18
CA ASP A 317 21.50 0.35 1.50
C ASP A 317 21.56 -0.53 0.27
N ILE A 318 20.70 -0.23 -0.71
CA ILE A 318 20.50 -1.05 -1.90
C ILE A 318 20.47 -0.13 -3.11
N PHE A 319 21.20 -0.49 -4.17
CA PHE A 319 21.20 0.26 -5.44
C PHE A 319 20.82 -0.65 -6.61
N VAL A 320 19.88 -0.18 -7.42
CA VAL A 320 19.39 -0.92 -8.58
C VAL A 320 19.42 0.00 -9.79
N THR A 321 20.11 -0.42 -10.86
CA THR A 321 20.06 0.31 -12.11
C THR A 321 18.99 -0.27 -13.00
N ALA A 322 18.19 0.61 -13.57
CA ALA A 322 17.03 0.16 -14.33
C ALA A 322 16.85 1.05 -15.54
N THR A 323 17.96 1.55 -16.15
CA THR A 323 17.84 2.59 -17.17
C THR A 323 17.98 2.11 -18.62
N GLY A 324 18.64 0.98 -18.90
CA GLY A 324 18.99 0.79 -20.30
C GLY A 324 20.10 1.68 -20.80
N ASN A 325 20.76 2.47 -19.92
CA ASN A 325 21.82 3.43 -20.27
C ASN A 325 23.13 2.96 -19.64
N LYS A 326 24.21 3.70 -19.84
CA LYS A 326 25.46 3.24 -19.27
C LYS A 326 25.95 4.22 -18.23
N ASP A 327 26.89 3.73 -17.41
CA ASP A 327 27.68 4.61 -16.54
C ASP A 327 26.79 5.29 -15.51
N ILE A 328 25.85 4.52 -14.97
CA ILE A 328 24.84 5.03 -14.07
C ILE A 328 25.37 5.08 -12.65
N ILE A 329 25.95 3.96 -12.21
CA ILE A 329 26.67 3.83 -10.96
C ILE A 329 28.16 3.68 -11.32
N THR A 330 28.93 4.70 -10.96
CA THR A 330 30.33 4.77 -11.34
C THR A 330 31.21 4.39 -10.16
N ILE A 331 32.52 4.26 -10.43
CA ILE A 331 33.46 3.96 -9.36
C ILE A 331 33.39 5.02 -8.27
N GLU A 332 33.14 6.29 -8.64
CA GLU A 332 33.10 7.35 -7.63
C GLU A 332 31.87 7.18 -6.73
N HIS A 333 30.74 6.78 -7.32
CA HIS A 333 29.59 6.44 -6.49
C HIS A 333 29.92 5.30 -5.53
N MET A 334 30.52 4.22 -6.04
CA MET A 334 30.74 3.05 -5.18
C MET A 334 31.74 3.37 -4.08
N ARG A 335 32.68 4.26 -4.36
CA ARG A 335 33.59 4.72 -3.33
C ARG A 335 32.86 5.39 -2.20
N ALA A 336 31.68 5.97 -2.48
CA ALA A 336 31.05 6.81 -1.47
C ALA A 336 30.02 6.02 -0.69
N MET A 337 29.80 4.77 -1.08
CA MET A 337 28.71 3.98 -0.54
C MET A 337 29.06 3.50 0.87
N LYS A 338 28.04 3.35 1.71
CA LYS A 338 28.26 2.73 3.01
C LYS A 338 28.75 1.31 2.83
N ASP A 339 29.47 0.85 3.84
CA ASP A 339 29.96 -0.53 3.90
C ASP A 339 28.82 -1.52 3.80
N ARG A 340 29.03 -2.53 2.94
CA ARG A 340 28.11 -3.61 2.65
C ARG A 340 26.81 -3.16 2.00
N ALA A 341 26.84 -1.98 1.36
CA ALA A 341 25.77 -1.66 0.41
C ALA A 341 25.65 -2.75 -0.67
N ILE A 342 24.43 -2.97 -1.14
CA ILE A 342 24.13 -3.97 -2.17
C ILE A 342 23.93 -3.24 -3.46
N VAL A 343 24.58 -3.69 -4.53
CA VAL A 343 24.51 -3.02 -5.82
C VAL A 343 24.11 -4.07 -6.85
N CYS A 344 23.14 -3.72 -7.70
CA CYS A 344 22.70 -4.68 -8.70
C CYS A 344 22.08 -3.90 -9.86
N ASN A 345 21.80 -4.64 -10.93
CA ASN A 345 21.36 -4.13 -12.21
C ASN A 345 20.19 -4.99 -12.69
N ILE A 346 19.10 -4.37 -13.12
CA ILE A 346 18.04 -5.14 -13.75
C ILE A 346 17.73 -4.64 -15.17
N GLY A 347 18.53 -3.71 -15.70
CA GLY A 347 18.24 -3.16 -17.01
C GLY A 347 18.94 -3.89 -18.15
N HIS A 348 20.21 -3.60 -18.39
CA HIS A 348 20.83 -4.23 -19.53
C HIS A 348 22.32 -4.43 -19.33
N PHE A 349 22.85 -5.30 -20.19
CA PHE A 349 24.26 -5.57 -20.28
C PHE A 349 24.85 -5.59 -18.87
N ASP A 350 25.92 -4.87 -18.66
CA ASP A 350 26.59 -4.88 -17.36
C ASP A 350 27.39 -3.60 -17.24
N ASN A 351 27.04 -2.61 -18.06
CA ASN A 351 27.68 -1.31 -17.99
C ASN A 351 26.76 -0.24 -17.44
N GLU A 352 25.57 -0.59 -16.91
CA GLU A 352 24.89 0.41 -16.08
C GLU A 352 25.74 0.67 -14.86
N ILE A 353 26.37 -0.38 -14.36
CA ILE A 353 27.35 -0.27 -13.30
C ILE A 353 28.73 -0.41 -13.92
N GLN A 354 29.67 0.43 -13.51
CA GLN A 354 31.03 0.34 -14.04
C GLN A 354 31.75 -0.86 -13.41
N ILE A 355 31.33 -2.07 -13.77
CA ILE A 355 31.97 -3.28 -13.23
C ILE A 355 33.45 -3.34 -13.62
N ALA A 356 33.78 -2.89 -14.85
CA ALA A 356 35.16 -2.90 -15.34
C ALA A 356 36.06 -2.09 -14.43
N SER A 357 35.55 -1.00 -13.85
CA SER A 357 36.36 -0.17 -12.95
C SER A 357 36.68 -0.85 -11.60
N LEU A 358 36.01 -1.93 -11.25
CA LEU A 358 36.28 -2.68 -10.03
C LEU A 358 37.35 -3.77 -10.17
N ARG A 359 37.93 -3.99 -11.34
CA ARG A 359 38.68 -5.22 -11.48
C ARG A 359 40.12 -5.12 -10.97
N ASN A 360 40.51 -4.00 -10.35
CA ASN A 360 41.73 -3.95 -9.55
C ASN A 360 41.49 -4.19 -8.06
N LEU A 361 40.24 -4.35 -7.64
CA LEU A 361 39.93 -4.48 -6.22
C LEU A 361 39.82 -5.94 -5.86
N LYS A 362 39.90 -6.23 -4.57
CA LYS A 362 39.76 -7.59 -4.08
C LYS A 362 38.31 -8.00 -4.23
N TRP A 363 38.01 -8.96 -5.10
CA TRP A 363 36.68 -9.59 -5.10
C TRP A 363 36.74 -10.85 -4.25
N THR A 364 35.77 -11.03 -3.37
CA THR A 364 35.65 -12.28 -2.62
C THR A 364 34.30 -12.92 -2.95
N ASN A 365 34.34 -14.08 -3.61
CA ASN A 365 33.07 -14.70 -4.00
C ASN A 365 32.36 -15.29 -2.78
N ILE A 366 31.11 -14.91 -2.59
CA ILE A 366 30.35 -15.40 -1.46
C ILE A 366 29.69 -16.71 -1.87
N LYS A 367 28.91 -16.66 -2.95
CA LYS A 367 28.30 -17.85 -3.55
C LYS A 367 28.00 -17.51 -5.00
N PRO A 368 27.43 -18.41 -5.83
CA PRO A 368 27.26 -18.05 -7.24
C PRO A 368 26.47 -16.76 -7.37
N GLN A 369 27.02 -15.83 -8.15
CA GLN A 369 26.41 -14.55 -8.47
C GLN A 369 26.34 -13.60 -7.28
N VAL A 370 27.13 -13.85 -6.22
CA VAL A 370 27.22 -12.92 -5.09
C VAL A 370 28.69 -12.75 -4.74
N ASP A 371 29.18 -11.50 -4.82
CA ASP A 371 30.56 -11.17 -4.54
C ASP A 371 30.65 -10.04 -3.56
N GLU A 372 31.66 -10.11 -2.71
CA GLU A 372 32.02 -8.97 -1.89
C GLU A 372 33.27 -8.30 -2.49
N ILE A 373 33.16 -7.00 -2.74
CA ILE A 373 34.23 -6.22 -3.34
C ILE A 373 34.77 -5.31 -2.28
N GLU A 374 36.09 -5.35 -2.05
CA GLU A 374 36.62 -4.57 -0.97
C GLU A 374 37.48 -3.44 -1.52
N PHE A 375 37.26 -2.25 -1.00
CA PHE A 375 37.92 -1.04 -1.48
C PHE A 375 39.21 -0.83 -0.73
N PRO A 376 40.07 0.06 -1.24
CA PRO A 376 41.27 0.40 -0.49
C PRO A 376 40.98 0.81 0.95
N ASP A 377 39.95 1.61 1.17
CA ASP A 377 39.71 2.09 2.52
C ASP A 377 39.00 1.06 3.41
N LYS A 378 38.96 -0.21 3.02
CA LYS A 378 38.38 -1.33 3.79
C LYS A 378 36.86 -1.36 3.68
N HIS A 379 36.24 -0.33 3.09
CA HIS A 379 34.82 -0.35 2.81
C HIS A 379 34.54 -1.41 1.73
N ARG A 380 33.40 -2.11 1.86
CA ARG A 380 33.05 -3.17 0.93
C ARG A 380 31.67 -2.91 0.31
N ILE A 381 31.44 -3.52 -0.86
CA ILE A 381 30.08 -3.53 -1.38
C ILE A 381 29.73 -4.96 -1.76
N ILE A 382 28.45 -5.22 -1.82
CA ILE A 382 27.95 -6.53 -2.21
C ILE A 382 27.42 -6.41 -3.62
N MET A 383 28.06 -7.13 -4.55
CA MET A 383 27.69 -7.04 -5.96
C MET A 383 26.94 -8.31 -6.37
N LEU A 384 25.79 -8.15 -7.02
CA LEU A 384 24.99 -9.27 -7.49
C LEU A 384 25.19 -9.52 -8.99
N SER A 385 25.43 -10.79 -9.36
CA SER A 385 25.50 -11.26 -10.75
C SER A 385 26.50 -10.47 -11.57
N GLU A 386 27.54 -9.98 -10.90
CA GLU A 386 28.59 -9.25 -11.57
C GLU A 386 28.00 -8.12 -12.40
N GLY A 387 26.90 -7.56 -11.92
CA GLY A 387 26.32 -6.41 -12.60
C GLY A 387 25.41 -6.73 -13.75
N ARG A 388 25.08 -8.03 -13.98
CA ARG A 388 24.16 -8.45 -15.03
C ARG A 388 22.80 -8.72 -14.38
N LEU A 389 21.75 -8.82 -15.23
CA LEU A 389 20.36 -8.89 -14.76
C LEU A 389 20.16 -9.70 -13.47
N VAL A 390 19.83 -8.99 -12.37
CA VAL A 390 19.82 -9.60 -11.03
C VAL A 390 18.64 -10.56 -10.89
N ASN A 391 17.50 -10.23 -11.50
CA ASN A 391 16.32 -11.08 -11.30
C ASN A 391 16.53 -12.46 -11.88
N LEU A 392 17.20 -12.54 -13.04
CA LEU A 392 17.47 -13.82 -13.74
C LEU A 392 18.75 -14.47 -13.25
N GLY A 393 19.67 -13.68 -12.74
CA GLY A 393 20.96 -14.21 -12.38
C GLY A 393 20.93 -14.68 -10.96
N ASN A 394 20.31 -13.89 -10.07
CA ASN A 394 20.21 -14.35 -8.67
C ASN A 394 18.96 -15.10 -8.33
N ALA A 395 17.88 -14.98 -9.11
CA ALA A 395 16.68 -15.75 -8.77
C ALA A 395 16.19 -16.47 -10.00
N MET A 396 14.91 -16.42 -10.26
CA MET A 396 14.37 -17.21 -11.35
C MET A 396 13.71 -16.34 -12.41
N GLY A 397 14.09 -15.07 -12.49
CA GLY A 397 13.48 -14.17 -13.47
C GLY A 397 12.00 -13.92 -13.18
N HIS A 398 11.28 -13.41 -14.18
CA HIS A 398 9.86 -13.16 -13.93
C HIS A 398 9.13 -14.48 -13.73
N PRO A 399 8.00 -14.48 -13.03
CA PRO A 399 7.22 -15.72 -12.91
C PRO A 399 6.47 -16.02 -14.20
N SER A 400 6.02 -17.27 -14.29
CA SER A 400 5.43 -17.84 -15.52
C SER A 400 4.23 -17.05 -16.04
N PHE A 401 3.29 -16.66 -15.15
CA PHE A 401 2.02 -16.11 -15.64
C PHE A 401 2.26 -14.85 -16.45
N VAL A 402 3.17 -13.98 -16.01
CA VAL A 402 3.36 -12.77 -16.81
C VAL A 402 4.18 -13.05 -18.06
N MET A 403 5.11 -14.01 -18.00
CA MET A 403 5.81 -14.41 -19.20
C MET A 403 4.85 -15.06 -20.21
N SER A 404 3.76 -15.67 -19.74
CA SER A 404 2.75 -16.14 -20.70
C SER A 404 2.24 -15.01 -21.61
N ALA A 405 2.07 -13.82 -21.05
CA ALA A 405 1.67 -12.67 -21.86
C ALA A 405 2.76 -12.29 -22.86
N SER A 406 3.99 -12.09 -22.37
CA SER A 406 5.10 -11.79 -23.27
C SER A 406 5.23 -12.84 -24.38
N PHE A 407 5.21 -14.11 -23.99
CA PHE A 407 5.52 -15.17 -24.92
C PHE A 407 4.34 -15.48 -25.84
N THR A 408 3.10 -15.22 -25.41
CA THR A 408 2.03 -15.32 -26.37
C THR A 408 2.23 -14.29 -27.47
N ASN A 409 2.68 -13.09 -27.10
CA ASN A 409 2.95 -12.08 -28.11
C ASN A 409 4.05 -12.57 -29.06
N GLN A 410 5.10 -13.12 -28.49
CA GLN A 410 6.19 -13.68 -29.29
C GLN A 410 5.64 -14.67 -30.31
N THR A 411 4.77 -15.58 -29.86
CA THR A 411 4.31 -16.62 -30.76
C THR A 411 3.50 -16.03 -31.89
N LEU A 412 2.56 -15.13 -31.55
CA LEU A 412 1.79 -14.43 -32.56
C LEU A 412 2.69 -13.69 -33.55
N ALA A 413 3.74 -13.02 -33.05
CA ALA A 413 4.63 -12.29 -33.93
C ALA A 413 5.36 -13.24 -34.87
N GLN A 414 5.76 -14.42 -34.36
CA GLN A 414 6.42 -15.41 -35.21
C GLN A 414 5.48 -15.90 -36.30
N ILE A 415 4.22 -16.20 -35.93
CA ILE A 415 3.20 -16.53 -36.91
C ILE A 415 3.05 -15.40 -37.93
N GLU A 416 3.00 -14.13 -37.47
CA GLU A 416 2.77 -13.01 -38.39
C GLU A 416 3.87 -12.94 -39.44
N LEU A 417 5.15 -12.98 -39.02
CA LEU A 417 6.22 -12.82 -40.01
C LEU A 417 6.45 -14.10 -40.81
N PHE A 418 6.24 -15.27 -40.21
CA PHE A 418 6.53 -16.48 -40.96
C PHE A 418 5.40 -16.82 -41.92
N ALA A 419 4.14 -16.67 -41.47
CA ALA A 419 2.97 -17.20 -42.17
C ALA A 419 2.02 -16.13 -42.71
N ASN A 420 2.12 -14.88 -42.27
CA ASN A 420 1.20 -13.82 -42.69
C ASN A 420 1.94 -12.69 -43.41
N ASN A 421 2.86 -13.03 -44.26
CA ASN A 421 3.57 -11.99 -44.98
C ASN A 421 3.72 -12.32 -46.45
N LYS A 422 2.72 -13.00 -47.03
CA LYS A 422 2.79 -13.33 -48.46
C LYS A 422 2.61 -12.09 -49.34
N ASP A 423 1.78 -11.15 -48.89
CA ASP A 423 1.56 -9.87 -49.56
C ASP A 423 2.62 -8.82 -49.23
N SER A 424 3.64 -9.21 -48.44
CA SER A 424 4.74 -8.32 -48.05
C SER A 424 4.21 -7.14 -47.27
N LYS A 425 3.21 -7.41 -46.42
CA LYS A 425 2.72 -6.37 -45.53
C LYS A 425 3.82 -5.89 -44.62
N TYR A 426 4.77 -6.77 -44.25
CA TYR A 426 5.88 -6.40 -43.40
C TYR A 426 7.11 -6.21 -44.28
N ALA A 427 7.53 -4.94 -44.44
CA ALA A 427 8.74 -4.58 -45.15
C ALA A 427 9.94 -4.64 -44.21
N LYS A 428 11.08 -4.09 -44.62
CA LYS A 428 12.24 -4.12 -43.75
C LYS A 428 12.19 -2.96 -42.78
N LYS A 429 11.09 -2.84 -42.04
CA LYS A 429 10.84 -1.88 -40.96
C LYS A 429 10.48 -2.63 -39.66
N VAL A 430 10.27 -1.86 -38.58
CA VAL A 430 9.87 -2.39 -37.28
C VAL A 430 8.39 -2.11 -37.07
N TYR A 431 7.64 -3.16 -36.76
CA TYR A 431 6.19 -3.16 -36.59
C TYR A 431 5.84 -3.62 -35.18
N VAL A 432 4.59 -3.39 -34.79
CA VAL A 432 4.03 -3.94 -33.57
C VAL A 432 2.79 -4.70 -34.01
N LEU A 433 2.35 -5.62 -33.14
CA LEU A 433 1.15 -6.37 -33.47
C LEU A 433 -0.06 -5.44 -33.43
N PRO A 434 -1.10 -5.73 -34.21
CA PRO A 434 -2.33 -4.97 -34.12
C PRO A 434 -3.04 -5.07 -32.76
N LYS A 435 -3.83 -4.02 -32.45
CA LYS A 435 -4.43 -3.93 -31.13
C LYS A 435 -5.31 -5.12 -30.84
N THR A 436 -6.06 -5.59 -31.86
CA THR A 436 -6.95 -6.74 -31.65
C THR A 436 -6.17 -7.94 -31.18
N LEU A 437 -4.90 -8.11 -31.65
CA LEU A 437 -4.10 -9.23 -31.13
C LEU A 437 -3.65 -8.96 -29.71
N ASP A 438 -3.21 -7.71 -29.43
CA ASP A 438 -2.81 -7.34 -28.09
C ASP A 438 -3.96 -7.58 -27.12
N GLU A 439 -5.17 -7.14 -27.46
CA GLU A 439 -6.32 -7.45 -26.59
C GLU A 439 -6.55 -8.93 -26.48
N LYS A 440 -6.38 -9.67 -27.59
CA LYS A 440 -6.50 -11.11 -27.56
C LYS A 440 -5.56 -11.71 -26.53
N VAL A 441 -4.26 -11.30 -26.51
CA VAL A 441 -3.33 -11.77 -25.48
C VAL A 441 -3.93 -11.58 -24.07
N ALA A 442 -4.40 -10.38 -23.79
CA ALA A 442 -5.05 -10.11 -22.47
C ALA A 442 -6.23 -11.06 -22.21
N ARG A 443 -7.14 -11.19 -23.19
CA ARG A 443 -8.30 -12.06 -23.02
C ARG A 443 -7.92 -13.49 -22.63
N LEU A 444 -6.82 -14.02 -23.19
CA LEU A 444 -6.41 -15.40 -22.92
C LEU A 444 -6.03 -15.64 -21.48
N HIS A 445 -5.65 -14.59 -20.75
CA HIS A 445 -5.18 -14.67 -19.36
C HIS A 445 -6.24 -14.32 -18.32
N LEU A 446 -7.44 -13.89 -18.75
CA LEU A 446 -8.46 -13.41 -17.80
C LEU A 446 -9.06 -14.53 -16.97
N ALA A 447 -9.47 -15.65 -17.60
CA ALA A 447 -10.24 -16.65 -16.85
C ALA A 447 -9.39 -17.32 -15.78
N LYS A 448 -8.12 -17.54 -16.08
CA LYS A 448 -7.21 -18.20 -15.12
C LYS A 448 -7.14 -17.45 -13.77
N ILE A 449 -7.16 -16.13 -13.81
CA ILE A 449 -7.16 -15.35 -12.57
C ILE A 449 -8.56 -14.86 -12.23
N GLY A 450 -9.57 -15.51 -12.77
CA GLY A 450 -10.90 -15.26 -12.22
C GLY A 450 -11.49 -13.91 -12.59
N VAL A 451 -10.99 -13.26 -13.62
CA VAL A 451 -11.56 -12.01 -14.06
C VAL A 451 -12.83 -12.31 -14.84
N LYS A 452 -13.88 -11.57 -14.55
CA LYS A 452 -15.08 -11.59 -15.40
C LYS A 452 -15.16 -10.26 -16.15
N LEU A 453 -15.07 -10.32 -17.45
CA LEU A 453 -15.14 -9.17 -18.33
C LEU A 453 -16.60 -8.78 -18.56
N THR A 454 -16.88 -7.49 -18.58
CA THR A 454 -18.19 -6.99 -19.03
C THR A 454 -18.24 -6.98 -20.54
N GLU A 455 -19.45 -7.25 -21.10
CA GLU A 455 -19.70 -7.07 -22.52
C GLU A 455 -20.48 -5.79 -22.76
N LEU A 456 -19.96 -4.92 -23.62
CA LEU A 456 -20.71 -3.73 -24.02
C LEU A 456 -22.05 -4.14 -24.51
N ARG A 457 -23.11 -3.47 -24.04
CA ARG A 457 -24.36 -3.57 -24.78
C ARG A 457 -24.20 -2.90 -26.12
N LYS A 458 -25.01 -3.32 -27.09
CA LYS A 458 -24.90 -2.72 -28.42
C LYS A 458 -24.94 -1.19 -28.37
N ASP A 459 -25.91 -0.64 -27.63
CA ASP A 459 -26.08 0.81 -27.51
C ASP A 459 -24.84 1.49 -26.94
N GLN A 460 -24.25 0.84 -25.91
CA GLN A 460 -23.09 1.38 -25.22
C GLN A 460 -21.90 1.35 -26.11
N ALA A 461 -21.81 0.27 -26.89
CA ALA A 461 -20.73 0.17 -27.87
C ALA A 461 -20.84 1.32 -28.86
N ASP A 462 -22.07 1.57 -29.39
CA ASP A 462 -22.24 2.66 -30.34
C ASP A 462 -21.96 4.00 -29.66
N TYR A 463 -22.25 4.09 -28.37
CA TYR A 463 -22.15 5.35 -27.66
C TYR A 463 -20.71 5.84 -27.58
N ILE A 464 -19.77 4.93 -27.30
CA ILE A 464 -18.36 5.31 -27.22
C ILE A 464 -17.62 5.11 -28.54
N GLY A 465 -18.27 4.60 -29.58
CA GLY A 465 -17.62 4.54 -30.88
C GLY A 465 -16.72 3.35 -31.08
N VAL A 466 -17.12 2.17 -30.62
CA VAL A 466 -16.27 0.99 -30.71
C VAL A 466 -17.19 -0.17 -31.01
N LYS A 467 -16.61 -1.22 -31.59
CA LYS A 467 -17.34 -2.46 -31.74
C LYS A 467 -17.39 -3.19 -30.42
N GLN A 468 -18.46 -3.95 -30.22
CA GLN A 468 -18.52 -4.80 -29.04
C GLN A 468 -17.31 -5.71 -28.88
N GLU A 469 -16.73 -6.17 -30.00
CA GLU A 469 -15.63 -7.12 -29.94
C GLU A 469 -14.30 -6.43 -29.85
N GLY A 470 -14.31 -5.10 -29.70
CA GLY A 470 -13.10 -4.31 -29.72
C GLY A 470 -12.58 -4.19 -31.12
N PRO A 471 -11.45 -3.48 -31.29
CA PRO A 471 -10.58 -2.90 -30.27
C PRO A 471 -11.25 -1.73 -29.50
N TYR A 472 -10.94 -1.60 -28.22
CA TYR A 472 -11.64 -0.68 -27.35
C TYR A 472 -10.97 0.67 -27.24
N LYS A 473 -9.75 0.82 -27.72
CA LYS A 473 -8.97 2.04 -27.51
C LYS A 473 -8.33 2.49 -28.82
N SER A 474 -8.11 3.80 -28.96
CA SER A 474 -7.33 4.26 -30.11
C SER A 474 -5.93 3.66 -30.08
N ASP A 475 -5.26 3.64 -31.24
CA ASP A 475 -3.88 3.16 -31.30
C ASP A 475 -2.94 3.96 -30.42
N HIS A 476 -3.32 5.22 -30.12
CA HIS A 476 -2.62 6.25 -29.32
CA HIS A 476 -2.46 6.10 -29.31
C HIS A 476 -2.75 6.02 -27.82
N TYR A 477 -3.69 5.17 -27.38
CA TYR A 477 -4.00 5.07 -25.96
C TYR A 477 -2.78 4.56 -25.19
N ARG A 478 -2.55 5.15 -24.03
CA ARG A 478 -1.36 4.77 -23.27
C ARG A 478 -1.62 3.84 -22.12
N TYR A 479 -2.87 3.51 -21.81
CA TYR A 479 -3.14 2.67 -20.63
C TYR A 479 -2.40 3.10 -19.35
N GLY B 12 -17.26 49.48 -12.52
CA GLY B 12 -18.72 49.52 -12.51
C GLY B 12 -19.40 48.34 -13.19
N PHE B 13 -18.84 47.15 -12.96
CA PHE B 13 -19.24 45.94 -13.68
C PHE B 13 -20.54 45.35 -13.13
N THR B 14 -21.44 44.91 -14.04
CA THR B 14 -22.48 43.93 -13.72
C THR B 14 -22.65 42.92 -14.84
N ASP B 15 -21.61 42.68 -15.63
CA ASP B 15 -21.63 41.67 -16.66
C ASP B 15 -21.06 40.38 -16.10
N TYR B 16 -21.78 39.86 -15.12
CA TYR B 16 -21.47 38.58 -14.52
C TYR B 16 -22.72 38.07 -13.81
N ILE B 17 -22.69 36.81 -13.44
CA ILE B 17 -23.70 36.26 -12.54
C ILE B 17 -22.95 35.35 -11.60
N VAL B 18 -22.96 35.68 -10.31
CA VAL B 18 -22.37 34.81 -9.30
C VAL B 18 -23.30 34.81 -8.09
N LYS B 19 -23.18 33.74 -7.29
CA LYS B 19 -24.09 33.53 -6.17
C LYS B 19 -23.95 34.59 -5.09
N ASP B 20 -22.73 34.87 -4.63
CA ASP B 20 -22.56 35.85 -3.54
C ASP B 20 -21.26 36.56 -3.82
N ILE B 21 -21.37 37.77 -4.34
CA ILE B 21 -20.17 38.53 -4.68
C ILE B 21 -19.38 38.93 -3.42
N ALA B 22 -20.01 38.91 -2.26
CA ALA B 22 -19.30 39.16 -1.00
C ALA B 22 -18.29 38.08 -0.65
N LEU B 23 -18.29 36.94 -1.33
CA LEU B 23 -17.27 35.91 -1.13
C LEU B 23 -15.95 36.21 -1.85
N ALA B 24 -15.83 37.37 -2.49
CA ALA B 24 -14.67 37.68 -3.32
C ALA B 24 -13.40 37.72 -2.49
N ASP B 25 -13.45 38.34 -1.31
CA ASP B 25 -12.24 38.38 -0.48
C ASP B 25 -11.79 36.99 -0.10
N PHE B 26 -12.72 36.11 0.24
CA PHE B 26 -12.38 34.74 0.58
C PHE B 26 -11.85 33.98 -0.64
N GLY B 27 -12.40 34.24 -1.83
CA GLY B 27 -11.89 33.56 -3.00
C GLY B 27 -10.49 34.03 -3.33
N ARG B 28 -10.26 35.33 -3.16
CA ARG B 28 -8.93 35.88 -3.36
C ARG B 28 -7.93 35.25 -2.40
N LYS B 29 -8.32 35.00 -1.15
CA LYS B 29 -7.37 34.37 -0.22
C LYS B 29 -7.04 32.94 -0.63
N GLU B 30 -8.03 32.20 -1.09
CA GLU B 30 -7.72 30.84 -1.51
C GLU B 30 -7.04 30.82 -2.88
N ILE B 31 -7.33 31.79 -3.75
CA ILE B 31 -6.56 31.93 -4.98
C ILE B 31 -5.09 32.17 -4.67
N SER B 32 -4.81 33.06 -3.73
CA SER B 32 -3.43 33.30 -3.34
C SER B 32 -2.77 32.02 -2.91
N LEU B 33 -3.45 31.26 -2.06
CA LEU B 33 -2.90 30.00 -1.58
C LEU B 33 -2.66 29.03 -2.75
N ALA B 34 -3.60 28.98 -3.69
CA ALA B 34 -3.43 28.08 -4.81
C ALA B 34 -2.27 28.50 -5.70
N GLU B 35 -1.98 29.81 -5.80
CA GLU B 35 -0.90 30.23 -6.67
C GLU B 35 0.40 29.60 -6.24
N THR B 36 0.61 29.48 -4.91
CA THR B 36 1.81 28.83 -4.36
C THR B 36 1.86 27.36 -4.75
N GLU B 37 0.69 26.76 -4.90
CA GLU B 37 0.56 25.36 -5.23
C GLU B 37 0.53 25.12 -6.73
N MET B 38 0.63 26.16 -7.57
CA MET B 38 0.53 25.93 -9.00
C MET B 38 1.76 26.48 -9.72
N PRO B 39 2.94 25.88 -9.49
CA PRO B 39 4.18 26.43 -10.02
C PRO B 39 4.13 26.53 -11.52
N GLY B 40 3.49 25.58 -12.21
CA GLY B 40 3.57 25.54 -13.66
C GLY B 40 2.78 26.64 -14.29
N LEU B 41 1.58 26.90 -13.78
CA LEU B 41 0.80 28.04 -14.23
C LEU B 41 1.52 29.33 -13.95
N MET B 42 2.06 29.46 -12.73
CA MET B 42 2.73 30.71 -12.40
C MET B 42 3.98 30.92 -13.24
N ALA B 43 4.76 29.84 -13.53
CA ALA B 43 5.94 30.04 -14.36
C ALA B 43 5.53 30.34 -15.80
N THR B 44 4.39 29.79 -16.27
CA THR B 44 3.85 30.18 -17.57
C THR B 44 3.46 31.65 -17.61
N ARG B 45 2.81 32.15 -16.56
CA ARG B 45 2.54 33.57 -16.46
C ARG B 45 3.81 34.37 -16.65
N GLU B 46 4.82 34.04 -15.84
CA GLU B 46 6.11 34.73 -15.79
C GLU B 46 6.84 34.71 -17.13
N GLU B 47 6.82 33.56 -17.80
CA GLU B 47 7.58 33.45 -19.04
C GLU B 47 6.84 34.09 -20.20
N TYR B 48 5.53 33.85 -20.37
CA TYR B 48 4.86 34.40 -21.55
C TYR B 48 4.22 35.75 -21.34
N GLY B 49 3.98 36.12 -20.08
CA GLY B 49 3.37 37.39 -19.75
C GLY B 49 3.97 38.50 -20.57
N PRO B 50 5.31 38.69 -20.49
CA PRO B 50 5.93 39.78 -21.31
C PRO B 50 5.81 39.55 -22.81
N LYS B 51 5.61 38.31 -23.26
CA LYS B 51 5.38 38.07 -24.69
C LYS B 51 3.96 38.47 -25.10
N GLN B 52 2.99 38.40 -24.18
CA GLN B 52 1.59 38.74 -24.49
C GLN B 52 1.09 37.95 -25.68
N PRO B 53 1.37 36.63 -25.72
CA PRO B 53 1.00 35.85 -26.90
C PRO B 53 -0.51 35.79 -27.13
N LEU B 54 -1.30 36.08 -26.11
CA LEU B 54 -2.76 36.07 -26.23
C LEU B 54 -3.35 37.45 -26.37
N LYS B 55 -2.53 38.50 -26.63
CA LYS B 55 -3.05 39.84 -26.89
C LYS B 55 -3.89 39.82 -28.17
N GLY B 56 -5.15 40.25 -28.05
CA GLY B 56 -6.10 40.17 -29.14
C GLY B 56 -6.94 38.90 -29.09
N ALA B 57 -6.63 37.99 -28.19
CA ALA B 57 -7.48 36.83 -28.04
C ALA B 57 -8.72 37.19 -27.24
N ARG B 58 -9.84 36.55 -27.58
CA ARG B 58 -11.08 36.65 -26.84
C ARG B 58 -11.56 35.24 -26.58
N ILE B 59 -11.27 34.81 -25.37
CA ILE B 59 -11.40 33.41 -25.00
C ILE B 59 -12.75 33.20 -24.32
N ALA B 60 -13.57 32.35 -24.92
CA ALA B 60 -14.80 31.87 -24.27
C ALA B 60 -14.41 30.58 -23.55
N GLY B 61 -14.43 30.59 -22.22
CA GLY B 61 -14.04 29.39 -21.44
C GLY B 61 -15.28 28.75 -20.84
N SER B 62 -15.39 27.42 -21.02
CA SER B 62 -16.44 26.65 -20.37
C SER B 62 -15.78 25.53 -19.57
N LEU B 63 -15.56 25.77 -18.27
CA LEU B 63 -14.75 24.89 -17.44
C LEU B 63 -14.98 25.18 -15.97
N HIS B 64 -15.18 24.11 -15.19
CA HIS B 64 -15.52 24.17 -13.75
C HIS B 64 -14.96 25.40 -13.08
N MET B 65 -15.83 26.29 -12.58
CA MET B 65 -15.36 27.57 -12.03
C MET B 65 -14.89 27.38 -10.58
N THR B 66 -13.75 26.70 -10.44
CA THR B 66 -13.09 26.41 -9.18
C THR B 66 -11.99 27.43 -8.87
N ILE B 67 -11.42 27.37 -7.64
CA ILE B 67 -10.21 28.17 -7.35
C ILE B 67 -9.11 27.91 -8.39
N GLN B 68 -8.94 26.65 -8.79
CA GLN B 68 -7.84 26.33 -9.72
C GLN B 68 -8.11 26.97 -11.06
N THR B 69 -9.38 26.97 -11.47
CA THR B 69 -9.72 27.62 -12.71
C THR B 69 -9.55 29.12 -12.63
N ALA B 70 -9.71 29.71 -11.45
CA ALA B 70 -9.46 31.15 -11.33
C ALA B 70 -8.00 31.47 -11.61
N VAL B 71 -7.07 30.62 -11.15
CA VAL B 71 -5.66 30.88 -11.43
C VAL B 71 -5.39 30.71 -12.94
N LEU B 72 -6.10 29.77 -13.62
CA LEU B 72 -5.97 29.65 -15.06
C LEU B 72 -6.47 30.91 -15.77
N ILE B 73 -7.64 31.41 -15.33
CA ILE B 73 -8.25 32.57 -15.98
C ILE B 73 -7.34 33.77 -15.84
N GLU B 74 -6.79 33.99 -14.66
CA GLU B 74 -5.90 35.14 -14.50
C GLU B 74 -4.54 34.94 -15.20
N THR B 75 -4.13 33.70 -15.40
CA THR B 75 -2.96 33.45 -16.24
C THR B 75 -3.24 33.87 -17.66
N LEU B 76 -4.38 33.41 -18.18
CA LEU B 76 -4.74 33.79 -19.54
C LEU B 76 -4.82 35.30 -19.68
N ALA B 77 -5.45 35.98 -18.70
CA ALA B 77 -5.52 37.45 -18.79
C ALA B 77 -4.11 38.06 -18.75
N ALA B 78 -3.24 37.56 -17.88
CA ALA B 78 -1.85 38.02 -17.79
C ALA B 78 -1.08 37.81 -19.08
N LEU B 79 -1.52 36.92 -19.95
CA LEU B 79 -0.85 36.77 -21.25
C LEU B 79 -1.50 37.61 -22.31
N GLY B 80 -2.48 38.43 -21.94
CA GLY B 80 -3.13 39.39 -22.81
C GLY B 80 -4.54 39.05 -23.25
N ALA B 81 -5.13 37.94 -22.79
CA ALA B 81 -6.44 37.52 -23.29
C ALA B 81 -7.55 38.38 -22.71
N ASP B 82 -8.52 38.68 -23.56
CA ASP B 82 -9.83 39.06 -23.08
C ASP B 82 -10.68 37.79 -22.90
N ILE B 83 -11.52 37.76 -21.87
CA ILE B 83 -12.07 36.52 -21.33
C ILE B 83 -13.53 36.70 -20.97
N ARG B 84 -14.36 35.69 -21.31
CA ARG B 84 -15.65 35.45 -20.65
C ARG B 84 -15.70 34.00 -20.25
N TRP B 85 -16.37 33.69 -19.14
CA TRP B 85 -16.25 32.35 -18.60
C TRP B 85 -17.57 31.80 -18.06
N VAL B 86 -17.75 30.48 -18.16
CA VAL B 86 -18.82 29.80 -17.42
C VAL B 86 -18.27 28.50 -16.84
N SER B 87 -19.01 27.89 -15.91
CA SER B 87 -18.66 26.55 -15.47
C SER B 87 -19.21 25.56 -16.47
N CYS B 88 -18.53 24.41 -16.61
CA CYS B 88 -19.03 23.40 -17.53
C CYS B 88 -19.88 22.34 -16.81
N ASN B 89 -20.16 22.52 -15.51
CA ASN B 89 -21.01 21.60 -14.74
C ASN B 89 -21.81 22.40 -13.72
N ILE B 90 -23.03 21.94 -13.43
CA ILE B 90 -23.93 22.78 -12.64
C ILE B 90 -23.61 22.76 -11.15
N TYR B 91 -22.90 21.73 -10.66
CA TYR B 91 -22.53 21.65 -9.23
C TYR B 91 -21.06 21.92 -8.90
N SER B 92 -20.25 22.21 -9.89
CA SER B 92 -18.81 22.19 -9.68
C SER B 92 -18.26 23.57 -9.38
N THR B 93 -19.03 24.64 -9.62
CA THR B 93 -18.54 25.97 -9.28
C THR B 93 -18.22 26.06 -7.80
N GLN B 94 -17.17 26.77 -7.48
CA GLN B 94 -16.85 27.14 -6.11
C GLN B 94 -17.20 28.62 -6.03
N ASP B 95 -18.27 28.92 -5.28
CA ASP B 95 -18.83 30.26 -5.36
C ASP B 95 -17.82 31.34 -4.98
N HIS B 96 -16.89 31.08 -4.06
CA HIS B 96 -15.92 32.14 -3.77
C HIS B 96 -14.94 32.35 -4.92
N ALA B 97 -14.67 31.31 -5.72
CA ALA B 97 -13.76 31.54 -6.85
C ALA B 97 -14.45 32.35 -7.94
N ALA B 98 -15.75 32.09 -8.14
CA ALA B 98 -16.52 32.85 -9.10
C ALA B 98 -16.57 34.31 -8.67
N ALA B 99 -16.86 34.55 -7.38
CA ALA B 99 -16.97 35.94 -6.90
C ALA B 99 -15.66 36.71 -7.10
N ALA B 100 -14.52 36.02 -6.87
CA ALA B 100 -13.21 36.66 -7.00
C ALA B 100 -12.92 37.04 -8.44
N ILE B 101 -13.32 36.19 -9.41
CA ILE B 101 -13.09 36.48 -10.83
C ILE B 101 -14.03 37.60 -11.31
N ALA B 102 -15.29 37.56 -10.85
CA ALA B 102 -16.20 38.67 -11.13
C ALA B 102 -15.65 39.95 -10.57
N ALA B 103 -15.14 39.89 -9.34
CA ALA B 103 -14.67 41.11 -8.69
C ALA B 103 -13.38 41.67 -9.33
N ALA B 104 -12.62 40.86 -10.07
CA ALA B 104 -11.44 41.23 -10.85
C ALA B 104 -11.83 41.85 -12.16
N GLY B 105 -13.12 41.89 -12.44
CA GLY B 105 -13.64 42.50 -13.62
C GLY B 105 -13.85 41.58 -14.82
N ILE B 106 -13.87 40.27 -14.63
CA ILE B 106 -13.94 39.36 -15.78
C ILE B 106 -15.35 38.78 -15.81
N PRO B 107 -16.06 38.87 -16.95
CA PRO B 107 -17.40 38.28 -17.04
C PRO B 107 -17.39 36.79 -16.76
N VAL B 108 -18.14 36.39 -15.74
CA VAL B 108 -18.21 34.99 -15.38
C VAL B 108 -19.64 34.72 -14.93
N PHE B 109 -20.23 33.63 -15.42
CA PHE B 109 -21.64 33.25 -15.20
C PHE B 109 -21.60 31.86 -14.64
N ALA B 110 -21.59 31.74 -13.31
CA ALA B 110 -21.34 30.43 -12.69
C ALA B 110 -21.83 30.44 -11.25
N VAL B 111 -22.69 29.49 -10.93
CA VAL B 111 -23.24 29.39 -9.59
C VAL B 111 -23.25 27.93 -9.20
N LYS B 112 -22.85 27.62 -7.96
CA LYS B 112 -22.95 26.23 -7.51
C LYS B 112 -24.43 25.88 -7.32
N GLY B 113 -24.95 24.94 -8.09
CA GLY B 113 -26.36 24.60 -8.00
C GLY B 113 -27.21 25.28 -9.04
N GLU B 114 -26.60 25.94 -10.04
CA GLU B 114 -27.41 26.51 -11.12
C GLU B 114 -28.20 25.39 -11.77
N THR B 115 -29.33 25.72 -12.37
CA THR B 115 -30.08 24.67 -13.03
C THR B 115 -29.57 24.47 -14.46
N LEU B 116 -30.05 23.39 -15.08
CA LEU B 116 -29.71 23.10 -16.48
C LEU B 116 -30.18 24.19 -17.42
N THR B 117 -31.39 24.72 -17.18
CA THR B 117 -31.84 25.92 -17.90
C THR B 117 -30.85 27.10 -17.77
N GLU B 118 -30.50 27.47 -16.54
CA GLU B 118 -29.50 28.53 -16.36
C GLU B 118 -28.19 28.14 -17.03
N TYR B 119 -27.74 26.92 -16.77
CA TYR B 119 -26.50 26.43 -17.34
C TYR B 119 -26.38 26.80 -18.82
N TRP B 120 -27.42 26.48 -19.58
CA TRP B 120 -27.33 26.73 -21.02
C TRP B 120 -27.50 28.19 -21.38
N ASP B 121 -28.36 28.93 -20.66
CA ASP B 121 -28.42 30.39 -20.82
C ASP B 121 -27.05 31.02 -20.56
N TYR B 122 -26.31 30.50 -19.58
CA TYR B 122 -25.03 31.11 -19.29
C TYR B 122 -24.03 30.80 -20.39
N THR B 123 -24.03 29.57 -20.90
CA THR B 123 -23.12 29.25 -21.99
C THR B 123 -23.35 30.21 -23.14
N ALA B 124 -24.62 30.55 -23.42
CA ALA B 124 -24.85 31.46 -24.53
C ALA B 124 -24.25 32.83 -24.28
N LYS B 125 -24.13 33.23 -23.01
CA LYS B 125 -23.58 34.54 -22.69
C LYS B 125 -22.09 34.64 -23.04
N LEU B 126 -21.40 33.50 -23.14
CA LEU B 126 -20.03 33.53 -23.64
C LEU B 126 -19.92 34.28 -24.96
N PHE B 127 -20.93 34.11 -25.84
CA PHE B 127 -20.78 34.45 -27.26
C PHE B 127 -21.22 35.85 -27.61
N ASP B 128 -21.92 36.51 -26.70
CA ASP B 128 -22.20 37.96 -26.77
C ASP B 128 -21.04 38.70 -26.15
N TRP B 129 -20.01 38.96 -26.95
CA TRP B 129 -18.81 39.53 -26.37
C TRP B 129 -19.05 40.96 -25.89
N HIS B 130 -18.49 41.30 -24.74
CA HIS B 130 -18.66 42.65 -24.21
C HIS B 130 -18.03 43.63 -25.18
N GLY B 131 -18.75 44.70 -25.43
CA GLY B 131 -18.37 45.65 -26.45
C GLY B 131 -18.69 45.20 -27.84
N GLY B 132 -19.35 44.06 -28.01
CA GLY B 132 -19.82 43.62 -29.30
C GLY B 132 -18.94 42.54 -29.85
N GLY B 133 -19.46 41.83 -30.83
CA GLY B 133 -18.69 40.78 -31.47
C GLY B 133 -18.83 39.45 -30.78
N THR B 134 -17.96 38.53 -31.19
CA THR B 134 -18.01 37.15 -30.78
C THR B 134 -16.66 36.88 -30.14
N PRO B 135 -16.46 35.74 -29.49
CA PRO B 135 -15.09 35.36 -29.08
C PRO B 135 -14.25 34.96 -30.29
N ASN B 136 -12.97 34.64 -30.10
CA ASN B 136 -12.19 34.06 -31.21
C ASN B 136 -11.38 32.85 -30.77
N MET B 137 -11.54 32.43 -29.52
CA MET B 137 -11.03 31.16 -29.06
C MET B 137 -12.05 30.54 -28.16
N ILE B 138 -11.96 29.23 -28.03
CA ILE B 138 -12.74 28.50 -27.05
C ILE B 138 -11.78 27.63 -26.25
N LEU B 139 -11.91 27.72 -24.93
CA LEU B 139 -11.27 26.80 -23.98
C LEU B 139 -12.41 26.02 -23.32
N ASP B 140 -12.46 24.72 -23.55
CA ASP B 140 -13.65 23.94 -23.28
C ASP B 140 -13.32 22.72 -22.43
N ASP B 141 -14.36 22.21 -21.75
CA ASP B 141 -14.17 21.05 -20.90
C ASP B 141 -15.46 20.24 -21.01
N GLY B 142 -15.40 19.17 -21.76
CA GLY B 142 -16.59 18.41 -22.02
C GLY B 142 -17.30 18.84 -23.27
N GLY B 143 -16.89 19.93 -23.91
CA GLY B 143 -17.35 20.15 -25.25
C GLY B 143 -18.65 20.93 -25.38
N ASP B 144 -19.20 21.49 -24.29
CA ASP B 144 -20.55 22.09 -24.40
C ASP B 144 -20.53 23.42 -25.16
N ALA B 145 -19.53 24.27 -24.94
CA ALA B 145 -19.52 25.49 -25.73
C ALA B 145 -19.28 25.15 -27.21
N THR B 146 -18.35 24.25 -27.48
CA THR B 146 -18.13 23.82 -28.85
C THR B 146 -19.42 23.31 -29.48
N MET B 147 -20.18 22.48 -28.73
CA MET B 147 -21.37 21.88 -29.27
C MET B 147 -22.41 22.93 -29.62
N LEU B 148 -22.54 23.96 -28.79
CA LEU B 148 -23.52 25.02 -29.08
C LEU B 148 -23.25 25.69 -30.43
N VAL B 149 -21.96 26.04 -30.69
CA VAL B 149 -21.59 26.67 -31.96
C VAL B 149 -21.94 25.76 -33.12
N HIS B 150 -21.68 24.47 -32.94
CA HIS B 150 -21.82 23.52 -34.05
C HIS B 150 -23.28 23.27 -34.34
N ALA B 151 -24.08 23.13 -33.28
CA ALA B 151 -25.50 22.88 -33.42
C ALA B 151 -26.21 24.08 -34.03
N GLY B 152 -25.94 25.29 -33.52
CA GLY B 152 -26.57 26.46 -34.11
C GLY B 152 -26.14 26.65 -35.55
N TYR B 153 -24.85 26.36 -35.83
CA TYR B 153 -24.36 26.53 -37.21
C TYR B 153 -25.01 25.52 -38.18
N ARG B 154 -25.13 24.27 -37.76
CA ARG B 154 -25.82 23.29 -38.57
C ARG B 154 -27.30 23.66 -38.79
N ALA B 155 -28.04 23.96 -37.72
CA ALA B 155 -29.44 24.37 -37.91
C ALA B 155 -29.51 25.64 -38.73
N GLU B 156 -28.56 26.54 -38.47
CA GLU B 156 -28.53 27.86 -39.08
C GLU B 156 -28.50 27.78 -40.58
N GLN B 157 -27.73 26.84 -41.13
CA GLN B 157 -27.70 26.83 -42.58
C GLN B 157 -28.84 25.98 -43.16
N GLY B 158 -29.52 25.16 -42.36
CA GLY B 158 -30.84 24.72 -42.77
C GLY B 158 -31.44 23.53 -42.04
N ASP B 159 -30.61 22.58 -41.61
CA ASP B 159 -31.07 21.32 -41.04
C ASP B 159 -31.53 21.62 -39.62
N THR B 160 -32.78 22.03 -39.50
CA THR B 160 -33.36 22.33 -38.20
C THR B 160 -34.06 21.14 -37.58
N ALA B 161 -34.25 20.05 -38.33
CA ALA B 161 -35.15 18.99 -37.89
C ALA B 161 -34.63 18.28 -36.65
N PHE B 162 -33.30 18.19 -36.49
CA PHE B 162 -32.76 17.55 -35.30
C PHE B 162 -33.17 18.28 -34.02
N LEU B 163 -33.45 19.59 -34.09
CA LEU B 163 -33.77 20.36 -32.89
C LEU B 163 -35.14 19.98 -32.31
N ASP B 164 -35.98 19.34 -33.09
CA ASP B 164 -37.27 18.85 -32.60
C ASP B 164 -37.22 17.43 -32.06
N LYS B 165 -36.04 16.84 -32.01
CA LYS B 165 -35.88 15.46 -31.60
C LYS B 165 -35.01 15.19 -30.40
N PRO B 166 -35.26 15.87 -29.31
CA PRO B 166 -34.38 15.68 -28.14
C PRO B 166 -34.55 14.31 -27.50
N GLY B 167 -33.45 13.72 -27.04
CA GLY B 167 -33.54 12.40 -26.44
C GLY B 167 -33.38 12.35 -24.93
N SER B 168 -33.23 13.53 -24.30
CA SER B 168 -33.16 13.69 -22.85
C SER B 168 -33.67 15.08 -22.50
N GLU B 169 -33.88 15.34 -21.20
CA GLU B 169 -34.40 16.66 -20.84
C GLU B 169 -33.35 17.73 -21.04
N GLU B 170 -32.09 17.42 -20.73
CA GLU B 170 -31.03 18.39 -21.01
C GLU B 170 -30.94 18.71 -22.51
N GLU B 171 -31.08 17.70 -23.38
CA GLU B 171 -31.09 17.94 -24.82
C GLU B 171 -32.26 18.83 -25.24
N GLU B 172 -33.41 18.65 -24.60
CA GLU B 172 -34.55 19.53 -24.87
C GLU B 172 -34.24 20.98 -24.45
N ILE B 173 -33.59 21.15 -23.32
CA ILE B 173 -33.21 22.49 -22.93
C ILE B 173 -32.17 23.07 -23.89
N PHE B 174 -31.18 22.25 -24.30
CA PHE B 174 -30.15 22.75 -25.23
C PHE B 174 -30.78 23.11 -26.57
N TYR B 175 -31.66 22.24 -27.07
CA TYR B 175 -32.29 22.54 -28.35
C TYR B 175 -33.17 23.78 -28.24
N ALA B 176 -33.86 23.93 -27.11
CA ALA B 176 -34.67 25.14 -26.92
C ALA B 176 -33.81 26.37 -26.99
N LEU B 177 -32.60 26.29 -26.43
CA LEU B 177 -31.67 27.41 -26.45
C LEU B 177 -31.26 27.73 -27.88
N VAL B 178 -30.91 26.69 -28.66
CA VAL B 178 -30.52 26.94 -30.05
C VAL B 178 -31.63 27.68 -30.78
N LYS B 179 -32.90 27.23 -30.60
CA LYS B 179 -34.05 27.89 -31.21
C LYS B 179 -34.17 29.35 -30.78
N ARG B 180 -34.07 29.47 -29.48
CA ARG B 180 -34.06 30.84 -29.11
CA ARG B 180 -34.10 30.97 -28.99
C ARG B 180 -33.04 31.93 -29.75
N LEU B 181 -31.82 31.37 -29.75
CA LEU B 181 -30.77 32.17 -30.35
C LEU B 181 -31.04 32.40 -31.80
N LEU B 182 -31.40 31.34 -32.53
CA LEU B 182 -31.58 31.46 -33.96
C LEU B 182 -32.65 32.49 -34.31
N LYS B 183 -33.59 32.72 -33.39
CA LYS B 183 -34.67 33.71 -33.53
C LYS B 183 -34.29 35.09 -32.98
N GLU B 184 -33.61 35.15 -31.82
CA GLU B 184 -33.23 36.43 -31.24
C GLU B 184 -32.03 37.04 -31.93
N LYS B 185 -31.01 36.22 -32.20
CA LYS B 185 -29.75 36.70 -32.72
C LYS B 185 -29.83 37.04 -34.20
N PRO B 186 -28.89 37.84 -34.70
CA PRO B 186 -28.92 38.22 -36.11
C PRO B 186 -28.69 37.02 -37.02
N LYS B 187 -29.16 37.14 -38.24
CA LYS B 187 -29.07 36.02 -39.15
C LYS B 187 -27.61 35.81 -39.59
N GLY B 188 -27.19 34.55 -39.65
CA GLY B 188 -25.77 34.20 -39.76
C GLY B 188 -24.95 34.34 -38.48
N TRP B 189 -25.59 34.54 -37.32
CA TRP B 189 -24.83 34.73 -36.09
C TRP B 189 -23.88 33.56 -35.81
N PHE B 190 -24.36 32.33 -35.93
CA PHE B 190 -23.48 31.19 -35.67
C PHE B 190 -22.37 31.05 -36.74
N ALA B 191 -22.70 31.33 -38.02
CA ALA B 191 -21.65 31.35 -39.04
C ALA B 191 -20.60 32.41 -38.69
N GLU B 192 -21.02 33.53 -38.11
CA GLU B 192 -20.06 34.56 -37.71
C GLU B 192 -19.12 34.08 -36.60
N ILE B 193 -19.69 33.61 -35.47
CA ILE B 193 -18.91 32.95 -34.42
C ILE B 193 -17.96 31.89 -35.00
N ALA B 194 -18.50 30.95 -35.78
CA ALA B 194 -17.66 29.85 -36.28
C ALA B 194 -16.47 30.40 -37.06
N LYS B 195 -16.71 31.38 -37.94
CA LYS B 195 -15.61 32.04 -38.66
C LYS B 195 -14.62 32.69 -37.71
N ASN B 196 -15.12 33.34 -36.64
CA ASN B 196 -14.19 34.04 -35.77
C ASN B 196 -13.36 33.11 -34.88
N ILE B 197 -13.86 31.93 -34.52
CA ILE B 197 -13.10 31.06 -33.62
C ILE B 197 -11.85 30.53 -34.33
N LYS B 198 -10.69 30.81 -33.77
CA LYS B 198 -9.47 30.31 -34.37
C LYS B 198 -9.13 28.89 -33.91
N GLY B 199 -9.71 28.43 -32.80
CA GLY B 199 -9.38 27.12 -32.29
C GLY B 199 -10.15 26.81 -31.03
N VAL B 200 -10.09 25.56 -30.65
CA VAL B 200 -10.59 25.17 -29.35
C VAL B 200 -9.57 24.25 -28.76
N SER B 201 -9.31 24.42 -27.46
CA SER B 201 -8.53 23.48 -26.66
C SER B 201 -9.48 22.77 -25.68
N GLU B 202 -9.37 21.44 -25.58
CA GLU B 202 -10.41 20.66 -24.92
C GLU B 202 -9.83 19.80 -23.79
N GLU B 203 -10.41 19.97 -22.59
CA GLU B 203 -9.84 19.47 -21.35
C GLU B 203 -9.95 17.94 -21.19
N THR B 204 -11.03 17.28 -21.66
CA THR B 204 -11.35 15.99 -21.04
C THR B 204 -11.73 14.90 -22.04
N THR B 205 -11.66 13.65 -21.56
CA THR B 205 -11.76 12.49 -22.45
C THR B 205 -13.03 12.58 -23.27
N THR B 206 -14.14 12.81 -22.59
CA THR B 206 -15.43 12.84 -23.25
C THR B 206 -15.48 13.93 -24.31
N GLY B 207 -14.98 15.13 -23.99
CA GLY B 207 -15.09 16.18 -24.98
C GLY B 207 -14.17 15.93 -26.15
N VAL B 208 -13.05 15.25 -25.90
CA VAL B 208 -12.12 14.93 -26.97
C VAL B 208 -12.70 13.82 -27.85
N HIS B 209 -13.43 12.87 -27.24
CA HIS B 209 -14.29 11.95 -27.99
C HIS B 209 -15.17 12.70 -28.99
N ARG B 210 -15.81 13.81 -28.56
CA ARG B 210 -16.72 14.53 -29.45
C ARG B 210 -15.98 15.17 -30.65
N LEU B 211 -14.82 15.82 -30.40
CA LEU B 211 -14.05 16.45 -31.49
C LEU B 211 -13.61 15.44 -32.54
N TYR B 212 -12.88 14.40 -32.11
CA TYR B 212 -12.41 13.37 -33.04
C TYR B 212 -13.54 12.88 -33.94
N GLU B 213 -14.75 12.67 -33.40
CA GLU B 213 -15.82 12.18 -34.28
C GLU B 213 -16.38 13.30 -35.17
N MET B 214 -16.31 14.58 -34.76
CA MET B 214 -16.68 15.62 -35.71
C MET B 214 -15.61 15.78 -36.77
N ALA B 215 -14.34 15.68 -36.38
CA ALA B 215 -13.28 15.75 -37.37
C ALA B 215 -13.42 14.61 -38.40
N ASN B 216 -13.47 13.37 -37.91
CA ASN B 216 -13.60 12.20 -38.77
C ASN B 216 -14.78 12.30 -39.73
N LYS B 217 -15.82 13.05 -39.37
CA LYS B 217 -16.97 13.33 -40.23
C LYS B 217 -16.86 14.67 -40.96
N GLY B 218 -15.77 15.42 -40.77
CA GLY B 218 -15.60 16.67 -41.50
C GLY B 218 -16.60 17.74 -41.16
N THR B 219 -17.11 17.73 -39.92
CA THR B 219 -18.05 18.75 -39.44
C THR B 219 -17.44 19.64 -38.35
N LEU B 220 -16.26 19.31 -37.86
CA LEU B 220 -15.58 20.21 -36.96
C LEU B 220 -15.28 21.52 -37.66
N LEU B 221 -15.67 22.65 -37.06
CA LEU B 221 -15.66 23.96 -37.72
C LEU B 221 -14.34 24.73 -37.59
N PHE B 222 -13.46 24.35 -36.68
CA PHE B 222 -12.20 25.04 -36.48
C PHE B 222 -11.23 24.02 -35.89
N PRO B 223 -9.90 24.35 -35.89
CA PRO B 223 -8.88 23.44 -35.34
C PRO B 223 -9.05 23.23 -33.84
N ALA B 224 -8.49 22.12 -33.39
CA ALA B 224 -8.56 21.73 -32.02
C ALA B 224 -7.34 21.05 -31.42
N ILE B 225 -7.11 21.32 -30.16
CA ILE B 225 -6.04 20.68 -29.45
C ILE B 225 -6.59 19.80 -28.33
N ASN B 226 -6.24 18.53 -28.35
CA ASN B 226 -6.65 17.58 -27.34
C ASN B 226 -5.69 17.77 -26.22
N VAL B 227 -6.14 18.44 -25.19
CA VAL B 227 -5.32 18.68 -24.03
C VAL B 227 -5.34 17.49 -23.10
N ASN B 228 -6.46 16.80 -23.09
CA ASN B 228 -6.61 15.67 -22.20
C ASN B 228 -5.43 14.73 -22.38
N ASP B 229 -5.04 14.50 -23.63
CA ASP B 229 -4.02 13.48 -23.87
C ASP B 229 -2.64 14.05 -23.95
N SER B 230 -2.40 15.22 -23.39
CA SER B 230 -1.05 15.45 -22.93
C SER B 230 -0.73 14.34 -21.94
N VAL B 231 0.51 13.85 -21.97
CA VAL B 231 0.89 12.88 -20.95
C VAL B 231 0.68 13.50 -19.58
N THR B 232 1.15 14.74 -19.40
CA THR B 232 1.10 15.45 -18.15
C THR B 232 -0.27 15.92 -17.83
N LYS B 233 -1.28 15.54 -18.59
CA LYS B 233 -2.66 15.69 -18.13
C LYS B 233 -3.25 14.32 -17.82
N SER B 234 -3.51 13.51 -18.84
CA SER B 234 -4.18 12.22 -18.61
C SER B 234 -3.50 11.32 -17.56
N LYS B 235 -2.18 11.31 -17.48
CA LYS B 235 -1.57 10.42 -16.54
CA LYS B 235 -1.54 10.42 -16.54
C LYS B 235 -1.25 11.09 -15.21
N PHE B 236 -1.73 12.32 -15.01
CA PHE B 236 -1.60 13.03 -13.74
C PHE B 236 -2.96 13.47 -13.21
N ASP B 237 -3.62 14.41 -13.87
CA ASP B 237 -4.98 14.82 -13.54
C ASP B 237 -5.96 13.62 -13.46
N ASN B 238 -6.19 12.93 -14.60
CA ASN B 238 -7.21 11.86 -14.59
C ASN B 238 -6.88 10.81 -13.56
N LEU B 239 -5.58 10.57 -13.32
CA LEU B 239 -5.14 9.48 -12.43
C LEU B 239 -4.96 9.92 -10.98
N TYR B 240 -3.90 10.71 -10.71
CA TYR B 240 -3.70 11.20 -9.35
C TYR B 240 -4.82 12.16 -8.90
N GLY B 241 -5.30 13.04 -9.78
CA GLY B 241 -6.40 13.94 -9.36
C GLY B 241 -7.56 13.15 -8.77
N CYS B 242 -8.05 12.15 -9.52
CA CYS B 242 -9.16 11.34 -8.99
C CYS B 242 -8.73 10.58 -7.76
N ARG B 243 -7.49 10.11 -7.72
CA ARG B 243 -7.02 9.41 -6.52
C ARG B 243 -7.18 10.31 -5.30
N GLU B 244 -6.86 11.60 -5.42
CA GLU B 244 -7.03 12.46 -4.23
C GLU B 244 -8.47 12.91 -4.00
N SER B 245 -9.25 13.15 -5.04
CA SER B 245 -10.47 13.90 -4.84
C SER B 245 -11.71 13.00 -4.87
N LEU B 246 -11.59 11.74 -5.28
CA LEU B 246 -12.82 10.91 -5.26
C LEU B 246 -13.24 10.60 -3.83
N VAL B 247 -12.29 10.15 -2.99
CA VAL B 247 -12.70 9.87 -1.64
C VAL B 247 -13.04 11.17 -0.87
N ASP B 248 -12.32 12.27 -1.13
CA ASP B 248 -12.72 13.60 -0.61
C ASP B 248 -14.20 13.86 -0.82
N GLY B 249 -14.69 13.66 -2.05
CA GLY B 249 -16.11 13.87 -2.29
C GLY B 249 -17.00 12.91 -1.52
N ILE B 250 -16.59 11.63 -1.44
CA ILE B 250 -17.44 10.67 -0.73
C ILE B 250 -17.45 10.98 0.76
N ARG B 251 -16.29 11.40 1.33
CA ARG B 251 -16.24 11.69 2.77
C ARG B 251 -17.08 12.92 3.12
N ARG B 252 -16.91 14.02 2.39
CA ARG B 252 -17.69 15.22 2.71
C ARG B 252 -19.20 15.00 2.58
N GLY B 253 -19.64 14.19 1.59
CA GLY B 253 -21.07 13.97 1.40
C GLY B 253 -21.68 13.02 2.41
N THR B 254 -20.90 12.02 2.90
CA THR B 254 -21.44 10.97 3.73
C THR B 254 -20.77 10.80 5.08
N ASP B 255 -19.52 11.23 5.21
CA ASP B 255 -18.77 10.99 6.44
C ASP B 255 -18.78 9.52 6.87
N VAL B 256 -18.85 8.57 5.92
CA VAL B 256 -18.82 7.17 6.31
C VAL B 256 -17.38 6.71 6.56
N MET B 257 -17.25 5.68 7.36
CA MET B 257 -15.97 5.00 7.42
C MET B 257 -15.71 4.19 6.16
N LEU B 258 -14.54 4.41 5.54
CA LEU B 258 -14.16 3.63 4.37
C LEU B 258 -13.47 2.33 4.72
N SER B 259 -12.68 2.27 5.80
CA SER B 259 -12.10 1.00 6.19
C SER B 259 -13.19 -0.02 6.47
N GLY B 260 -13.05 -1.18 5.86
CA GLY B 260 -14.01 -2.24 6.06
C GLY B 260 -15.13 -2.29 5.05
N LYS B 261 -15.26 -1.29 4.20
CA LYS B 261 -16.33 -1.29 3.22
C LYS B 261 -15.82 -1.86 1.89
N VAL B 262 -16.76 -2.38 1.11
CA VAL B 262 -16.49 -2.83 -0.24
C VAL B 262 -16.94 -1.77 -1.22
N ALA B 263 -16.11 -1.47 -2.20
CA ALA B 263 -16.45 -0.46 -3.19
C ALA B 263 -16.36 -1.08 -4.57
N MET B 264 -17.14 -0.55 -5.48
CA MET B 264 -17.15 -0.97 -6.84
C MET B 264 -16.84 0.18 -7.77
N VAL B 265 -15.84 0.05 -8.60
CA VAL B 265 -15.54 1.12 -9.56
C VAL B 265 -15.78 0.57 -10.94
N ALA B 266 -16.63 1.23 -11.72
CA ALA B 266 -16.81 0.83 -13.12
C ALA B 266 -15.83 1.56 -14.01
N GLY B 267 -14.98 0.80 -14.71
CA GLY B 267 -14.03 1.43 -15.59
C GLY B 267 -12.66 1.37 -14.95
N PHE B 268 -11.62 1.09 -15.75
CA PHE B 268 -10.24 1.08 -15.28
C PHE B 268 -9.36 1.71 -16.36
N GLY B 269 -9.90 2.73 -17.03
CA GLY B 269 -9.14 3.76 -17.71
C GLY B 269 -8.37 4.60 -16.67
N ASP B 270 -7.89 5.77 -17.06
CA ASP B 270 -7.11 6.58 -16.14
C ASP B 270 -7.95 7.01 -14.91
N VAL B 271 -9.15 7.49 -15.17
CA VAL B 271 -10.03 7.91 -14.07
C VAL B 271 -10.40 6.72 -13.18
N GLY B 272 -10.85 5.61 -13.80
CA GLY B 272 -11.11 4.41 -13.01
C GLY B 272 -9.88 3.96 -12.24
N LYS B 273 -8.70 4.01 -12.86
CA LYS B 273 -7.48 3.65 -12.11
C LYS B 273 -7.32 4.56 -10.89
N GLY B 274 -7.44 5.86 -11.10
CA GLY B 274 -7.30 6.78 -9.97
C GLY B 274 -8.39 6.56 -8.93
N SER B 275 -9.61 6.27 -9.39
CA SER B 275 -10.69 6.18 -8.44
C SER B 275 -10.54 4.93 -7.58
N ALA B 276 -10.31 3.78 -8.24
CA ALA B 276 -10.02 2.55 -7.51
C ALA B 276 -8.90 2.77 -6.49
N ALA B 277 -7.84 3.49 -6.87
CA ALA B 277 -6.76 3.77 -5.93
C ALA B 277 -7.22 4.69 -4.80
N SER B 278 -8.12 5.63 -5.11
CA SER B 278 -8.60 6.52 -4.06
C SER B 278 -9.28 5.72 -2.95
N LEU B 279 -10.18 4.84 -3.34
CA LEU B 279 -10.97 4.06 -2.40
C LEU B 279 -10.12 2.99 -1.73
N ARG B 280 -9.26 2.33 -2.51
CA ARG B 280 -8.35 1.37 -1.89
C ARG B 280 -7.47 2.02 -0.85
N GLN B 281 -6.82 3.15 -1.21
CA GLN B 281 -5.95 3.84 -0.24
C GLN B 281 -6.72 4.26 1.01
N ALA B 282 -7.95 4.73 0.86
CA ALA B 282 -8.79 5.06 2.01
C ALA B 282 -9.15 3.88 2.88
N GLY B 283 -8.94 2.66 2.43
CA GLY B 283 -9.26 1.49 3.23
C GLY B 283 -10.31 0.55 2.66
N CYS B 284 -10.93 0.86 1.54
CA CYS B 284 -11.95 -0.03 0.98
C CYS B 284 -11.31 -1.26 0.33
N ARG B 285 -12.07 -2.32 0.29
CA ARG B 285 -11.74 -3.48 -0.53
CA ARG B 285 -11.74 -3.47 -0.54
C ARG B 285 -12.42 -3.23 -1.87
N VAL B 286 -11.65 -3.11 -2.96
CA VAL B 286 -12.19 -2.51 -4.20
C VAL B 286 -12.34 -3.55 -5.29
N MET B 287 -13.52 -3.58 -5.93
CA MET B 287 -13.81 -4.36 -7.12
C MET B 287 -13.95 -3.42 -8.29
N VAL B 288 -13.72 -3.95 -9.50
CA VAL B 288 -13.65 -3.12 -10.71
C VAL B 288 -14.36 -3.85 -11.86
N SER B 289 -15.12 -3.11 -12.69
CA SER B 289 -15.60 -3.66 -13.93
C SER B 289 -14.87 -3.04 -15.12
N GLU B 290 -14.76 -3.83 -16.21
CA GLU B 290 -14.16 -3.34 -17.44
C GLU B 290 -14.68 -4.11 -18.64
N VAL B 291 -14.76 -3.42 -19.76
CA VAL B 291 -15.06 -4.08 -21.02
C VAL B 291 -13.77 -4.35 -21.79
N ASP B 292 -12.68 -3.72 -21.40
CA ASP B 292 -11.45 -3.78 -22.14
C ASP B 292 -10.57 -4.83 -21.50
N PRO B 293 -10.23 -5.91 -22.21
CA PRO B 293 -9.49 -6.99 -21.56
C PRO B 293 -8.10 -6.55 -21.11
N ILE B 294 -7.51 -5.55 -21.75
CA ILE B 294 -6.20 -5.11 -21.29
C ILE B 294 -6.35 -4.35 -19.97
N CYS B 295 -7.29 -3.40 -19.93
CA CYS B 295 -7.53 -2.66 -18.67
C CYS B 295 -7.99 -3.60 -17.59
N ALA B 296 -8.84 -4.60 -17.94
CA ALA B 296 -9.23 -5.60 -16.94
C ALA B 296 -8.02 -6.36 -16.40
N LEU B 297 -7.11 -6.78 -17.29
CA LEU B 297 -5.92 -7.46 -16.80
C LEU B 297 -5.06 -6.57 -15.90
N GLN B 298 -4.97 -5.26 -16.21
CA GLN B 298 -4.22 -4.36 -15.35
C GLN B 298 -4.82 -4.33 -13.94
N ALA B 299 -6.13 -4.17 -13.90
CA ALA B 299 -6.84 -4.17 -12.62
C ALA B 299 -6.56 -5.43 -11.86
N ALA B 300 -6.72 -6.58 -12.52
CA ALA B 300 -6.48 -7.82 -11.80
C ALA B 300 -5.07 -7.85 -11.28
N MET B 301 -4.09 -7.35 -12.07
CA MET B 301 -2.69 -7.41 -11.62
C MET B 301 -2.38 -6.44 -10.52
N GLU B 302 -3.16 -5.35 -10.38
CA GLU B 302 -2.99 -4.45 -9.25
C GLU B 302 -3.77 -4.93 -8.05
N GLY B 303 -4.40 -6.09 -8.13
CA GLY B 303 -4.97 -6.70 -6.96
C GLY B 303 -6.47 -6.45 -6.77
N TYR B 304 -7.13 -5.83 -7.74
CA TYR B 304 -8.58 -5.63 -7.71
C TYR B 304 -9.31 -6.87 -8.23
N GLU B 305 -10.37 -7.25 -7.54
CA GLU B 305 -11.29 -8.24 -8.08
C GLU B 305 -12.11 -7.62 -9.22
N VAL B 306 -12.08 -8.25 -10.40
CA VAL B 306 -12.72 -7.67 -11.58
C VAL B 306 -14.01 -8.46 -11.80
N VAL B 307 -15.15 -7.78 -11.61
CA VAL B 307 -16.46 -8.43 -11.57
C VAL B 307 -17.38 -7.62 -12.46
N THR B 308 -18.60 -8.13 -12.65
CA THR B 308 -19.57 -7.31 -13.36
C THR B 308 -20.36 -6.43 -12.35
N MET B 309 -21.04 -5.40 -12.87
CA MET B 309 -21.99 -4.63 -12.07
C MET B 309 -23.04 -5.53 -11.47
N GLU B 310 -23.47 -6.62 -12.17
CA GLU B 310 -24.50 -7.46 -11.61
C GLU B 310 -23.96 -8.25 -10.42
N ASP B 311 -22.73 -8.74 -10.54
CA ASP B 311 -22.04 -9.33 -9.40
CA ASP B 311 -22.02 -9.33 -9.40
C ASP B 311 -21.95 -8.34 -8.24
N ALA B 312 -21.65 -7.08 -8.53
CA ALA B 312 -21.39 -6.11 -7.47
C ALA B 312 -22.63 -5.58 -6.79
N ALA B 313 -23.72 -5.45 -7.52
CA ALA B 313 -24.86 -4.67 -7.03
C ALA B 313 -25.30 -5.08 -5.63
N PRO B 314 -25.48 -6.37 -5.31
CA PRO B 314 -25.95 -6.71 -3.96
C PRO B 314 -24.85 -6.65 -2.93
N ARG B 315 -23.59 -6.53 -3.34
CA ARG B 315 -22.43 -6.69 -2.46
C ARG B 315 -21.85 -5.36 -1.98
N ALA B 316 -21.67 -4.41 -2.87
CA ALA B 316 -20.81 -3.29 -2.55
C ALA B 316 -21.55 -2.30 -1.65
N ASP B 317 -20.78 -1.61 -0.81
CA ASP B 317 -21.26 -0.47 0.01
C ASP B 317 -21.23 0.84 -0.73
N ILE B 318 -20.33 0.93 -1.69
CA ILE B 318 -20.07 2.13 -2.47
C ILE B 318 -19.89 1.76 -3.94
N PHE B 319 -20.43 2.60 -4.83
CA PHE B 319 -20.40 2.34 -6.26
C PHE B 319 -19.99 3.64 -6.90
N VAL B 320 -19.06 3.58 -7.84
CA VAL B 320 -18.53 4.75 -8.53
C VAL B 320 -18.47 4.40 -10.02
N THR B 321 -19.10 5.21 -10.86
CA THR B 321 -18.96 5.04 -12.30
C THR B 321 -17.81 5.93 -12.83
N ALA B 322 -16.92 5.33 -13.64
CA ALA B 322 -15.74 6.06 -14.11
C ALA B 322 -15.47 5.65 -15.56
N THR B 323 -16.54 5.53 -16.35
CA THR B 323 -16.37 4.95 -17.67
C THR B 323 -16.45 5.98 -18.77
N GLY B 324 -17.17 7.08 -18.58
CA GLY B 324 -17.54 7.91 -19.73
C GLY B 324 -18.60 7.29 -20.63
N ASN B 325 -19.18 6.17 -20.25
CA ASN B 325 -20.18 5.48 -21.08
C ASN B 325 -21.53 5.74 -20.41
N LYS B 326 -22.60 5.18 -20.94
CA LYS B 326 -23.93 5.40 -20.38
C LYS B 326 -24.50 4.10 -19.84
N ASP B 327 -25.49 4.23 -18.97
CA ASP B 327 -26.28 3.07 -18.49
C ASP B 327 -25.41 2.05 -17.79
N ILE B 328 -24.49 2.56 -16.96
CA ILE B 328 -23.57 1.71 -16.23
C ILE B 328 -24.21 1.16 -14.97
N ILE B 329 -24.88 2.03 -14.22
CA ILE B 329 -25.65 1.62 -13.05
C ILE B 329 -27.12 1.88 -13.35
N THR B 330 -27.92 0.81 -13.44
CA THR B 330 -29.27 0.89 -13.94
C THR B 330 -30.24 0.84 -12.77
N ILE B 331 -31.50 1.13 -13.08
CA ILE B 331 -32.49 0.97 -12.03
C ILE B 331 -32.43 -0.46 -11.48
N GLU B 332 -32.10 -1.44 -12.34
CA GLU B 332 -32.16 -2.82 -11.87
C GLU B 332 -31.02 -3.13 -10.91
N HIS B 333 -29.85 -2.55 -11.14
CA HIS B 333 -28.75 -2.63 -10.19
C HIS B 333 -29.11 -1.97 -8.85
N MET B 334 -29.69 -0.77 -8.91
CA MET B 334 -30.01 -0.06 -7.67
C MET B 334 -31.06 -0.80 -6.84
N ARG B 335 -31.99 -1.49 -7.51
CA ARG B 335 -32.99 -2.27 -6.78
C ARG B 335 -32.37 -3.44 -6.00
N ALA B 336 -31.22 -3.94 -6.47
CA ALA B 336 -30.49 -5.02 -5.81
C ALA B 336 -29.56 -4.53 -4.70
N MET B 337 -29.33 -3.22 -4.57
CA MET B 337 -28.29 -2.77 -3.66
C MET B 337 -28.76 -2.93 -2.25
N LYS B 338 -27.80 -3.13 -1.35
CA LYS B 338 -28.09 -3.14 0.08
C LYS B 338 -28.59 -1.75 0.50
N ASP B 339 -29.29 -1.72 1.62
CA ASP B 339 -29.89 -0.49 2.09
C ASP B 339 -28.80 0.52 2.44
N ARG B 340 -28.96 1.73 1.96
CA ARG B 340 -28.04 2.87 2.18
C ARG B 340 -26.67 2.69 1.54
N ALA B 341 -26.61 1.88 0.48
CA ALA B 341 -25.45 1.91 -0.40
C ALA B 341 -25.28 3.31 -0.99
N ILE B 342 -24.03 3.67 -1.24
CA ILE B 342 -23.70 5.00 -1.72
C ILE B 342 -23.40 4.92 -3.21
N VAL B 343 -23.98 5.83 -4.00
CA VAL B 343 -23.85 5.73 -5.45
C VAL B 343 -23.41 7.09 -5.98
N CYS B 344 -22.42 7.10 -6.87
CA CYS B 344 -21.94 8.39 -7.37
C CYS B 344 -21.18 8.13 -8.67
N ASN B 345 -20.93 9.21 -9.40
CA ASN B 345 -20.33 9.18 -10.74
C ASN B 345 -19.15 10.15 -10.73
N ILE B 346 -18.01 9.74 -11.28
CA ILE B 346 -16.90 10.68 -11.43
C ILE B 346 -16.51 10.81 -12.90
N GLY B 347 -17.33 10.25 -13.80
CA GLY B 347 -17.06 10.21 -15.21
C GLY B 347 -17.73 11.33 -15.93
N HIS B 348 -18.98 11.12 -16.37
CA HIS B 348 -19.48 12.15 -17.25
C HIS B 348 -20.99 12.30 -17.16
N PHE B 349 -21.41 13.46 -17.60
CA PHE B 349 -22.76 13.96 -17.51
C PHE B 349 -23.48 13.30 -16.34
N ASP B 350 -24.67 12.80 -16.57
CA ASP B 350 -25.33 12.11 -15.49
C ASP B 350 -25.96 10.84 -16.03
N ASN B 351 -25.47 10.34 -17.17
CA ASN B 351 -26.10 9.16 -17.75
C ASN B 351 -25.30 7.88 -17.49
N GLU B 352 -24.21 7.93 -16.68
CA GLU B 352 -23.59 6.68 -16.30
C GLU B 352 -24.46 5.95 -15.30
N ILE B 353 -25.15 6.73 -14.44
CA ILE B 353 -26.19 6.24 -13.52
C ILE B 353 -27.56 6.58 -14.12
N GLN B 354 -28.55 5.68 -13.98
CA GLN B 354 -29.84 5.97 -14.58
C GLN B 354 -30.62 6.86 -13.60
N ILE B 355 -30.16 8.09 -13.48
CA ILE B 355 -30.82 9.03 -12.56
C ILE B 355 -32.25 9.29 -12.98
N ALA B 356 -32.48 9.48 -14.27
CA ALA B 356 -33.81 9.76 -14.76
C ALA B 356 -34.81 8.74 -14.20
N SER B 357 -34.37 7.48 -14.09
CA SER B 357 -35.31 6.43 -13.71
C SER B 357 -35.68 6.54 -12.24
N LEU B 358 -34.90 7.22 -11.43
CA LEU B 358 -35.25 7.40 -10.03
C LEU B 358 -36.21 8.56 -9.79
N ARG B 359 -36.65 9.28 -10.85
CA ARG B 359 -37.34 10.54 -10.62
CA ARG B 359 -37.41 10.53 -10.73
C ARG B 359 -38.69 10.37 -9.92
N ASN B 360 -39.30 9.20 -9.93
CA ASN B 360 -40.55 9.03 -9.23
C ASN B 360 -40.41 8.28 -7.91
N LEU B 361 -39.19 8.00 -7.47
CA LEU B 361 -39.05 7.49 -6.12
C LEU B 361 -39.07 8.65 -5.13
N LYS B 362 -39.25 8.33 -3.85
CA LYS B 362 -39.19 9.36 -2.82
C LYS B 362 -37.72 9.76 -2.57
N TRP B 363 -37.41 11.02 -2.86
CA TRP B 363 -36.12 11.64 -2.62
C TRP B 363 -36.23 12.46 -1.36
N THR B 364 -35.24 12.33 -0.49
CA THR B 364 -35.16 13.15 0.72
C THR B 364 -33.81 13.81 0.69
N ASN B 365 -33.77 15.12 0.50
CA ASN B 365 -32.47 15.78 0.53
C ASN B 365 -31.91 15.74 1.95
N ILE B 366 -30.66 15.33 2.06
CA ILE B 366 -29.96 15.44 3.33
C ILE B 366 -29.32 16.81 3.45
N LYS B 367 -28.56 17.18 2.42
CA LYS B 367 -27.90 18.48 2.34
C LYS B 367 -27.57 18.65 0.87
N PRO B 368 -26.98 19.78 0.44
CA PRO B 368 -26.73 19.97 -0.98
C PRO B 368 -25.88 18.85 -1.51
N GLN B 369 -26.25 18.38 -2.70
CA GLN B 369 -25.62 17.29 -3.42
C GLN B 369 -25.65 15.99 -2.65
N VAL B 370 -26.52 15.86 -1.64
CA VAL B 370 -26.69 14.56 -0.95
C VAL B 370 -28.18 14.26 -0.80
N ASP B 371 -28.60 13.13 -1.42
CA ASP B 371 -30.00 12.72 -1.39
C ASP B 371 -30.11 11.25 -1.04
N GLU B 372 -31.15 10.91 -0.27
CA GLU B 372 -31.48 9.53 0.04
C GLU B 372 -32.72 9.15 -0.73
N ILE B 373 -32.66 8.06 -1.49
CA ILE B 373 -33.74 7.73 -2.40
C ILE B 373 -34.39 6.45 -1.88
N GLU B 374 -35.71 6.50 -1.60
CA GLU B 374 -36.39 5.32 -1.09
C GLU B 374 -37.10 4.60 -2.23
N PHE B 375 -36.93 3.24 -2.28
CA PHE B 375 -37.62 2.35 -3.17
C PHE B 375 -38.91 1.89 -2.51
N PRO B 376 -39.85 1.34 -3.29
CA PRO B 376 -41.12 0.94 -2.69
C PRO B 376 -40.95 -0.12 -1.61
N ASP B 377 -39.99 -1.07 -1.77
CA ASP B 377 -39.69 -2.00 -0.68
C ASP B 377 -39.01 -1.33 0.50
N LYS B 378 -38.89 0.00 0.54
CA LYS B 378 -38.26 0.78 1.61
C LYS B 378 -36.73 0.63 1.68
N HIS B 379 -36.09 -0.04 0.73
CA HIS B 379 -34.65 0.05 0.80
C HIS B 379 -34.24 1.36 0.17
N ARG B 380 -33.09 1.88 0.58
CA ARG B 380 -32.70 3.23 0.25
C ARG B 380 -31.27 3.23 -0.32
N ILE B 381 -30.97 4.23 -1.13
CA ILE B 381 -29.60 4.46 -1.56
C ILE B 381 -29.29 5.93 -1.33
N ILE B 382 -28.01 6.18 -1.08
CA ILE B 382 -27.48 7.54 -0.96
C ILE B 382 -26.90 7.99 -2.29
N MET B 383 -27.50 9.01 -2.90
CA MET B 383 -27.03 9.53 -4.19
C MET B 383 -26.25 10.80 -3.95
N LEU B 384 -25.04 10.87 -4.50
CA LEU B 384 -24.19 12.07 -4.39
C LEU B 384 -24.34 12.90 -5.66
N SER B 385 -24.54 14.22 -5.49
CA SER B 385 -24.54 15.24 -6.58
C SER B 385 -25.48 14.88 -7.72
N GLU B 386 -26.61 14.22 -7.40
CA GLU B 386 -27.56 13.81 -8.42
C GLU B 386 -26.89 13.10 -9.60
N GLY B 387 -25.85 12.34 -9.28
CA GLY B 387 -25.16 11.52 -10.25
C GLY B 387 -24.27 12.28 -11.21
N ARG B 388 -23.93 13.54 -10.89
CA ARG B 388 -22.88 14.27 -11.59
C ARG B 388 -21.57 14.26 -10.80
N LEU B 389 -20.50 14.79 -11.41
CA LEU B 389 -19.10 14.63 -11.01
C LEU B 389 -18.95 14.80 -9.50
N VAL B 390 -18.64 13.73 -8.80
CA VAL B 390 -18.80 13.76 -7.35
C VAL B 390 -17.66 14.55 -6.71
N ASN B 391 -16.46 14.47 -7.29
CA ASN B 391 -15.30 15.17 -6.67
C ASN B 391 -15.49 16.68 -6.69
N LEU B 392 -16.03 17.22 -7.80
CA LEU B 392 -16.41 18.62 -7.96
C LEU B 392 -17.73 18.95 -7.27
N GLY B 393 -18.66 17.98 -7.24
CA GLY B 393 -19.99 18.23 -6.67
C GLY B 393 -19.96 18.25 -5.17
N ASN B 394 -19.36 17.22 -4.59
CA ASN B 394 -19.41 17.08 -3.15
C ASN B 394 -18.17 17.60 -2.46
N ALA B 395 -17.11 17.87 -3.20
CA ALA B 395 -15.93 18.37 -2.51
C ALA B 395 -15.40 19.53 -3.36
N MET B 396 -14.08 19.64 -3.56
CA MET B 396 -13.46 20.80 -4.24
C MET B 396 -12.67 20.39 -5.50
N GLY B 397 -13.04 19.28 -6.11
CA GLY B 397 -12.40 18.88 -7.37
C GLY B 397 -10.99 18.45 -7.05
N HIS B 398 -10.17 18.25 -8.10
CA HIS B 398 -8.75 17.94 -7.84
C HIS B 398 -8.11 19.09 -7.11
N PRO B 399 -7.04 18.82 -6.39
CA PRO B 399 -6.29 19.92 -5.72
C PRO B 399 -5.43 20.69 -6.71
N SER B 400 -4.99 21.89 -6.28
CA SER B 400 -4.39 22.85 -7.20
C SER B 400 -3.16 22.30 -7.93
N PHE B 401 -2.28 21.57 -7.24
CA PHE B 401 -0.99 21.19 -7.86
C PHE B 401 -1.20 20.33 -9.12
N VAL B 402 -2.05 19.31 -9.05
CA VAL B 402 -2.24 18.53 -10.28
C VAL B 402 -2.95 19.37 -11.31
N MET B 403 -3.83 20.28 -10.87
CA MET B 403 -4.50 21.09 -11.85
C MET B 403 -3.55 22.10 -12.49
N SER B 404 -2.45 22.51 -11.80
CA SER B 404 -1.43 23.30 -12.50
C SER B 404 -0.93 22.61 -13.78
N ALA B 405 -0.78 21.30 -13.72
CA ALA B 405 -0.29 20.56 -14.88
C ALA B 405 -1.29 20.63 -16.03
N SER B 406 -2.55 20.34 -15.75
CA SER B 406 -3.59 20.39 -16.80
C SER B 406 -3.70 21.78 -17.41
N PHE B 407 -3.65 22.81 -16.56
CA PHE B 407 -3.91 24.17 -16.97
C PHE B 407 -2.66 24.78 -17.62
N THR B 408 -1.45 24.32 -17.25
CA THR B 408 -0.29 24.74 -18.05
C THR B 408 -0.49 24.22 -19.45
N ASN B 409 -0.98 22.97 -19.58
CA ASN B 409 -1.27 22.42 -20.93
C ASN B 409 -2.35 23.24 -21.64
N GLN B 410 -3.45 23.58 -20.93
CA GLN B 410 -4.47 24.46 -21.51
C GLN B 410 -3.84 25.74 -22.01
N THR B 411 -3.01 26.35 -21.18
CA THR B 411 -2.49 27.66 -21.56
C THR B 411 -1.58 27.56 -22.78
N LEU B 412 -0.72 26.56 -22.82
CA LEU B 412 0.12 26.33 -24.02
C LEU B 412 -0.72 26.02 -25.25
N ALA B 413 -1.79 25.24 -25.10
CA ALA B 413 -2.65 24.94 -26.26
C ALA B 413 -3.33 26.21 -26.77
N GLN B 414 -3.75 27.10 -25.85
CA GLN B 414 -4.35 28.36 -26.28
C GLN B 414 -3.34 29.19 -27.04
N ILE B 415 -2.08 29.21 -26.55
CA ILE B 415 -1.01 29.92 -27.24
C ILE B 415 -0.78 29.32 -28.62
N GLU B 416 -0.55 28.01 -28.67
CA GLU B 416 -0.37 27.28 -29.94
C GLU B 416 -1.41 27.71 -30.97
N LEU B 417 -2.70 27.57 -30.62
CA LEU B 417 -3.76 27.81 -31.58
C LEU B 417 -3.94 29.28 -31.83
N PHE B 418 -3.66 30.11 -30.85
CA PHE B 418 -3.94 31.51 -31.12
C PHE B 418 -2.76 32.24 -31.75
N ALA B 419 -1.55 31.97 -31.24
CA ALA B 419 -0.36 32.75 -31.59
C ALA B 419 0.57 32.00 -32.55
N ASN B 420 0.87 30.73 -32.27
CA ASN B 420 1.61 29.82 -33.15
CA ASN B 420 1.62 29.90 -33.22
C ASN B 420 0.67 29.25 -34.23
N LYS B 425 -1.03 25.32 -40.77
CA LYS B 425 -0.25 24.47 -39.88
C LYS B 425 -1.15 23.65 -38.93
N TYR B 426 -2.20 24.29 -38.40
CA TYR B 426 -3.27 23.61 -37.62
C TYR B 426 -4.51 23.54 -38.52
N ALA B 427 -4.78 22.35 -39.07
CA ALA B 427 -5.96 22.12 -39.88
C ALA B 427 -7.17 21.95 -38.95
N LYS B 428 -8.35 21.76 -39.56
CA LYS B 428 -9.55 21.43 -38.79
C LYS B 428 -9.52 20.00 -38.23
N LYS B 429 -8.38 19.57 -37.70
CA LYS B 429 -8.19 18.28 -37.08
C LYS B 429 -7.94 18.51 -35.60
N VAL B 430 -7.84 17.39 -34.89
CA VAL B 430 -7.54 17.36 -33.52
C VAL B 430 -6.06 17.00 -33.36
N TYR B 431 -5.30 17.90 -32.76
CA TYR B 431 -3.88 17.72 -32.49
C TYR B 431 -3.54 17.66 -31.00
N VAL B 432 -2.42 17.07 -30.64
CA VAL B 432 -1.96 17.11 -29.23
C VAL B 432 -0.69 17.98 -29.17
N LEU B 433 -0.33 18.47 -28.02
CA LEU B 433 0.89 19.29 -27.95
C LEU B 433 2.14 18.42 -28.23
N PRO B 434 3.18 19.00 -28.82
CA PRO B 434 4.44 18.26 -29.04
C PRO B 434 5.09 17.78 -27.73
N LYS B 435 5.75 16.61 -27.81
CA LYS B 435 6.30 16.03 -26.58
C LYS B 435 7.21 17.02 -25.82
N THR B 436 7.98 17.86 -26.52
CA THR B 436 8.85 18.78 -25.78
C THR B 436 8.07 19.75 -24.89
N LEU B 437 6.85 20.14 -25.30
CA LEU B 437 6.02 20.96 -24.41
C LEU B 437 5.48 20.16 -23.25
N ASP B 438 5.10 18.91 -23.50
CA ASP B 438 4.65 17.99 -22.45
C ASP B 438 5.72 17.80 -21.38
N GLU B 439 6.93 17.42 -21.80
CA GLU B 439 8.09 17.44 -20.91
C GLU B 439 8.24 18.79 -20.20
N LYS B 440 8.03 19.88 -20.91
CA LYS B 440 8.26 21.17 -20.25
C LYS B 440 7.24 21.38 -19.12
N VAL B 441 5.99 20.98 -19.34
CA VAL B 441 5.01 21.06 -18.26
C VAL B 441 5.52 20.34 -17.03
N ALA B 442 6.06 19.13 -17.23
CA ALA B 442 6.50 18.35 -16.08
C ALA B 442 7.70 19.01 -15.40
N ARG B 443 8.65 19.53 -16.17
CA ARG B 443 9.78 20.25 -15.56
C ARG B 443 9.29 21.38 -14.67
N LEU B 444 8.23 22.09 -15.11
CA LEU B 444 7.80 23.26 -14.35
C LEU B 444 7.28 22.92 -12.97
N HIS B 445 6.97 21.65 -12.72
CA HIS B 445 6.43 21.23 -11.42
C HIS B 445 7.40 20.46 -10.52
N LEU B 446 8.66 20.24 -10.96
CA LEU B 446 9.58 19.42 -10.17
C LEU B 446 10.12 20.18 -8.95
N ALA B 447 10.63 21.43 -9.14
CA ALA B 447 11.32 22.09 -8.01
C ALA B 447 10.41 22.26 -6.80
N LYS B 448 9.12 22.60 -7.04
CA LYS B 448 8.19 22.81 -5.92
C LYS B 448 8.07 21.58 -4.99
N ILE B 449 8.13 20.38 -5.55
CA ILE B 449 8.00 19.16 -4.73
C ILE B 449 9.36 18.53 -4.44
N GLY B 450 10.43 19.28 -4.67
CA GLY B 450 11.78 18.87 -4.27
C GLY B 450 12.41 17.81 -5.17
N VAL B 451 11.95 17.62 -6.41
CA VAL B 451 12.58 16.67 -7.33
C VAL B 451 13.86 17.26 -7.89
N LYS B 452 14.93 16.44 -7.95
CA LYS B 452 16.16 16.90 -8.57
C LYS B 452 16.32 16.00 -9.78
N LEU B 453 16.26 16.58 -10.98
CA LEU B 453 16.38 15.83 -12.22
C LEU B 453 17.84 15.52 -12.51
N THR B 454 18.10 14.33 -13.06
CA THR B 454 19.45 13.97 -13.45
C THR B 454 19.65 14.48 -14.86
N GLU B 455 20.83 15.03 -15.14
CA GLU B 455 21.15 15.47 -16.49
C GLU B 455 22.04 14.43 -17.18
N LEU B 456 21.66 14.04 -18.39
CA LEU B 456 22.49 13.12 -19.18
C LEU B 456 23.81 13.76 -19.55
N ARG B 457 24.93 13.03 -19.40
CA ARG B 457 26.10 13.45 -20.14
C ARG B 457 25.89 13.14 -21.63
N LYS B 458 26.62 13.86 -22.47
CA LYS B 458 26.42 13.78 -23.91
C LYS B 458 26.60 12.34 -24.34
N ASP B 459 27.68 11.76 -23.89
CA ASP B 459 27.91 10.34 -23.77
C ASP B 459 26.65 9.49 -23.63
N GLN B 460 25.94 9.74 -22.54
CA GLN B 460 24.80 8.94 -22.16
C GLN B 460 23.60 9.23 -23.05
N ALA B 461 23.38 10.52 -23.35
CA ALA B 461 22.29 10.89 -24.25
C ALA B 461 22.50 10.19 -25.59
N ASP B 462 23.73 10.27 -26.14
CA ASP B 462 24.05 9.58 -27.39
C ASP B 462 23.78 8.09 -27.30
N TYR B 463 24.05 7.49 -26.14
CA TYR B 463 23.93 6.03 -25.99
C TYR B 463 22.49 5.58 -26.15
N ILE B 464 21.54 6.29 -25.53
CA ILE B 464 20.16 5.89 -25.64
C ILE B 464 19.43 6.59 -26.78
N GLY B 465 20.14 7.39 -27.57
CA GLY B 465 19.52 7.98 -28.74
C GLY B 465 18.72 9.25 -28.56
N VAL B 466 19.00 10.06 -27.55
CA VAL B 466 18.19 11.25 -27.28
C VAL B 466 19.10 12.47 -27.32
N LYS B 467 18.48 13.64 -27.58
CA LYS B 467 19.13 14.90 -27.26
C LYS B 467 19.18 15.07 -25.74
N GLN B 468 20.30 15.62 -25.24
CA GLN B 468 20.41 15.89 -23.78
C GLN B 468 19.17 16.61 -23.22
N GLU B 469 18.59 17.50 -24.02
CA GLU B 469 17.51 18.35 -23.54
C GLU B 469 16.14 17.77 -23.84
N GLY B 470 16.10 16.53 -24.34
CA GLY B 470 14.83 15.93 -24.71
C GLY B 470 14.43 16.30 -26.13
N PRO B 471 13.34 15.69 -26.64
CA PRO B 471 12.54 14.83 -25.77
C PRO B 471 13.17 13.47 -25.50
N TYR B 472 12.71 12.80 -24.43
CA TYR B 472 13.40 11.61 -23.97
C TYR B 472 12.80 10.33 -24.48
N LYS B 473 11.59 10.40 -25.05
CA LYS B 473 10.83 9.21 -25.39
C LYS B 473 10.26 9.36 -26.79
N SER B 474 10.04 8.23 -27.47
CA SER B 474 9.37 8.36 -28.76
C SER B 474 7.92 8.78 -28.54
N ASP B 475 7.29 9.26 -29.64
CA ASP B 475 5.93 9.77 -29.51
C ASP B 475 4.93 8.67 -29.15
N HIS B 476 5.29 7.40 -29.29
CA HIS B 476 4.37 6.33 -28.95
C HIS B 476 4.58 5.83 -27.56
N TYR B 477 5.57 6.36 -26.85
CA TYR B 477 5.84 5.87 -25.52
C TYR B 477 4.61 6.04 -24.62
N ARG B 478 4.34 5.04 -23.78
CA ARG B 478 3.07 5.06 -23.05
C ARG B 478 3.18 5.49 -21.59
N TYR B 479 4.41 5.67 -21.08
CA TYR B 479 4.70 6.04 -19.69
C TYR B 479 3.98 5.14 -18.69
N GLY C 12 41.65 -33.78 16.34
CA GLY C 12 40.39 -34.03 15.66
C GLY C 12 39.10 -33.92 16.48
N PHE C 13 38.11 -33.22 15.93
CA PHE C 13 36.82 -33.04 16.59
C PHE C 13 35.78 -33.98 15.98
N THR C 14 35.10 -34.78 16.85
CA THR C 14 34.17 -35.83 16.43
C THR C 14 32.71 -35.58 16.80
N ASP C 15 32.43 -34.70 17.78
CA ASP C 15 31.12 -34.64 18.45
C ASP C 15 30.20 -33.62 17.78
N TYR C 16 29.92 -33.87 16.50
CA TYR C 16 28.88 -33.14 15.77
C TYR C 16 28.31 -34.05 14.71
N ILE C 17 27.19 -33.63 14.15
CA ILE C 17 26.59 -34.31 13.02
C ILE C 17 26.05 -33.19 12.14
N VAL C 18 26.62 -33.05 10.93
CA VAL C 18 26.16 -32.03 9.97
C VAL C 18 26.25 -32.64 8.58
N LYS C 19 25.53 -32.05 7.63
CA LYS C 19 25.58 -32.60 6.27
C LYS C 19 26.99 -32.59 5.72
N ASP C 20 27.67 -31.44 5.73
CA ASP C 20 28.93 -31.33 4.98
C ASP C 20 29.80 -30.27 5.65
N ILE C 21 30.78 -30.75 6.41
CA ILE C 21 31.70 -29.83 7.08
C ILE C 21 32.37 -28.91 6.09
N ALA C 22 32.58 -29.33 4.84
CA ALA C 22 33.28 -28.47 3.87
C ALA C 22 32.57 -27.15 3.62
N LEU C 23 31.28 -27.09 3.94
CA LEU C 23 30.46 -25.91 3.77
C LEU C 23 30.76 -24.82 4.77
N ALA C 24 31.70 -25.06 5.68
CA ALA C 24 31.95 -24.13 6.78
C ALA C 24 32.44 -22.77 6.27
N ASP C 25 33.31 -22.75 5.26
CA ASP C 25 33.79 -21.44 4.81
C ASP C 25 32.65 -20.62 4.23
N PHE C 26 31.78 -21.26 3.44
CA PHE C 26 30.60 -20.57 2.96
C PHE C 26 29.75 -20.06 4.13
N GLY C 27 29.65 -20.88 5.17
CA GLY C 27 28.85 -20.49 6.32
C GLY C 27 29.51 -19.35 7.07
N ARG C 28 30.84 -19.41 7.23
CA ARG C 28 31.56 -18.30 7.83
C ARG C 28 31.33 -17.00 7.05
N LYS C 29 31.36 -17.08 5.71
CA LYS C 29 31.08 -15.90 4.90
C LYS C 29 29.70 -15.31 5.23
N GLU C 30 28.67 -16.14 5.22
CA GLU C 30 27.37 -15.56 5.47
C GLU C 30 27.23 -15.09 6.91
N ILE C 31 27.91 -15.75 7.86
CA ILE C 31 27.85 -15.27 9.24
C ILE C 31 28.48 -13.89 9.36
N SER C 32 29.62 -13.69 8.70
CA SER C 32 30.22 -12.35 8.70
C SER C 32 29.26 -11.29 8.20
N LEU C 33 28.54 -11.56 7.09
CA LEU C 33 27.58 -10.61 6.54
C LEU C 33 26.42 -10.41 7.50
N ALA C 34 25.97 -11.51 8.12
CA ALA C 34 24.89 -11.41 9.10
C ALA C 34 25.31 -10.54 10.29
N GLU C 35 26.58 -10.65 10.76
CA GLU C 35 27.00 -9.85 11.92
C GLU C 35 26.67 -8.36 11.72
N THR C 36 26.97 -7.86 10.52
CA THR C 36 26.72 -6.47 10.15
C THR C 36 25.23 -6.16 10.23
N GLU C 37 24.38 -7.15 9.98
CA GLU C 37 22.94 -6.98 10.06
C GLU C 37 22.38 -7.25 11.44
N MET C 38 23.18 -7.72 12.39
CA MET C 38 22.69 -7.98 13.75
C MET C 38 23.37 -7.11 14.81
N PRO C 39 23.05 -5.80 14.88
CA PRO C 39 23.72 -4.94 15.87
C PRO C 39 23.30 -5.25 17.29
N GLY C 40 22.08 -5.68 17.54
CA GLY C 40 21.75 -6.08 18.91
C GLY C 40 22.74 -7.10 19.45
N LEU C 41 22.98 -8.15 18.68
CA LEU C 41 23.86 -9.24 19.10
C LEU C 41 25.30 -8.77 19.26
N MET C 42 25.80 -8.01 18.28
CA MET C 42 27.18 -7.51 18.36
C MET C 42 27.36 -6.52 19.50
N ALA C 43 26.38 -5.64 19.71
CA ALA C 43 26.48 -4.73 20.85
C ALA C 43 26.42 -5.49 22.16
N THR C 44 25.60 -6.55 22.20
CA THR C 44 25.54 -7.42 23.37
C THR C 44 26.91 -8.06 23.64
N ARG C 45 27.60 -8.52 22.59
CA ARG C 45 28.93 -9.12 22.76
C ARG C 45 29.89 -8.14 23.41
N GLU C 46 29.88 -6.89 22.96
CA GLU C 46 30.84 -5.92 23.47
C GLU C 46 30.51 -5.52 24.91
N GLU C 47 29.21 -5.36 25.23
CA GLU C 47 28.78 -5.07 26.58
C GLU C 47 29.18 -6.20 27.53
N TYR C 48 28.71 -7.42 27.24
CA TYR C 48 28.87 -8.52 28.18
C TYR C 48 30.07 -9.40 27.95
N GLY C 49 30.67 -9.40 26.75
CA GLY C 49 31.89 -10.13 26.53
C GLY C 49 32.82 -9.93 27.70
N PRO C 50 33.16 -8.64 27.95
CA PRO C 50 34.03 -8.31 29.10
C PRO C 50 33.56 -8.86 30.43
N LYS C 51 32.26 -9.02 30.62
CA LYS C 51 31.72 -9.33 31.93
C LYS C 51 31.47 -10.82 32.12
N GLN C 52 31.53 -11.62 31.06
CA GLN C 52 31.39 -13.09 31.07
C GLN C 52 30.23 -13.55 31.90
N PRO C 53 29.02 -13.08 31.71
CA PRO C 53 27.90 -13.43 32.60
C PRO C 53 27.42 -14.86 32.40
N LEU C 54 27.78 -15.50 31.31
CA LEU C 54 27.38 -16.87 31.06
C LEU C 54 28.50 -17.85 31.31
N LYS C 55 29.62 -17.38 31.86
CA LYS C 55 30.72 -18.22 32.30
C LYS C 55 30.20 -19.27 33.26
N GLY C 56 30.31 -20.54 32.87
CA GLY C 56 29.75 -21.63 33.66
C GLY C 56 28.40 -22.14 33.16
N ALA C 57 27.79 -21.44 32.21
CA ALA C 57 26.59 -21.92 31.54
C ALA C 57 26.92 -23.09 30.62
N ARG C 58 26.07 -24.11 30.65
CA ARG C 58 26.05 -25.20 29.67
C ARG C 58 24.69 -25.15 29.02
N ILE C 59 24.61 -24.46 27.90
CA ILE C 59 23.35 -24.14 27.25
C ILE C 59 23.08 -25.22 26.22
N ALA C 60 22.04 -26.03 26.47
CA ALA C 60 21.46 -26.89 25.43
C ALA C 60 20.50 -26.03 24.61
N GLY C 61 20.78 -25.92 23.30
CA GLY C 61 20.00 -25.09 22.43
C GLY C 61 19.26 -25.96 21.42
N SER C 62 17.96 -25.79 21.35
CA SER C 62 17.15 -26.46 20.34
C SER C 62 16.43 -25.37 19.56
N LEU C 63 17.00 -24.95 18.44
CA LEU C 63 16.39 -23.84 17.73
C LEU C 63 17.01 -23.80 16.34
N HIS C 64 16.18 -23.55 15.31
CA HIS C 64 16.58 -23.53 13.90
C HIS C 64 18.05 -23.17 13.64
N MET C 65 18.82 -24.14 13.13
CA MET C 65 20.26 -23.95 12.94
C MET C 65 20.50 -23.19 11.63
N THR C 66 20.09 -21.91 11.67
CA THR C 66 20.26 -20.97 10.57
C THR C 66 21.52 -20.12 10.79
N ILE C 67 21.85 -19.29 9.78
CA ILE C 67 22.94 -18.31 9.87
C ILE C 67 22.69 -17.36 11.05
N GLN C 68 21.45 -16.99 11.27
CA GLN C 68 21.14 -16.06 12.36
C GLN C 68 21.39 -16.72 13.70
N THR C 69 21.00 -18.01 13.81
CA THR C 69 21.29 -18.75 15.04
C THR C 69 22.79 -18.97 15.23
N ALA C 70 23.56 -19.13 14.17
CA ALA C 70 25.02 -19.25 14.37
C ALA C 70 25.55 -18.00 15.08
N VAL C 71 24.98 -16.82 14.74
CA VAL C 71 25.44 -15.54 15.32
C VAL C 71 25.06 -15.45 16.79
N LEU C 72 23.86 -15.95 17.12
CA LEU C 72 23.45 -16.09 18.52
C LEU C 72 24.39 -17.02 19.26
N ILE C 73 24.72 -18.16 18.64
CA ILE C 73 25.50 -19.18 19.29
C ILE C 73 26.83 -18.62 19.67
N GLU C 74 27.44 -17.85 18.77
CA GLU C 74 28.76 -17.35 19.08
C GLU C 74 28.70 -16.18 20.03
N THR C 75 27.54 -15.52 20.10
CA THR C 75 27.35 -14.49 21.12
C THR C 75 27.33 -15.14 22.48
N LEU C 76 26.54 -16.21 22.60
CA LEU C 76 26.53 -16.94 23.84
C LEU C 76 27.95 -17.37 24.22
N ALA C 77 28.68 -17.94 23.24
CA ALA C 77 30.03 -18.39 23.51
C ALA C 77 30.93 -17.21 23.85
N ALA C 78 30.67 -16.03 23.28
CA ALA C 78 31.48 -14.87 23.65
C ALA C 78 31.16 -14.36 25.06
N LEU C 79 29.97 -14.66 25.58
CA LEU C 79 29.60 -14.33 26.95
C LEU C 79 30.03 -15.39 27.96
N GLY C 80 30.72 -16.45 27.52
CA GLY C 80 31.28 -17.43 28.41
C GLY C 80 30.60 -18.79 28.36
N ALA C 81 29.53 -18.92 27.59
CA ALA C 81 28.72 -20.13 27.60
C ALA C 81 29.41 -21.31 26.91
N ASP C 82 29.25 -22.48 27.52
CA ASP C 82 29.53 -23.76 26.89
C ASP C 82 28.24 -24.25 26.25
N ILE C 83 28.34 -24.77 25.00
CA ILE C 83 27.19 -24.97 24.11
C ILE C 83 27.12 -26.37 23.51
N ARG C 84 25.89 -26.92 23.46
CA ARG C 84 25.50 -27.96 22.52
C ARG C 84 24.24 -27.46 21.82
N TRP C 85 24.08 -27.81 20.53
CA TRP C 85 22.96 -27.28 19.73
C TRP C 85 22.34 -28.31 18.79
N VAL C 86 21.01 -28.24 18.62
CA VAL C 86 20.26 -28.91 17.54
C VAL C 86 19.26 -27.94 16.91
N SER C 87 18.78 -28.30 15.71
CA SER C 87 17.69 -27.55 15.10
C SER C 87 16.39 -27.97 15.74
N CYS C 88 15.41 -27.07 15.74
CA CYS C 88 14.14 -27.47 16.32
C CYS C 88 13.14 -27.86 15.24
N ASN C 89 13.59 -28.00 14.00
CA ASN C 89 12.73 -28.39 12.87
C ASN C 89 13.57 -29.19 11.88
N ILE C 90 12.94 -30.21 11.26
CA ILE C 90 13.73 -31.13 10.44
C ILE C 90 14.16 -30.47 9.14
N TYR C 91 13.49 -29.38 8.71
CA TYR C 91 13.84 -28.74 7.44
C TYR C 91 14.46 -27.37 7.59
N SER C 92 14.74 -26.92 8.80
CA SER C 92 15.07 -25.51 8.91
C SER C 92 16.56 -25.24 8.98
N THR C 93 17.36 -26.28 9.22
CA THR C 93 18.78 -26.11 9.26
C THR C 93 19.26 -25.51 7.94
N GLN C 94 20.23 -24.59 8.03
CA GLN C 94 21.01 -24.11 6.88
C GLN C 94 22.38 -24.80 6.96
N ASP C 95 22.61 -25.75 6.04
CA ASP C 95 23.72 -26.68 6.25
C ASP C 95 25.07 -25.95 6.38
N HIS C 96 25.19 -24.76 5.81
CA HIS C 96 26.50 -24.12 5.89
C HIS C 96 26.66 -23.41 7.23
N ALA C 97 25.57 -22.89 7.78
CA ALA C 97 25.58 -22.43 9.17
C ALA C 97 25.98 -23.56 10.12
N ALA C 98 25.32 -24.72 10.02
CA ALA C 98 25.66 -25.83 10.89
C ALA C 98 27.13 -26.22 10.71
N ALA C 99 27.59 -26.30 9.43
CA ALA C 99 29.01 -26.62 9.16
C ALA C 99 29.92 -25.58 9.80
N ALA C 100 29.56 -24.32 9.72
CA ALA C 100 30.43 -23.31 10.36
C ALA C 100 30.52 -23.51 11.87
N ILE C 101 29.41 -23.86 12.53
CA ILE C 101 29.41 -24.02 13.98
C ILE C 101 30.25 -25.22 14.37
N ALA C 102 30.03 -26.34 13.67
CA ALA C 102 30.78 -27.56 13.94
C ALA C 102 32.26 -27.31 13.77
N ALA C 103 32.64 -26.54 12.75
CA ALA C 103 34.05 -26.31 12.51
C ALA C 103 34.63 -25.37 13.56
N ALA C 104 33.80 -24.69 14.32
CA ALA C 104 34.25 -23.84 15.42
C ALA C 104 34.38 -24.59 16.74
N GLY C 105 34.16 -25.90 16.77
CA GLY C 105 34.35 -26.67 17.99
C GLY C 105 33.14 -26.73 18.90
N ILE C 106 31.99 -26.28 18.43
CA ILE C 106 30.76 -26.39 19.19
C ILE C 106 29.99 -27.62 18.71
N PRO C 107 29.64 -28.56 19.58
CA PRO C 107 28.84 -29.70 19.15
C PRO C 107 27.52 -29.24 18.61
N VAL C 108 27.25 -29.61 17.36
CA VAL C 108 25.96 -29.31 16.76
C VAL C 108 25.48 -30.55 16.05
N PHE C 109 24.17 -30.84 16.15
CA PHE C 109 23.65 -32.02 15.47
C PHE C 109 22.46 -31.49 14.66
N ALA C 110 22.70 -31.16 13.41
CA ALA C 110 21.63 -30.51 12.67
C ALA C 110 21.84 -30.69 11.18
N VAL C 111 20.83 -31.25 10.50
CA VAL C 111 20.87 -31.55 9.08
C VAL C 111 19.55 -31.07 8.47
N LYS C 112 19.63 -30.34 7.36
CA LYS C 112 18.40 -29.95 6.66
C LYS C 112 17.83 -31.19 5.96
N GLY C 113 16.63 -31.60 6.38
CA GLY C 113 15.98 -32.81 5.93
C GLY C 113 16.35 -34.00 6.81
N GLU C 114 16.43 -33.81 8.12
CA GLU C 114 16.59 -34.97 8.97
C GLU C 114 15.28 -35.74 9.06
N THR C 115 15.38 -37.03 9.37
CA THR C 115 14.18 -37.80 9.62
C THR C 115 13.64 -37.50 11.01
N LEU C 116 12.38 -37.89 11.22
CA LEU C 116 11.79 -37.67 12.55
C LEU C 116 12.59 -38.39 13.63
N THR C 117 13.02 -39.63 13.35
CA THR C 117 13.79 -40.39 14.32
C THR C 117 15.14 -39.73 14.61
N GLU C 118 15.83 -39.27 13.54
CA GLU C 118 17.07 -38.52 13.75
C GLU C 118 16.83 -37.22 14.51
N TYR C 119 15.76 -36.49 14.15
CA TYR C 119 15.45 -35.28 14.87
C TYR C 119 15.45 -35.51 16.38
N TRP C 120 14.77 -36.57 16.84
CA TRP C 120 14.62 -36.79 18.28
C TRP C 120 15.88 -37.37 18.88
N ASP C 121 16.53 -38.25 18.14
CA ASP C 121 17.81 -38.74 18.62
C ASP C 121 18.77 -37.59 18.86
N TYR C 122 18.80 -36.60 17.96
CA TYR C 122 19.74 -35.49 18.12
C TYR C 122 19.39 -34.63 19.35
N THR C 123 18.09 -34.28 19.51
CA THR C 123 17.62 -33.63 20.74
C THR C 123 18.14 -34.34 21.99
N ALA C 124 18.05 -35.68 22.02
CA ALA C 124 18.61 -36.41 23.14
C ALA C 124 20.09 -36.08 23.31
N LYS C 125 20.84 -36.04 22.22
CA LYS C 125 22.27 -35.77 22.30
C LYS C 125 22.60 -34.46 23.04
N LEU C 126 21.65 -33.52 23.12
CA LEU C 126 21.94 -32.26 23.80
C LEU C 126 22.29 -32.45 25.27
N PHE C 127 21.74 -33.49 25.91
CA PHE C 127 21.85 -33.69 27.36
C PHE C 127 23.05 -34.52 27.80
N ASP C 128 23.70 -35.26 26.90
CA ASP C 128 24.97 -35.89 27.26
C ASP C 128 26.09 -34.90 27.02
N TRP C 129 26.39 -34.10 28.04
CA TRP C 129 27.38 -33.05 27.88
C TRP C 129 28.78 -33.62 27.67
N HIS C 130 29.59 -32.91 26.88
CA HIS C 130 30.98 -33.28 26.68
C HIS C 130 31.80 -33.12 27.96
N GLY C 131 32.56 -34.15 28.31
CA GLY C 131 33.23 -34.15 29.59
C GLY C 131 32.37 -34.64 30.74
N GLY C 132 31.13 -35.03 30.48
CA GLY C 132 30.26 -35.59 31.46
C GLY C 132 29.27 -34.58 32.00
N GLY C 133 28.21 -35.10 32.61
CA GLY C 133 27.20 -34.26 33.22
C GLY C 133 26.12 -33.87 32.22
N THR C 134 25.29 -32.91 32.63
CA THR C 134 24.10 -32.51 31.90
C THR C 134 24.27 -31.09 31.40
N PRO C 135 23.33 -30.53 30.63
CA PRO C 135 23.26 -29.07 30.49
C PRO C 135 22.90 -28.43 31.82
N ASN C 136 22.95 -27.08 31.90
CA ASN C 136 22.36 -26.40 33.05
C ASN C 136 21.50 -25.21 32.66
N MET C 137 21.27 -25.03 31.36
CA MET C 137 20.35 -24.05 30.82
C MET C 137 19.76 -24.64 29.56
N ILE C 138 18.53 -24.29 29.27
CA ILE C 138 17.95 -24.66 27.99
C ILE C 138 17.57 -23.38 27.27
N LEU C 139 17.89 -23.31 25.99
CA LEU C 139 17.40 -22.26 25.12
C LEU C 139 16.57 -22.98 24.07
N ASP C 140 15.26 -22.68 23.99
CA ASP C 140 14.31 -23.56 23.30
C ASP C 140 13.41 -22.79 22.34
N ASP C 141 13.08 -23.43 21.23
CA ASP C 141 12.13 -22.87 20.27
C ASP C 141 11.10 -23.95 19.93
N GLY C 142 9.87 -23.74 20.41
CA GLY C 142 8.80 -24.69 20.24
C GLY C 142 8.72 -25.69 21.37
N GLY C 143 9.72 -25.71 22.25
CA GLY C 143 9.69 -26.46 23.49
C GLY C 143 10.04 -27.93 23.38
N ASP C 144 10.68 -28.39 22.31
CA ASP C 144 10.90 -29.83 22.20
C ASP C 144 11.90 -30.33 23.24
N ALA C 145 13.01 -29.62 23.42
CA ALA C 145 14.00 -30.03 24.43
C ALA C 145 13.41 -30.00 25.84
N THR C 146 12.75 -28.90 26.20
CA THR C 146 12.07 -28.86 27.49
C THR C 146 11.09 -30.03 27.66
N MET C 147 10.36 -30.39 26.59
CA MET C 147 9.34 -31.43 26.66
C MET C 147 9.97 -32.81 26.84
N LEU C 148 11.13 -33.03 26.24
CA LEU C 148 11.82 -34.29 26.45
C LEU C 148 12.22 -34.43 27.91
N VAL C 149 12.70 -33.34 28.52
CA VAL C 149 13.09 -33.39 29.92
C VAL C 149 11.86 -33.67 30.78
N HIS C 150 10.72 -33.03 30.48
CA HIS C 150 9.53 -33.21 31.31
C HIS C 150 8.90 -34.58 31.15
N ALA C 151 8.83 -35.10 29.91
CA ALA C 151 8.29 -36.44 29.68
C ALA C 151 9.15 -37.52 30.34
N GLY C 152 10.48 -37.42 30.14
CA GLY C 152 11.40 -38.32 30.79
C GLY C 152 11.33 -38.26 32.31
N TYR C 153 11.04 -37.08 32.86
CA TYR C 153 10.97 -36.93 34.32
C TYR C 153 9.71 -37.57 34.86
N ARG C 154 8.62 -37.45 34.12
CA ARG C 154 7.33 -37.99 34.55
C ARG C 154 7.28 -39.52 34.42
N ALA C 155 7.82 -40.06 33.30
CA ALA C 155 7.99 -41.51 33.21
C ALA C 155 8.88 -42.03 34.34
N GLU C 156 9.91 -41.25 34.67
CA GLU C 156 10.89 -41.68 35.66
C GLU C 156 10.29 -41.69 37.05
N GLN C 157 9.36 -40.79 37.32
CA GLN C 157 8.68 -40.78 38.60
C GLN C 157 7.72 -41.95 38.75
N GLY C 158 7.40 -42.64 37.63
CA GLY C 158 6.69 -43.91 37.66
C GLY C 158 5.47 -43.96 36.78
N ASP C 159 5.12 -42.83 36.16
CA ASP C 159 3.91 -42.70 35.35
C ASP C 159 4.30 -42.98 33.90
N THR C 160 4.10 -44.22 33.46
CA THR C 160 4.69 -44.72 32.22
C THR C 160 3.67 -45.17 31.18
N ALA C 161 2.41 -45.34 31.56
CA ALA C 161 1.42 -45.84 30.63
C ALA C 161 1.23 -44.89 29.45
N PHE C 162 1.48 -43.60 29.68
CA PHE C 162 1.24 -42.62 28.64
C PHE C 162 2.17 -42.83 27.45
N LEU C 163 3.29 -43.52 27.63
CA LEU C 163 4.22 -43.70 26.51
C LEU C 163 3.71 -44.72 25.51
N ASP C 164 2.72 -45.49 25.88
CA ASP C 164 2.11 -46.47 25.00
C ASP C 164 0.85 -45.94 24.36
N LYS C 165 0.46 -44.71 24.69
CA LYS C 165 -0.72 -44.12 24.09
C LYS C 165 -0.43 -43.98 22.61
N PRO C 166 -1.25 -44.53 21.74
CA PRO C 166 -0.96 -44.41 20.31
C PRO C 166 -1.13 -42.97 19.86
N GLY C 167 -0.37 -42.60 18.85
CA GLY C 167 -0.43 -41.23 18.41
C GLY C 167 0.00 -41.15 16.97
N SER C 168 0.27 -39.92 16.52
CA SER C 168 0.85 -39.76 15.21
C SER C 168 2.24 -40.38 15.18
N GLU C 169 2.84 -40.35 13.99
CA GLU C 169 4.19 -40.90 13.81
C GLU C 169 5.19 -40.17 14.70
N GLU C 170 5.25 -38.86 14.59
CA GLU C 170 6.24 -38.18 15.40
C GLU C 170 6.00 -38.49 16.87
N GLU C 171 4.72 -38.56 17.27
CA GLU C 171 4.44 -38.76 18.68
C GLU C 171 4.92 -40.11 19.15
N GLU C 172 4.85 -41.14 18.28
CA GLU C 172 5.35 -42.48 18.62
C GLU C 172 6.89 -42.52 18.60
N ILE C 173 7.55 -41.81 17.67
CA ILE C 173 9.01 -41.65 17.74
C ILE C 173 9.41 -41.06 19.09
N PHE C 174 8.66 -40.05 19.56
CA PHE C 174 9.03 -39.39 20.81
C PHE C 174 8.88 -40.35 21.99
N TYR C 175 7.72 -41.03 22.10
CA TYR C 175 7.56 -42.01 23.14
C TYR C 175 8.67 -43.06 23.09
N ALA C 176 9.03 -43.51 21.88
CA ALA C 176 10.10 -44.49 21.74
C ALA C 176 11.44 -43.95 22.26
N LEU C 177 11.73 -42.69 21.96
CA LEU C 177 12.94 -42.06 22.45
C LEU C 177 12.98 -42.06 23.98
N VAL C 178 11.89 -41.61 24.63
CA VAL C 178 11.84 -41.64 26.08
C VAL C 178 12.04 -43.06 26.61
N LYS C 179 11.43 -44.06 25.97
CA LYS C 179 11.61 -45.44 26.43
C LYS C 179 13.09 -45.85 26.30
N ARG C 180 13.76 -45.41 25.22
CA ARG C 180 15.14 -45.82 25.01
C ARG C 180 16.06 -45.17 26.03
N LEU C 181 15.85 -43.88 26.29
CA LEU C 181 16.65 -43.19 27.29
C LEU C 181 16.46 -43.78 28.67
N LEU C 182 15.23 -44.26 28.99
CA LEU C 182 15.00 -44.82 30.32
C LEU C 182 15.71 -46.15 30.45
N LYS C 183 15.60 -46.96 29.40
CA LYS C 183 16.32 -48.23 29.31
C LYS C 183 17.84 -48.06 29.30
N GLU C 184 18.34 -46.94 28.76
CA GLU C 184 19.78 -46.76 28.50
C GLU C 184 20.48 -45.83 29.50
N LYS C 185 19.88 -44.73 29.90
CA LYS C 185 20.60 -43.88 30.82
C LYS C 185 20.50 -44.45 32.23
N PRO C 186 21.36 -44.01 33.15
CA PRO C 186 21.28 -44.50 34.55
C PRO C 186 19.98 -44.10 35.24
N LYS C 187 19.64 -44.87 36.28
CA LYS C 187 18.48 -44.57 37.10
C LYS C 187 18.45 -43.08 37.45
N GLY C 188 17.31 -42.43 37.21
CA GLY C 188 17.16 -41.04 37.60
C GLY C 188 17.88 -40.02 36.76
N TRP C 189 18.18 -40.34 35.50
CA TRP C 189 18.85 -39.39 34.61
C TRP C 189 18.04 -38.10 34.44
N PHE C 190 16.72 -38.23 34.21
CA PHE C 190 15.90 -37.06 33.94
C PHE C 190 15.79 -36.14 35.15
N ALA C 191 15.64 -36.73 36.35
CA ALA C 191 15.66 -35.92 37.57
C ALA C 191 17.01 -35.24 37.73
N GLU C 192 18.10 -35.92 37.33
CA GLU C 192 19.42 -35.29 37.39
C GLU C 192 19.49 -34.07 36.48
N ILE C 193 18.95 -34.19 35.27
CA ILE C 193 18.92 -33.06 34.36
C ILE C 193 18.03 -31.96 34.91
N ALA C 194 16.76 -32.31 35.20
CA ALA C 194 15.80 -31.33 35.71
C ALA C 194 16.39 -30.52 36.85
N LYS C 195 17.11 -31.20 37.75
CA LYS C 195 17.77 -30.55 38.89
C LYS C 195 18.75 -29.46 38.46
N ASN C 196 19.54 -29.73 37.41
CA ASN C 196 20.64 -28.87 37.00
C ASN C 196 20.21 -27.76 36.06
N ILE C 197 19.09 -27.92 35.36
CA ILE C 197 18.56 -26.86 34.50
C ILE C 197 18.09 -25.70 35.36
N LYS C 198 18.77 -24.56 35.23
CA LYS C 198 18.44 -23.38 36.03
C LYS C 198 17.31 -22.54 35.42
N GLY C 199 17.02 -22.75 34.15
CA GLY C 199 16.02 -21.95 33.44
C GLY C 199 15.96 -22.38 31.99
N VAL C 200 14.83 -22.06 31.37
CA VAL C 200 14.67 -22.23 29.94
C VAL C 200 14.12 -20.91 29.40
N SER C 201 14.69 -20.43 28.29
CA SER C 201 14.11 -19.28 27.59
C SER C 201 13.50 -19.84 26.32
N GLU C 202 12.26 -19.44 26.03
CA GLU C 202 11.47 -20.03 24.95
C GLU C 202 11.15 -19.00 23.88
N GLU C 203 11.39 -19.39 22.64
CA GLU C 203 11.39 -18.42 21.55
C GLU C 203 9.99 -18.05 21.08
N THR C 204 9.04 -19.01 21.11
CA THR C 204 7.87 -18.86 20.24
C THR C 204 6.53 -19.14 20.93
N THR C 205 5.46 -18.60 20.31
CA THR C 205 4.13 -18.60 20.89
C THR C 205 3.71 -20.00 21.33
N THR C 206 3.82 -20.97 20.43
CA THR C 206 3.42 -22.34 20.76
C THR C 206 4.18 -22.88 21.98
N GLY C 207 5.51 -22.78 21.97
CA GLY C 207 6.28 -23.33 23.08
C GLY C 207 5.95 -22.62 24.37
N VAL C 208 5.74 -21.30 24.29
CA VAL C 208 5.41 -20.47 25.45
C VAL C 208 4.04 -20.85 25.99
N HIS C 209 3.10 -21.24 25.11
CA HIS C 209 1.81 -21.70 25.61
CA HIS C 209 1.80 -21.71 25.60
C HIS C 209 1.96 -22.99 26.42
N ARG C 210 2.74 -23.95 25.90
CA ARG C 210 3.04 -25.17 26.65
C ARG C 210 3.60 -24.85 28.03
N LEU C 211 4.50 -23.86 28.13
CA LEU C 211 5.10 -23.53 29.42
C LEU C 211 4.06 -23.02 30.41
N TYR C 212 3.12 -22.18 29.96
CA TYR C 212 2.10 -21.66 30.87
C TYR C 212 1.14 -22.74 31.35
N GLU C 213 0.80 -23.70 30.46
CA GLU C 213 -0.08 -24.81 30.83
C GLU C 213 0.59 -25.68 31.89
N MET C 214 1.92 -25.87 31.79
CA MET C 214 2.64 -26.64 32.80
C MET C 214 2.82 -25.83 34.07
N ALA C 215 3.12 -24.53 33.96
CA ALA C 215 3.15 -23.73 35.18
C ALA C 215 1.78 -23.72 35.85
N ASN C 216 0.70 -23.79 35.05
CA ASN C 216 -0.64 -23.78 35.61
C ASN C 216 -0.98 -25.09 36.32
N LYS C 217 -0.52 -26.22 35.80
CA LYS C 217 -0.73 -27.51 36.44
C LYS C 217 0.29 -27.79 37.55
N GLY C 218 1.17 -26.83 37.85
CA GLY C 218 2.25 -27.06 38.78
C GLY C 218 3.31 -28.02 38.29
N THR C 219 3.33 -28.32 36.97
CA THR C 219 4.12 -29.41 36.39
C THR C 219 5.39 -28.94 35.68
N LEU C 220 5.65 -27.63 35.65
CA LEU C 220 6.89 -27.08 35.10
C LEU C 220 8.13 -27.17 35.97
N LEU C 221 9.24 -27.67 35.49
CA LEU C 221 10.28 -28.20 36.36
C LEU C 221 11.34 -27.19 36.74
N PHE C 222 11.40 -26.06 36.05
CA PHE C 222 12.36 -24.99 36.31
C PHE C 222 11.78 -23.70 35.75
N PRO C 223 12.31 -22.54 36.14
CA PRO C 223 11.73 -21.28 35.65
C PRO C 223 11.93 -21.12 34.17
N ALA C 224 11.10 -20.24 33.61
CA ALA C 224 10.97 -20.04 32.18
C ALA C 224 10.84 -18.54 31.93
N ILE C 225 11.56 -18.04 30.93
CA ILE C 225 11.36 -16.69 30.43
C ILE C 225 10.71 -16.84 29.07
N ASN C 226 9.56 -16.21 28.92
CA ASN C 226 8.83 -16.08 27.67
C ASN C 226 9.55 -15.03 26.84
N VAL C 227 10.46 -15.47 25.96
CA VAL C 227 11.10 -14.50 25.07
C VAL C 227 10.12 -14.04 24.01
N ASN C 228 9.13 -14.89 23.68
CA ASN C 228 8.26 -14.59 22.56
C ASN C 228 7.51 -13.27 22.73
N ASP C 229 7.04 -13.01 23.96
CA ASP C 229 6.21 -11.87 24.22
C ASP C 229 6.99 -10.68 24.78
N SER C 230 8.31 -10.63 24.58
CA SER C 230 8.95 -9.33 24.49
C SER C 230 8.29 -8.59 23.35
N VAL C 231 8.02 -7.29 23.53
CA VAL C 231 7.43 -6.52 22.44
C VAL C 231 8.38 -6.52 21.25
N THR C 232 9.69 -6.46 21.53
CA THR C 232 10.68 -6.46 20.48
C THR C 232 10.90 -7.83 19.91
N LYS C 233 10.11 -8.82 20.33
CA LYS C 233 10.08 -10.11 19.63
C LYS C 233 8.73 -10.27 18.93
N SER C 234 7.65 -10.51 19.70
CA SER C 234 6.30 -10.66 19.13
C SER C 234 5.88 -9.65 18.05
N LYS C 235 6.14 -8.36 18.23
CA LYS C 235 5.65 -7.37 17.29
CA LYS C 235 5.66 -7.34 17.31
C LYS C 235 6.68 -7.00 16.24
N PHE C 236 7.78 -7.73 16.16
CA PHE C 236 8.74 -7.52 15.08
C PHE C 236 9.02 -8.83 14.33
N ASP C 237 9.62 -9.80 15.01
CA ASP C 237 9.82 -11.15 14.44
C ASP C 237 8.53 -11.74 13.92
N ASN C 238 7.55 -11.97 14.81
CA ASN C 238 6.35 -12.68 14.36
C ASN C 238 5.63 -11.90 13.28
N LEU C 239 5.70 -10.58 13.34
CA LEU C 239 4.98 -9.70 12.41
C LEU C 239 5.80 -9.41 11.15
N TYR C 240 6.88 -8.65 11.31
CA TYR C 240 7.67 -8.26 10.16
C TYR C 240 8.57 -9.38 9.67
N GLY C 241 9.10 -10.22 10.56
CA GLY C 241 9.78 -11.43 10.08
C GLY C 241 8.96 -12.15 9.02
N CYS C 242 7.71 -12.48 9.37
CA CYS C 242 6.89 -13.27 8.46
C CYS C 242 6.50 -12.46 7.26
N ARG C 243 6.28 -11.18 7.47
CA ARG C 243 6.03 -10.32 6.33
C ARG C 243 7.17 -10.41 5.33
N GLU C 244 8.40 -10.63 5.79
CA GLU C 244 9.49 -10.75 4.81
C GLU C 244 9.64 -12.20 4.31
N SER C 245 9.56 -13.18 5.20
CA SER C 245 10.02 -14.52 4.90
C SER C 245 8.89 -15.43 4.37
N LEU C 246 7.60 -15.10 4.56
CA LEU C 246 6.57 -16.03 4.06
C LEU C 246 6.58 -16.05 2.53
N VAL C 247 6.47 -14.87 1.92
CA VAL C 247 6.49 -14.86 0.46
C VAL C 247 7.84 -15.34 -0.10
N ASP C 248 8.93 -15.09 0.60
CA ASP C 248 10.21 -15.69 0.18
C ASP C 248 10.07 -17.20 0.09
N GLY C 249 9.47 -17.82 1.10
CA GLY C 249 9.32 -19.26 1.03
C GLY C 249 8.49 -19.70 -0.16
N ILE C 250 7.34 -19.10 -0.34
CA ILE C 250 6.45 -19.47 -1.45
C ILE C 250 7.11 -19.25 -2.81
N ARG C 251 7.79 -18.10 -3.00
CA ARG C 251 8.42 -17.89 -4.30
C ARG C 251 9.48 -18.93 -4.57
N ARG C 252 10.34 -19.26 -3.56
CA ARG C 252 11.42 -20.20 -3.86
C ARG C 252 10.87 -21.60 -4.09
N GLY C 253 9.81 -21.95 -3.37
CA GLY C 253 9.19 -23.24 -3.61
C GLY C 253 8.49 -23.35 -4.96
N THR C 254 7.87 -22.27 -5.45
CA THR C 254 6.94 -22.41 -6.57
C THR C 254 7.18 -21.46 -7.72
N ASP C 255 7.83 -20.33 -7.45
CA ASP C 255 8.10 -19.37 -8.48
C ASP C 255 6.80 -18.91 -9.13
N VAL C 256 5.70 -18.89 -8.38
CA VAL C 256 4.42 -18.50 -8.95
C VAL C 256 4.29 -16.98 -9.00
N MET C 257 3.54 -16.45 -9.95
CA MET C 257 3.15 -15.02 -9.92
C MET C 257 2.10 -14.80 -8.82
N LEU C 258 2.37 -13.85 -7.91
CA LEU C 258 1.44 -13.54 -6.83
C LEU C 258 0.43 -12.47 -7.22
N SER C 259 0.83 -11.53 -8.07
CA SER C 259 -0.09 -10.52 -8.60
C SER C 259 -1.18 -11.22 -9.36
N GLY C 260 -2.44 -10.89 -9.04
CA GLY C 260 -3.59 -11.56 -9.66
C GLY C 260 -4.08 -12.79 -8.89
N LYS C 261 -3.37 -13.25 -7.86
CA LYS C 261 -3.78 -14.43 -7.15
C LYS C 261 -4.61 -14.05 -5.92
N VAL C 262 -5.39 -15.01 -5.43
CA VAL C 262 -6.14 -14.88 -4.21
C VAL C 262 -5.41 -15.74 -3.21
N ALA C 263 -5.14 -15.19 -2.02
CA ALA C 263 -4.51 -15.95 -0.95
C ALA C 263 -5.41 -15.99 0.26
N MET C 264 -5.28 -17.07 1.03
CA MET C 264 -6.08 -17.27 2.25
C MET C 264 -5.12 -17.47 3.40
N VAL C 265 -5.26 -16.68 4.43
CA VAL C 265 -4.46 -16.81 5.63
C VAL C 265 -5.40 -17.17 6.76
N ALA C 266 -5.11 -18.28 7.42
CA ALA C 266 -5.88 -18.63 8.60
C ALA C 266 -5.14 -18.07 9.79
N GLY C 267 -5.78 -17.17 10.52
CA GLY C 267 -5.27 -16.67 11.78
C GLY C 267 -4.85 -15.22 11.55
N PHE C 268 -5.18 -14.38 12.50
CA PHE C 268 -4.72 -13.00 12.32
C PHE C 268 -4.14 -12.52 13.63
N GLY C 269 -3.32 -13.35 14.27
CA GLY C 269 -2.46 -12.92 15.35
C GLY C 269 -1.25 -12.22 14.74
N ASP C 270 -0.14 -12.20 15.48
CA ASP C 270 1.05 -11.52 14.99
C ASP C 270 1.56 -12.18 13.71
N VAL C 271 1.58 -13.52 13.67
CA VAL C 271 2.07 -14.21 12.49
C VAL C 271 1.10 -14.06 11.32
N GLY C 272 -0.22 -14.21 11.58
CA GLY C 272 -1.20 -14.03 10.51
C GLY C 272 -1.19 -12.61 9.95
N LYS C 273 -1.02 -11.62 10.82
CA LYS C 273 -0.94 -10.25 10.35
C LYS C 273 0.26 -10.09 9.40
N GLY C 274 1.41 -10.62 9.80
CA GLY C 274 2.61 -10.43 8.97
C GLY C 274 2.50 -11.22 7.69
N SER C 275 1.87 -12.40 7.77
CA SER C 275 1.68 -13.30 6.63
C SER C 275 0.72 -12.68 5.61
N ALA C 276 -0.49 -12.35 6.06
CA ALA C 276 -1.41 -11.56 5.23
C ALA C 276 -0.67 -10.39 4.58
N ALA C 277 0.13 -9.66 5.36
CA ALA C 277 0.81 -8.50 4.76
C ALA C 277 1.81 -8.95 3.73
N SER C 278 2.52 -10.05 4.00
CA SER C 278 3.51 -10.52 3.03
C SER C 278 2.85 -10.77 1.68
N LEU C 279 1.71 -11.43 1.69
CA LEU C 279 1.06 -11.84 0.46
C LEU C 279 0.41 -10.64 -0.22
N ARG C 280 -0.21 -9.77 0.59
CA ARG C 280 -0.82 -8.58 -0.01
C ARG C 280 0.24 -7.64 -0.57
N GLN C 281 1.37 -7.46 0.13
CA GLN C 281 2.41 -6.61 -0.45
C GLN C 281 2.95 -7.22 -1.74
N ALA C 282 3.02 -8.54 -1.80
CA ALA C 282 3.52 -9.25 -2.99
C ALA C 282 2.49 -9.26 -4.13
N GLY C 283 1.30 -8.74 -3.90
CA GLY C 283 0.31 -8.51 -4.93
C GLY C 283 -0.93 -9.38 -4.85
N CYS C 284 -1.02 -10.30 -3.89
CA CYS C 284 -2.24 -11.12 -3.76
C CYS C 284 -3.40 -10.32 -3.19
N ARG C 285 -4.60 -10.69 -3.61
CA ARG C 285 -5.81 -10.26 -2.89
CA ARG C 285 -5.81 -10.27 -2.91
C ARG C 285 -6.02 -11.28 -1.78
N VAL C 286 -6.01 -10.81 -0.51
CA VAL C 286 -5.88 -11.71 0.66
C VAL C 286 -7.20 -11.87 1.40
N MET C 287 -7.61 -13.11 1.64
CA MET C 287 -8.68 -13.34 2.61
C MET C 287 -8.11 -13.97 3.89
N VAL C 288 -8.82 -13.81 5.02
CA VAL C 288 -8.35 -14.21 6.34
C VAL C 288 -9.45 -14.97 7.07
N SER C 289 -9.11 -16.00 7.86
CA SER C 289 -10.10 -16.50 8.81
C SER C 289 -9.63 -16.22 10.23
N GLU C 290 -10.59 -16.07 11.15
CA GLU C 290 -10.28 -15.92 12.57
C GLU C 290 -11.43 -16.46 13.40
N VAL C 291 -11.09 -16.87 14.62
CA VAL C 291 -12.06 -17.26 15.64
C VAL C 291 -12.20 -16.17 16.68
N ASP C 292 -11.27 -15.22 16.69
CA ASP C 292 -11.24 -14.14 17.67
C ASP C 292 -11.92 -12.94 17.03
N PRO C 293 -13.07 -12.48 17.55
CA PRO C 293 -13.75 -11.36 16.90
C PRO C 293 -12.94 -10.03 16.91
N ILE C 294 -12.09 -9.78 17.91
CA ILE C 294 -11.25 -8.56 17.81
C ILE C 294 -10.21 -8.67 16.67
N CYS C 295 -9.57 -9.85 16.50
CA CYS C 295 -8.58 -9.99 15.43
C CYS C 295 -9.28 -10.00 14.09
N ALA C 296 -10.47 -10.60 14.02
CA ALA C 296 -11.24 -10.56 12.79
C ALA C 296 -11.58 -9.14 12.42
N LEU C 297 -11.91 -8.32 13.43
CA LEU C 297 -12.28 -6.95 13.14
C LEU C 297 -11.04 -6.17 12.72
N GLN C 298 -9.89 -6.48 13.33
CA GLN C 298 -8.65 -5.92 12.80
C GLN C 298 -8.46 -6.29 11.33
N ALA C 299 -8.62 -7.58 10.97
CA ALA C 299 -8.38 -7.93 9.57
C ALA C 299 -9.29 -7.11 8.67
N ALA C 300 -10.56 -6.99 9.05
CA ALA C 300 -11.54 -6.34 8.19
C ALA C 300 -11.21 -4.86 8.02
N MET C 301 -10.79 -4.22 9.09
CA MET C 301 -10.41 -2.82 9.04
C MET C 301 -9.16 -2.62 8.22
N GLU C 302 -8.34 -3.65 8.05
CA GLU C 302 -7.19 -3.57 7.16
C GLU C 302 -7.54 -3.88 5.72
N GLY C 303 -8.82 -4.09 5.43
CA GLY C 303 -9.24 -4.35 4.08
C GLY C 303 -9.16 -5.80 3.64
N TYR C 304 -8.97 -6.75 4.57
CA TYR C 304 -9.01 -8.15 4.20
C TYR C 304 -10.45 -8.65 4.27
N GLU C 305 -10.87 -9.44 3.29
CA GLU C 305 -12.14 -10.16 3.42
C GLU C 305 -12.00 -11.27 4.44
N VAL C 306 -12.89 -11.35 5.44
CA VAL C 306 -12.74 -12.35 6.48
C VAL C 306 -13.81 -13.41 6.26
N VAL C 307 -13.37 -14.67 6.06
CA VAL C 307 -14.19 -15.78 5.56
C VAL C 307 -13.81 -17.04 6.31
N THR C 308 -14.66 -18.07 6.18
CA THR C 308 -14.32 -19.37 6.73
C THR C 308 -13.46 -20.11 5.71
N MET C 309 -12.77 -21.14 6.20
CA MET C 309 -11.96 -21.96 5.31
C MET C 309 -12.86 -22.69 4.30
N GLU C 310 -14.06 -23.07 4.72
CA GLU C 310 -14.98 -23.67 3.77
C GLU C 310 -15.25 -22.72 2.62
N ASP C 311 -15.46 -21.44 2.92
CA ASP C 311 -15.66 -20.42 1.89
CA ASP C 311 -15.69 -20.50 1.84
C ASP C 311 -14.42 -20.30 1.02
N ALA C 312 -13.25 -20.29 1.66
CA ALA C 312 -12.05 -19.99 0.88
C ALA C 312 -11.64 -21.16 0.02
N ALA C 313 -11.94 -22.39 0.49
CA ALA C 313 -11.35 -23.59 -0.11
C ALA C 313 -11.47 -23.58 -1.64
N PRO C 314 -12.65 -23.36 -2.25
CA PRO C 314 -12.68 -23.40 -3.73
C PRO C 314 -12.18 -22.14 -4.42
N ARG C 315 -11.84 -21.09 -3.69
CA ARG C 315 -11.55 -19.79 -4.29
C ARG C 315 -10.07 -19.48 -4.32
N ALA C 316 -9.34 -19.76 -3.25
CA ALA C 316 -8.00 -19.20 -3.16
C ALA C 316 -7.03 -20.00 -4.04
N ASP C 317 -6.00 -19.29 -4.53
CA ASP C 317 -4.87 -19.92 -5.21
C ASP C 317 -3.79 -20.38 -4.25
N ILE C 318 -3.76 -19.81 -3.05
CA ILE C 318 -2.69 -20.01 -2.10
C ILE C 318 -3.31 -19.98 -0.71
N PHE C 319 -2.93 -20.95 0.12
CA PHE C 319 -3.43 -21.11 1.46
C PHE C 319 -2.24 -21.12 2.41
N VAL C 320 -2.31 -20.35 3.49
CA VAL C 320 -1.29 -20.33 4.53
C VAL C 320 -1.94 -20.47 5.89
N THR C 321 -1.50 -21.46 6.69
CA THR C 321 -1.99 -21.59 8.07
C THR C 321 -1.08 -20.82 8.98
N ALA C 322 -1.67 -20.03 9.91
CA ALA C 322 -0.84 -19.17 10.75
C ALA C 322 -1.41 -19.07 12.14
N THR C 323 -1.92 -20.19 12.67
CA THR C 323 -2.78 -20.13 13.84
C THR C 323 -2.11 -20.58 15.10
N GLY C 324 -1.09 -21.41 15.02
CA GLY C 324 -0.75 -22.13 16.23
C GLY C 324 -1.76 -23.22 16.60
N ASN C 325 -2.76 -23.45 15.80
CA ASN C 325 -3.78 -24.44 16.22
C ASN C 325 -3.69 -25.67 15.33
N LYS C 326 -4.59 -26.66 15.54
CA LYS C 326 -4.58 -27.85 14.71
C LYS C 326 -5.83 -27.94 13.84
N ASP C 327 -5.70 -28.70 12.74
CA ASP C 327 -6.84 -29.08 11.89
C ASP C 327 -7.47 -27.85 11.21
N ILE C 328 -6.62 -26.95 10.75
CA ILE C 328 -7.08 -25.72 10.12
C ILE C 328 -7.48 -25.95 8.67
N ILE C 329 -6.63 -26.66 7.90
CA ILE C 329 -6.93 -27.01 6.52
C ILE C 329 -7.05 -28.51 6.46
N THR C 330 -8.24 -29.01 6.11
CA THR C 330 -8.55 -30.42 6.32
C THR C 330 -8.67 -31.10 4.99
N ILE C 331 -8.88 -32.43 5.01
CA ILE C 331 -9.00 -33.15 3.74
C ILE C 331 -10.16 -32.57 2.92
N GLU C 332 -11.26 -32.22 3.57
CA GLU C 332 -12.37 -31.82 2.72
C GLU C 332 -12.16 -30.43 2.15
N HIS C 333 -11.42 -29.53 2.82
CA HIS C 333 -11.00 -28.29 2.15
C HIS C 333 -10.15 -28.57 0.93
N MET C 334 -9.04 -29.32 1.11
CA MET C 334 -8.15 -29.65 0.01
C MET C 334 -8.90 -30.36 -1.11
N ARG C 335 -9.93 -31.15 -0.80
CA ARG C 335 -10.70 -31.77 -1.88
C ARG C 335 -11.38 -30.74 -2.76
N ALA C 336 -11.69 -29.58 -2.20
CA ALA C 336 -12.46 -28.54 -2.86
C ALA C 336 -11.57 -27.55 -3.58
N MET C 337 -10.26 -27.61 -3.35
CA MET C 337 -9.41 -26.58 -3.88
C MET C 337 -9.32 -26.70 -5.38
N LYS C 338 -9.01 -25.60 -6.03
CA LYS C 338 -8.71 -25.66 -7.43
C LYS C 338 -7.42 -26.48 -7.69
N ASP C 339 -7.36 -27.05 -8.86
CA ASP C 339 -6.20 -27.80 -9.26
C ASP C 339 -4.94 -26.95 -9.13
N ARG C 340 -3.95 -27.51 -8.43
CA ARG C 340 -2.64 -26.87 -8.28
C ARG C 340 -2.70 -25.65 -7.37
N ALA C 341 -3.69 -25.61 -6.49
CA ALA C 341 -3.61 -24.68 -5.35
C ALA C 341 -2.36 -24.97 -4.51
N ILE C 342 -1.77 -23.92 -3.97
CA ILE C 342 -0.56 -24.02 -3.15
C ILE C 342 -0.96 -23.96 -1.68
N VAL C 343 -0.44 -24.90 -0.88
CA VAL C 343 -0.82 -25.01 0.53
C VAL C 343 0.45 -25.07 1.37
N CYS C 344 0.51 -24.26 2.43
CA CYS C 344 1.68 -24.26 3.30
C CYS C 344 1.27 -23.79 4.69
N ASN C 345 2.24 -23.88 5.62
CA ASN C 345 2.06 -23.61 7.05
C ASN C 345 3.22 -22.76 7.54
N ILE C 346 2.89 -21.65 8.18
CA ILE C 346 3.94 -20.86 8.81
C ILE C 346 3.75 -20.81 10.31
N GLY C 347 2.87 -21.66 10.84
CA GLY C 347 2.61 -21.57 12.26
C GLY C 347 3.37 -22.61 13.08
N HIS C 348 2.89 -23.83 13.14
CA HIS C 348 3.59 -24.74 14.02
C HIS C 348 3.42 -26.18 13.55
N PHE C 349 4.43 -26.96 13.89
CA PHE C 349 4.40 -28.39 13.72
C PHE C 349 3.93 -28.74 12.31
N ASP C 350 3.15 -29.78 12.18
CA ASP C 350 2.69 -30.09 10.83
C ASP C 350 1.22 -30.43 10.87
N ASN C 351 0.55 -30.00 11.93
CA ASN C 351 -0.82 -30.41 12.12
C ASN C 351 -1.79 -29.26 11.89
N GLU C 352 -1.30 -28.07 11.49
CA GLU C 352 -2.25 -27.06 11.03
C GLU C 352 -2.98 -27.54 9.78
N ILE C 353 -2.24 -28.17 8.85
CA ILE C 353 -2.79 -28.85 7.69
C ILE C 353 -2.94 -30.34 8.02
N GLN C 354 -4.00 -30.99 7.52
CA GLN C 354 -4.16 -32.44 7.77
C GLN C 354 -3.22 -33.30 6.91
N ILE C 355 -1.90 -33.13 7.12
CA ILE C 355 -0.93 -33.84 6.31
C ILE C 355 -1.14 -35.34 6.41
N ALA C 356 -1.42 -35.85 7.60
CA ALA C 356 -1.54 -37.31 7.75
C ALA C 356 -2.67 -37.87 6.90
N SER C 357 -3.73 -37.11 6.70
CA SER C 357 -4.83 -37.68 5.94
C SER C 357 -4.54 -37.67 4.45
N LEU C 358 -3.40 -37.07 4.03
CA LEU C 358 -2.96 -37.03 2.64
C LEU C 358 -2.05 -38.20 2.26
N ARG C 359 -1.58 -38.97 3.23
CA ARG C 359 -0.49 -39.89 2.99
C ARG C 359 -0.92 -41.11 2.23
N ASN C 360 -2.19 -41.27 1.86
CA ASN C 360 -2.49 -42.33 0.93
C ASN C 360 -2.95 -41.83 -0.43
N LEU C 361 -2.63 -40.58 -0.76
CA LEU C 361 -2.68 -40.10 -2.13
C LEU C 361 -1.30 -40.23 -2.79
N LYS C 362 -1.28 -40.09 -4.11
CA LYS C 362 -0.03 -40.01 -4.87
C LYS C 362 0.66 -38.68 -4.59
N TRP C 363 1.85 -38.75 -3.97
CA TRP C 363 2.73 -37.61 -3.79
C TRP C 363 3.84 -37.69 -4.82
N THR C 364 4.08 -36.61 -5.52
CA THR C 364 5.16 -36.58 -6.51
C THR C 364 6.10 -35.48 -6.09
N ASN C 365 7.33 -35.84 -5.72
CA ASN C 365 8.25 -34.81 -5.29
C ASN C 365 8.70 -33.99 -6.50
N ILE C 366 8.60 -32.67 -6.38
CA ILE C 366 9.14 -31.72 -7.35
C ILE C 366 10.60 -31.42 -7.06
N LYS C 367 10.87 -31.05 -5.83
CA LYS C 367 12.24 -30.75 -5.40
C LYS C 367 12.17 -30.71 -3.88
N PRO C 368 13.30 -30.56 -3.18
CA PRO C 368 13.24 -30.63 -1.72
C PRO C 368 12.21 -29.65 -1.20
N GLN C 369 11.33 -30.14 -0.30
CA GLN C 369 10.25 -29.38 0.33
C GLN C 369 9.23 -28.84 -0.67
N VAL C 370 9.07 -29.45 -1.86
CA VAL C 370 7.95 -29.11 -2.74
C VAL C 370 7.36 -30.40 -3.31
N ASP C 371 6.10 -30.68 -3.02
CA ASP C 371 5.49 -31.93 -3.50
C ASP C 371 4.17 -31.65 -4.18
N GLU C 372 3.86 -32.46 -5.18
CA GLU C 372 2.55 -32.42 -5.82
C GLU C 372 1.73 -33.60 -5.34
N ILE C 373 0.56 -33.32 -4.79
CA ILE C 373 -0.29 -34.35 -4.26
C ILE C 373 -1.49 -34.49 -5.19
N GLU C 374 -1.77 -35.72 -5.64
CA GLU C 374 -2.85 -35.92 -6.60
C GLU C 374 -4.02 -36.61 -5.94
N PHE C 375 -5.22 -36.03 -6.08
CA PHE C 375 -6.43 -36.63 -5.56
C PHE C 375 -7.04 -37.64 -6.52
N PRO C 376 -7.99 -38.46 -6.05
CA PRO C 376 -8.58 -39.47 -6.95
C PRO C 376 -9.26 -38.87 -8.15
N ASP C 377 -9.72 -37.62 -8.10
CA ASP C 377 -10.37 -37.02 -9.27
C ASP C 377 -9.40 -36.26 -10.15
N LYS C 378 -8.10 -36.51 -9.99
CA LYS C 378 -6.99 -35.98 -10.79
C LYS C 378 -6.64 -34.52 -10.43
N HIS C 379 -7.39 -33.84 -9.57
CA HIS C 379 -6.93 -32.51 -9.21
C HIS C 379 -5.78 -32.65 -8.20
N ARG C 380 -4.88 -31.68 -8.24
CA ARG C 380 -3.65 -31.70 -7.46
C ARG C 380 -3.59 -30.48 -6.57
N ILE C 381 -2.78 -30.61 -5.53
CA ILE C 381 -2.35 -29.45 -4.78
C ILE C 381 -0.84 -29.50 -4.66
N ILE C 382 -0.25 -28.31 -4.48
CA ILE C 382 1.19 -28.18 -4.29
C ILE C 382 1.42 -27.93 -2.79
N MET C 383 2.07 -28.88 -2.14
CA MET C 383 2.32 -28.83 -0.71
C MET C 383 3.79 -28.41 -0.50
N LEU C 384 4.03 -27.36 0.31
CA LEU C 384 5.38 -26.91 0.63
C LEU C 384 5.86 -27.44 1.98
N SER C 385 7.10 -27.89 2.02
CA SER C 385 7.76 -28.36 3.26
C SER C 385 6.91 -29.42 4.01
N GLU C 386 6.14 -30.23 3.26
CA GLU C 386 5.29 -31.25 3.89
C GLU C 386 4.47 -30.69 5.05
N GLY C 387 4.08 -29.42 4.95
CA GLY C 387 3.24 -28.82 5.98
C GLY C 387 3.97 -28.30 7.20
N ARG C 388 5.32 -28.26 7.18
CA ARG C 388 6.13 -27.63 8.23
C ARG C 388 6.51 -26.22 7.80
N LEU C 389 7.09 -25.44 8.74
CA LEU C 389 7.27 -24.00 8.57
C LEU C 389 7.87 -23.68 7.19
N VAL C 390 7.12 -22.91 6.40
CA VAL C 390 7.47 -22.70 5.01
C VAL C 390 8.60 -21.69 4.86
N ASN C 391 8.63 -20.66 5.70
CA ASN C 391 9.69 -19.64 5.57
C ASN C 391 11.08 -20.24 5.88
N LEU C 392 11.19 -21.10 6.89
CA LEU C 392 12.44 -21.78 7.18
C LEU C 392 12.66 -23.02 6.29
N GLY C 393 11.59 -23.73 5.93
CA GLY C 393 11.73 -24.94 5.14
C GLY C 393 12.09 -24.66 3.69
N ASN C 394 11.32 -23.76 3.04
CA ASN C 394 11.47 -23.47 1.59
C ASN C 394 12.35 -22.27 1.34
N ALA C 395 12.61 -21.45 2.35
CA ALA C 395 13.58 -20.37 2.08
C ALA C 395 14.62 -20.34 3.22
N MET C 396 14.89 -19.17 3.79
CA MET C 396 15.99 -18.97 4.75
C MET C 396 15.45 -18.40 6.06
N GLY C 397 14.14 -18.51 6.29
CA GLY C 397 13.62 -17.98 7.55
C GLY C 397 13.62 -16.45 7.55
N HIS C 398 13.45 -15.89 8.74
CA HIS C 398 13.45 -14.43 8.83
C HIS C 398 14.86 -13.93 8.50
N PRO C 399 14.97 -12.74 7.93
CA PRO C 399 16.28 -12.11 7.73
C PRO C 399 16.98 -11.81 9.06
N SER C 400 18.30 -11.61 8.98
CA SER C 400 19.15 -11.43 10.17
C SER C 400 18.72 -10.25 11.04
N PHE C 401 18.41 -9.11 10.44
CA PHE C 401 18.15 -7.92 11.25
C PHE C 401 17.04 -8.18 12.27
N VAL C 402 15.89 -8.73 11.83
CA VAL C 402 14.84 -8.89 12.82
C VAL C 402 15.19 -10.00 13.79
N MET C 403 15.98 -10.99 13.35
CA MET C 403 16.44 -12.01 14.27
C MET C 403 17.36 -11.44 15.34
N SER C 404 18.10 -10.37 15.04
CA SER C 404 18.92 -9.71 16.04
C SER C 404 18.05 -9.26 17.21
N ALA C 405 16.89 -8.67 16.91
CA ALA C 405 15.94 -8.34 17.98
C ALA C 405 15.60 -9.57 18.81
N SER C 406 15.06 -10.60 18.17
CA SER C 406 14.68 -11.79 18.95
C SER C 406 15.87 -12.37 19.71
N PHE C 407 17.02 -12.41 19.08
CA PHE C 407 18.09 -13.15 19.72
C PHE C 407 18.81 -12.30 20.74
N THR C 408 18.72 -10.98 20.61
CA THR C 408 19.19 -10.16 21.73
C THR C 408 18.32 -10.43 22.95
N ASN C 409 17.01 -10.53 22.74
CA ASN C 409 16.10 -10.97 23.82
C ASN C 409 16.54 -12.30 24.39
N GLN C 410 16.90 -13.25 23.53
CA GLN C 410 17.25 -14.58 24.04
C GLN C 410 18.47 -14.51 24.92
N THR C 411 19.47 -13.75 24.49
CA THR C 411 20.72 -13.63 25.23
C THR C 411 20.48 -12.98 26.59
N LEU C 412 19.67 -11.91 26.62
CA LEU C 412 19.33 -11.26 27.89
C LEU C 412 18.51 -12.17 28.80
N ALA C 413 17.68 -13.04 28.20
CA ALA C 413 16.89 -13.99 28.98
C ALA C 413 17.77 -15.06 29.63
N GLN C 414 18.77 -15.54 28.90
CA GLN C 414 19.74 -16.48 29.47
C GLN C 414 20.58 -15.82 30.56
N ILE C 415 21.01 -14.56 30.34
CA ILE C 415 21.71 -13.84 31.40
C ILE C 415 20.81 -13.76 32.64
N GLU C 416 19.54 -13.34 32.47
CA GLU C 416 18.58 -13.30 33.58
C GLU C 416 18.55 -14.62 34.33
N LEU C 417 18.25 -15.72 33.62
CA LEU C 417 18.01 -17.01 34.28
C LEU C 417 19.29 -17.67 34.80
N PHE C 418 20.45 -17.41 34.18
CA PHE C 418 21.66 -18.05 34.68
C PHE C 418 22.40 -17.21 35.72
N ALA C 419 22.15 -15.88 35.76
CA ALA C 419 22.71 -15.00 36.78
C ALA C 419 21.61 -14.38 37.66
N ASN C 420 20.91 -13.36 37.15
CA ASN C 420 19.92 -12.59 37.93
C ASN C 420 18.70 -13.38 38.45
N TYR C 426 14.31 -15.90 40.21
CA TYR C 426 13.19 -16.32 39.36
C TYR C 426 12.60 -17.62 39.89
N ALA C 427 11.31 -17.61 40.23
CA ALA C 427 10.65 -18.85 40.64
C ALA C 427 10.15 -19.61 39.42
N LYS C 428 9.67 -20.82 39.71
CA LYS C 428 9.15 -21.82 38.79
C LYS C 428 7.81 -21.48 38.16
N LYS C 429 7.81 -20.39 37.43
CA LYS C 429 6.69 -19.84 36.66
C LYS C 429 7.29 -19.31 35.35
N VAL C 430 6.46 -18.60 34.57
CA VAL C 430 6.86 -18.06 33.29
C VAL C 430 6.82 -16.52 33.36
N TYR C 431 7.99 -15.91 33.14
CA TYR C 431 8.28 -14.47 33.24
C TYR C 431 8.55 -13.89 31.86
N VAL C 432 8.33 -12.59 31.73
CA VAL C 432 8.81 -11.79 30.60
C VAL C 432 9.93 -10.89 31.10
N LEU C 433 10.74 -10.38 30.14
CA LEU C 433 11.84 -9.49 30.50
C LEU C 433 11.29 -8.13 30.88
N PRO C 434 11.98 -7.41 31.75
CA PRO C 434 11.47 -6.11 32.15
C PRO C 434 11.46 -5.13 30.97
N LYS C 435 10.52 -4.19 31.02
CA LYS C 435 10.26 -3.37 29.86
C LYS C 435 11.47 -2.50 29.52
N THR C 436 12.27 -2.10 30.55
CA THR C 436 13.46 -1.32 30.18
C THR C 436 14.47 -2.15 29.40
N LEU C 437 14.57 -3.47 29.63
CA LEU C 437 15.38 -4.34 28.76
C LEU C 437 14.82 -4.44 27.33
N ASP C 438 13.50 -4.62 27.21
CA ASP C 438 12.79 -4.61 25.91
C ASP C 438 13.10 -3.33 25.13
N GLU C 439 12.95 -2.19 25.81
CA GLU C 439 13.29 -0.90 25.20
C GLU C 439 14.76 -0.85 24.82
N LYS C 440 15.62 -1.44 25.66
CA LYS C 440 17.03 -1.50 25.33
C LYS C 440 17.23 -2.29 24.03
N VAL C 441 16.52 -3.40 23.87
CA VAL C 441 16.67 -4.15 22.63
C VAL C 441 16.39 -3.27 21.44
N ALA C 442 15.27 -2.52 21.48
CA ALA C 442 14.95 -1.60 20.38
C ALA C 442 16.09 -0.61 20.16
N ARG C 443 16.51 0.07 21.25
CA ARG C 443 17.56 1.07 21.12
C ARG C 443 18.76 0.53 20.35
N LEU C 444 19.19 -0.68 20.67
CA LEU C 444 20.39 -1.24 20.02
C LEU C 444 20.23 -1.38 18.51
N HIS C 445 19.00 -1.36 17.99
CA HIS C 445 18.80 -1.57 16.56
C HIS C 445 18.54 -0.28 15.76
N LEU C 446 18.43 0.87 16.43
CA LEU C 446 17.99 2.08 15.73
C LEU C 446 19.09 2.66 14.84
N ALA C 447 20.34 2.71 15.34
CA ALA C 447 21.42 3.35 14.58
C ALA C 447 21.66 2.62 13.26
N LYS C 448 21.59 1.29 13.27
CA LYS C 448 21.83 0.52 12.03
C LYS C 448 20.88 0.95 10.90
N ILE C 449 19.64 1.27 11.23
CA ILE C 449 18.70 1.64 10.19
C ILE C 449 18.39 3.13 10.20
N GLY C 450 19.30 3.94 10.75
CA GLY C 450 19.20 5.37 10.53
C GLY C 450 18.16 6.11 11.32
N VAL C 451 17.61 5.52 12.36
CA VAL C 451 16.63 6.21 13.21
C VAL C 451 17.35 7.22 14.09
N LYS C 452 16.76 8.39 14.28
CA LYS C 452 17.27 9.39 15.18
C LYS C 452 16.18 9.56 16.21
N LEU C 453 16.46 9.12 17.43
CA LEU C 453 15.44 9.11 18.46
C LEU C 453 15.38 10.49 19.10
N THR C 454 14.17 10.96 19.37
CA THR C 454 14.03 12.19 20.16
C THR C 454 14.13 11.86 21.63
N GLU C 455 14.56 12.82 22.43
CA GLU C 455 14.54 12.64 23.87
C GLU C 455 13.63 13.73 24.43
N LEU C 456 12.65 13.30 25.23
CA LEU C 456 11.93 14.16 26.17
C LEU C 456 12.83 15.16 26.88
N ARG C 457 12.47 16.44 26.84
CA ARG C 457 13.00 17.31 27.86
C ARG C 457 12.35 16.96 29.19
N LYS C 458 12.98 17.37 30.30
CA LYS C 458 12.48 16.94 31.62
C LYS C 458 11.00 17.37 31.84
N ASP C 459 10.62 18.59 31.44
CA ASP C 459 9.24 19.02 31.68
CA ASP C 459 9.24 19.01 31.68
C ASP C 459 8.25 18.23 30.82
N GLN C 460 8.66 17.83 29.60
CA GLN C 460 7.81 16.95 28.77
C GLN C 460 7.69 15.56 29.35
N ALA C 461 8.81 15.03 29.86
CA ALA C 461 8.76 13.76 30.59
C ALA C 461 7.75 13.85 31.72
N ASP C 462 7.86 14.90 32.54
CA ASP C 462 6.97 15.07 33.69
C ASP C 462 5.54 15.23 33.25
N TYR C 463 5.32 15.86 32.12
CA TYR C 463 3.97 16.13 31.65
C TYR C 463 3.19 14.84 31.39
N ILE C 464 3.83 13.85 30.78
CA ILE C 464 3.17 12.58 30.52
C ILE C 464 3.45 11.56 31.60
N GLY C 465 4.17 11.96 32.66
CA GLY C 465 4.46 11.12 33.82
C GLY C 465 5.38 9.94 33.55
N VAL C 466 6.46 10.14 32.77
CA VAL C 466 7.47 9.13 32.53
C VAL C 466 8.84 9.71 32.85
N LYS C 467 9.80 8.82 33.13
CA LYS C 467 11.21 9.19 33.21
C LYS C 467 11.77 9.37 31.80
N GLN C 468 12.72 10.30 31.69
CA GLN C 468 13.29 10.60 30.38
C GLN C 468 13.93 9.36 29.77
N GLU C 469 14.55 8.54 30.60
CA GLU C 469 15.20 7.32 30.13
C GLU C 469 14.23 6.12 30.07
N GLY C 470 12.92 6.33 30.26
CA GLY C 470 12.00 5.21 30.16
C GLY C 470 11.92 4.46 31.47
N PRO C 471 11.02 3.45 31.59
CA PRO C 471 10.12 2.92 30.55
C PRO C 471 9.13 3.97 30.09
N TYR C 472 8.71 3.98 28.84
CA TYR C 472 7.84 5.04 28.32
C TYR C 472 6.37 4.68 28.37
N LYS C 473 6.05 3.40 28.58
CA LYS C 473 4.69 2.91 28.55
C LYS C 473 4.52 2.04 29.76
N SER C 474 3.29 1.97 30.25
CA SER C 474 2.96 1.04 31.32
C SER C 474 3.14 -0.39 30.85
N ASP C 475 3.26 -1.31 31.82
CA ASP C 475 3.33 -2.72 31.47
C ASP C 475 2.11 -3.18 30.65
N HIS C 476 0.99 -2.47 30.70
CA HIS C 476 -0.22 -2.90 29.98
CA HIS C 476 -0.22 -2.92 29.98
C HIS C 476 -0.26 -2.44 28.53
N TYR C 477 0.66 -1.58 28.11
CA TYR C 477 0.57 -0.96 26.82
C TYR C 477 0.75 -1.99 25.72
N ARG C 478 -0.03 -1.86 24.65
CA ARG C 478 -0.10 -2.88 23.59
C ARG C 478 0.65 -2.54 22.31
N TYR C 479 1.06 -1.30 22.13
CA TYR C 479 1.79 -0.89 20.94
C TYR C 479 0.99 -1.19 19.68
N GLY D 12 -42.49 24.84 25.90
CA GLY D 12 -41.25 25.57 26.09
C GLY D 12 -40.28 25.00 27.12
N PHE D 13 -39.61 23.88 26.80
CA PHE D 13 -38.42 23.44 27.53
C PHE D 13 -37.23 24.33 27.16
N THR D 14 -36.57 24.92 28.16
CA THR D 14 -35.71 26.08 27.96
C THR D 14 -34.20 25.81 28.05
N ASP D 15 -33.80 24.62 28.49
CA ASP D 15 -32.47 24.40 29.07
C ASP D 15 -31.51 23.80 28.04
N TYR D 16 -31.05 24.65 27.12
CA TYR D 16 -30.00 24.25 26.20
C TYR D 16 -29.29 25.50 25.71
N ILE D 17 -28.07 25.33 25.24
CA ILE D 17 -27.34 26.40 24.55
C ILE D 17 -26.71 25.79 23.30
N VAL D 18 -27.20 26.21 22.12
CA VAL D 18 -26.73 25.69 20.84
C VAL D 18 -26.51 26.88 19.89
N LYS D 19 -25.91 26.60 18.72
CA LYS D 19 -25.78 27.65 17.72
C LYS D 19 -27.13 27.96 17.09
N ASP D 20 -27.88 26.94 16.69
CA ASP D 20 -29.21 27.17 16.10
C ASP D 20 -30.10 25.95 16.33
N ILE D 21 -31.28 26.18 16.91
CA ILE D 21 -32.25 25.10 17.06
C ILE D 21 -32.80 24.67 15.70
N ALA D 22 -32.88 25.59 14.73
CA ALA D 22 -33.43 25.26 13.43
C ALA D 22 -32.62 24.22 12.65
N LEU D 23 -31.42 23.83 13.12
CA LEU D 23 -30.60 22.80 12.47
C LEU D 23 -30.97 21.38 12.87
N ALA D 24 -31.97 21.26 13.76
CA ALA D 24 -32.34 19.98 14.33
C ALA D 24 -32.75 18.99 13.27
N ASP D 25 -33.45 19.45 12.23
CA ASP D 25 -33.90 18.48 11.25
C ASP D 25 -32.73 17.93 10.45
N PHE D 26 -31.78 18.78 10.06
CA PHE D 26 -30.60 18.28 9.38
C PHE D 26 -29.80 17.35 10.30
N GLY D 27 -29.68 17.71 11.59
CA GLY D 27 -29.06 16.81 12.54
C GLY D 27 -29.79 15.47 12.62
N ARG D 28 -31.12 15.51 12.63
CA ARG D 28 -31.88 14.28 12.70
C ARG D 28 -31.65 13.43 11.45
N LYS D 29 -31.55 14.06 10.26
CA LYS D 29 -31.28 13.26 9.07
C LYS D 29 -29.95 12.54 9.17
N GLU D 30 -28.91 13.22 9.67
CA GLU D 30 -27.60 12.54 9.71
C GLU D 30 -27.49 11.57 10.88
N ILE D 31 -28.27 11.77 11.95
CA ILE D 31 -28.30 10.79 13.02
C ILE D 31 -28.88 9.47 12.54
N SER D 32 -29.98 9.56 11.79
CA SER D 32 -30.58 8.37 11.19
C SER D 32 -29.58 7.64 10.30
N LEU D 33 -28.87 8.39 9.43
CA LEU D 33 -27.81 7.78 8.61
C LEU D 33 -26.76 7.12 9.49
N ALA D 34 -26.44 7.74 10.64
CA ALA D 34 -25.36 7.25 11.51
C ALA D 34 -25.77 5.99 12.26
N GLU D 35 -27.02 5.95 12.73
CA GLU D 35 -27.49 4.70 13.31
C GLU D 35 -27.15 3.51 12.42
N THR D 36 -27.38 3.61 11.10
CA THR D 36 -27.16 2.45 10.25
C THR D 36 -25.67 2.06 10.27
N GLU D 37 -24.81 3.06 10.47
CA GLU D 37 -23.37 2.88 10.51
C GLU D 37 -22.88 2.50 11.88
N MET D 38 -23.78 2.36 12.86
CA MET D 38 -23.42 2.15 14.26
C MET D 38 -24.12 0.94 14.85
N PRO D 39 -23.90 -0.23 14.24
CA PRO D 39 -24.61 -1.42 14.69
C PRO D 39 -24.33 -1.78 16.13
N GLY D 40 -23.17 -1.43 16.66
CA GLY D 40 -22.89 -1.73 18.05
C GLY D 40 -23.80 -0.97 19.02
N LEU D 41 -23.97 0.34 18.78
CA LEU D 41 -24.89 1.11 19.61
C LEU D 41 -26.32 0.64 19.43
N MET D 42 -26.73 0.39 18.19
CA MET D 42 -28.11 -0.03 17.99
C MET D 42 -28.35 -1.38 18.63
N ALA D 43 -27.41 -2.34 18.47
CA ALA D 43 -27.55 -3.62 19.13
C ALA D 43 -27.67 -3.44 20.65
N THR D 44 -26.87 -2.54 21.22
CA THR D 44 -26.97 -2.32 22.65
C THR D 44 -28.33 -1.77 23.05
N ARG D 45 -28.83 -0.77 22.30
CA ARG D 45 -30.19 -0.26 22.49
C ARG D 45 -31.20 -1.39 22.54
N GLU D 46 -31.20 -2.23 21.51
CA GLU D 46 -32.25 -3.25 21.44
C GLU D 46 -32.13 -4.22 22.61
N GLU D 47 -30.93 -4.67 22.92
CA GLU D 47 -30.76 -5.68 23.97
C GLU D 47 -31.01 -5.10 25.38
N TYR D 48 -30.73 -3.83 25.61
CA TYR D 48 -30.80 -3.26 26.96
C TYR D 48 -31.98 -2.34 27.21
N GLY D 49 -32.56 -1.78 26.14
CA GLY D 49 -33.77 -1.00 26.24
C GLY D 49 -34.79 -1.63 27.17
N PRO D 50 -35.22 -2.86 26.87
CA PRO D 50 -36.14 -3.52 27.79
C PRO D 50 -35.58 -3.61 29.22
N LYS D 51 -34.28 -3.86 29.40
CA LYS D 51 -33.79 -4.06 30.76
C LYS D 51 -33.69 -2.77 31.58
N GLN D 52 -33.88 -1.59 30.96
CA GLN D 52 -33.67 -0.27 31.57
C GLN D 52 -32.53 -0.18 32.59
N PRO D 53 -31.33 -0.63 32.23
CA PRO D 53 -30.23 -0.77 33.24
C PRO D 53 -29.73 0.56 33.86
N LEU D 54 -30.15 1.72 33.31
CA LEU D 54 -29.68 3.03 33.76
C LEU D 54 -30.83 3.96 34.17
N LYS D 55 -32.02 3.42 34.43
CA LYS D 55 -33.02 4.18 35.15
C LYS D 55 -32.44 4.63 36.49
N GLY D 56 -32.58 5.90 36.78
CA GLY D 56 -32.00 6.49 37.96
C GLY D 56 -30.62 7.06 37.74
N ALA D 57 -29.99 6.67 36.64
CA ALA D 57 -28.73 7.29 36.28
C ALA D 57 -28.97 8.72 35.85
N ARG D 58 -28.04 9.57 36.21
CA ARG D 58 -28.04 10.98 35.88
C ARG D 58 -26.64 11.29 35.34
N ILE D 59 -26.41 10.98 34.07
CA ILE D 59 -25.08 11.07 33.49
C ILE D 59 -24.80 12.49 33.04
N ALA D 60 -23.73 13.08 33.60
CA ALA D 60 -23.09 14.27 33.06
C ALA D 60 -22.07 13.83 32.01
N GLY D 61 -22.24 14.26 30.75
CA GLY D 61 -21.33 13.91 29.64
C GLY D 61 -20.55 15.14 29.16
N SER D 62 -19.22 14.99 29.07
CA SER D 62 -18.35 16.03 28.54
C SER D 62 -17.60 15.40 27.37
N LEU D 63 -18.12 15.58 26.16
CA LEU D 63 -17.58 14.82 25.06
C LEU D 63 -18.09 15.41 23.77
N HIS D 64 -17.21 15.58 22.76
CA HIS D 64 -17.54 16.31 21.53
C HIS D 64 -18.98 16.05 21.11
N MET D 65 -19.76 17.14 21.00
CA MET D 65 -21.16 17.04 20.61
C MET D 65 -21.28 16.88 19.09
N THR D 66 -20.95 15.66 18.62
CA THR D 66 -20.99 15.27 17.22
C THR D 66 -22.25 14.46 16.94
N ILE D 67 -22.49 14.21 15.64
CA ILE D 67 -23.54 13.27 15.24
C ILE D 67 -23.35 11.92 15.93
N GLN D 68 -22.09 11.50 16.11
CA GLN D 68 -21.87 10.20 16.73
C GLN D 68 -22.22 10.25 18.21
N THR D 69 -21.82 11.33 18.88
CA THR D 69 -22.21 11.49 20.27
C THR D 69 -23.73 11.49 20.43
N ALA D 70 -24.45 12.05 19.44
CA ALA D 70 -25.90 12.11 19.57
C ALA D 70 -26.54 10.72 19.65
N VAL D 71 -26.11 9.80 18.78
CA VAL D 71 -26.52 8.39 18.85
C VAL D 71 -26.16 7.75 20.20
N LEU D 72 -24.96 8.00 20.71
CA LEU D 72 -24.62 7.57 22.07
C LEU D 72 -25.61 8.12 23.10
N ILE D 73 -25.87 9.43 23.01
CA ILE D 73 -26.77 10.09 23.97
C ILE D 73 -28.13 9.44 23.92
N GLU D 74 -28.64 9.25 22.71
CA GLU D 74 -29.96 8.65 22.61
C GLU D 74 -29.92 7.21 23.10
N THR D 75 -28.80 6.50 22.84
CA THR D 75 -28.65 5.16 23.42
C THR D 75 -28.75 5.21 24.94
N LEU D 76 -27.94 6.06 25.56
CA LEU D 76 -27.99 6.22 27.01
C LEU D 76 -29.43 6.51 27.44
N ALA D 77 -30.07 7.48 26.76
CA ALA D 77 -31.46 7.83 27.07
C ALA D 77 -32.38 6.62 26.95
N ALA D 78 -32.22 5.82 25.88
CA ALA D 78 -33.02 4.61 25.72
C ALA D 78 -32.77 3.56 26.80
N LEU D 79 -31.58 3.53 27.45
CA LEU D 79 -31.37 2.58 28.54
C LEU D 79 -31.83 3.10 29.91
N GLY D 80 -32.46 4.27 29.96
CA GLY D 80 -33.07 4.80 31.19
C GLY D 80 -32.45 6.09 31.71
N ALA D 81 -31.35 6.58 31.09
CA ALA D 81 -30.57 7.67 31.67
C ALA D 81 -31.23 9.04 31.52
N ASP D 82 -31.13 9.80 32.61
CA ASP D 82 -31.25 11.24 32.60
C ASP D 82 -29.87 11.80 32.29
N ILE D 83 -29.84 12.86 31.48
CA ILE D 83 -28.63 13.23 30.78
C ILE D 83 -28.49 14.74 30.77
N ARG D 84 -27.25 15.21 30.95
CA ARG D 84 -26.84 16.58 30.63
C ARG D 84 -25.52 16.49 29.89
N TRP D 85 -25.29 17.39 28.95
CA TRP D 85 -24.13 17.21 28.10
C TRP D 85 -23.43 18.53 27.84
N VAL D 86 -22.11 18.45 27.67
CA VAL D 86 -21.34 19.52 27.04
C VAL D 86 -20.32 18.89 26.08
N SER D 87 -19.78 19.71 25.20
CA SER D 87 -18.65 19.33 24.37
C SER D 87 -17.35 19.49 25.16
N CYS D 88 -16.39 18.60 24.88
CA CYS D 88 -15.10 18.67 25.58
C CYS D 88 -14.01 19.39 24.77
N ASN D 89 -14.38 20.08 23.69
CA ASN D 89 -13.51 20.90 22.83
C ASN D 89 -14.36 22.03 22.26
N ILE D 90 -13.80 23.27 22.23
CA ILE D 90 -14.55 24.46 21.79
C ILE D 90 -14.92 24.41 20.30
N TYR D 91 -14.11 23.75 19.45
CA TYR D 91 -14.38 23.70 18.02
C TYR D 91 -14.98 22.40 17.53
N SER D 92 -15.15 21.41 18.39
CA SER D 92 -15.50 20.07 17.91
C SER D 92 -17.00 19.85 17.76
N THR D 93 -17.82 20.75 18.28
CA THR D 93 -19.26 20.58 18.19
C THR D 93 -19.72 20.61 16.74
N GLN D 94 -20.66 19.73 16.43
CA GLN D 94 -21.35 19.76 15.16
C GLN D 94 -22.73 20.34 15.44
N ASP D 95 -22.92 21.62 15.07
CA ASP D 95 -24.11 22.37 15.46
C ASP D 95 -25.42 21.63 15.15
N HIS D 96 -25.47 20.83 14.09
CA HIS D 96 -26.76 20.21 13.79
C HIS D 96 -27.06 19.02 14.70
N ALA D 97 -26.03 18.28 15.09
CA ALA D 97 -26.20 17.24 16.09
C ALA D 97 -26.72 17.84 17.40
N ALA D 98 -26.03 18.87 17.92
CA ALA D 98 -26.48 19.60 19.12
C ALA D 98 -27.94 20.00 19.01
N ALA D 99 -28.33 20.54 17.85
CA ALA D 99 -29.70 21.05 17.69
C ALA D 99 -30.70 19.93 17.79
N ALA D 100 -30.36 18.78 17.21
CA ALA D 100 -31.24 17.61 17.27
C ALA D 100 -31.37 17.09 18.69
N ILE D 101 -30.27 17.06 19.44
CA ILE D 101 -30.32 16.61 20.82
C ILE D 101 -31.16 17.58 21.65
N ALA D 102 -30.84 18.89 21.57
CA ALA D 102 -31.68 19.88 22.22
C ALA D 102 -33.16 19.69 21.88
N ALA D 103 -33.47 19.48 20.60
CA ALA D 103 -34.87 19.35 20.19
C ALA D 103 -35.47 18.06 20.71
N ALA D 104 -34.66 17.06 21.00
CA ALA D 104 -35.08 15.86 21.70
C ALA D 104 -35.42 16.14 23.17
N GLY D 105 -35.22 17.35 23.67
CA GLY D 105 -35.50 17.68 25.05
C GLY D 105 -34.36 17.43 26.01
N ILE D 106 -33.15 17.29 25.51
CA ILE D 106 -31.99 16.94 26.33
C ILE D 106 -31.17 18.19 26.59
N PRO D 107 -30.88 18.54 27.85
CA PRO D 107 -30.04 19.70 28.12
C PRO D 107 -28.65 19.51 27.51
N VAL D 108 -28.34 20.32 26.53
CA VAL D 108 -27.01 20.29 25.95
C VAL D 108 -26.53 21.72 25.85
N PHE D 109 -25.22 21.90 26.02
CA PHE D 109 -24.58 23.22 25.98
C PHE D 109 -23.30 23.07 25.17
N ALA D 110 -23.40 23.33 23.87
CA ALA D 110 -22.32 22.99 22.95
C ALA D 110 -22.49 23.82 21.68
N VAL D 111 -21.46 24.59 21.33
CA VAL D 111 -21.41 25.42 20.13
C VAL D 111 -20.02 25.27 19.50
N LYS D 112 -19.98 24.98 18.20
CA LYS D 112 -18.69 24.96 17.52
C LYS D 112 -18.18 26.39 17.56
N GLY D 113 -17.02 26.59 18.16
CA GLY D 113 -16.48 27.94 18.24
C GLY D 113 -16.96 28.69 19.46
N GLU D 114 -17.11 27.96 20.59
CA GLU D 114 -17.38 28.59 21.87
C GLU D 114 -16.10 29.19 22.45
N THR D 115 -16.27 30.16 23.37
CA THR D 115 -15.13 30.74 24.07
C THR D 115 -14.59 29.73 25.07
N LEU D 116 -13.36 30.00 25.54
CA LEU D 116 -12.88 29.23 26.68
C LEU D 116 -13.62 29.58 27.96
N THR D 117 -14.12 30.80 28.10
CA THR D 117 -14.91 31.10 29.29
C THR D 117 -16.29 30.44 29.23
N GLU D 118 -16.94 30.43 28.04
CA GLU D 118 -18.19 29.70 27.94
C GLU D 118 -17.98 28.20 28.09
N TYR D 119 -16.88 27.66 27.53
CA TYR D 119 -16.66 26.22 27.61
C TYR D 119 -16.71 25.74 29.06
N TRP D 120 -15.95 26.41 29.93
CA TRP D 120 -15.87 26.01 31.32
C TRP D 120 -17.14 26.34 32.07
N ASP D 121 -17.89 27.33 31.61
CA ASP D 121 -19.15 27.60 32.28
C ASP D 121 -20.24 26.61 31.87
N TYR D 122 -20.19 26.14 30.64
CA TYR D 122 -21.02 25.00 30.27
C TYR D 122 -20.67 23.78 31.12
N THR D 123 -19.36 23.45 31.21
CA THR D 123 -18.93 22.29 31.98
C THR D 123 -19.46 22.36 33.40
N ALA D 124 -19.57 23.59 33.92
CA ALA D 124 -20.22 23.85 35.20
C ALA D 124 -21.71 23.49 35.15
N LYS D 125 -22.41 23.92 34.09
CA LYS D 125 -23.85 23.68 34.01
C LYS D 125 -24.19 22.17 34.07
N LEU D 126 -23.16 21.32 33.96
CA LEU D 126 -23.33 19.88 34.04
C LEU D 126 -23.87 19.42 35.40
N PHE D 127 -23.36 19.99 36.49
CA PHE D 127 -23.58 19.45 37.84
C PHE D 127 -24.79 20.04 38.56
N ASP D 128 -25.43 21.08 38.02
CA ASP D 128 -26.74 21.55 38.52
C ASP D 128 -27.80 20.70 37.86
N TRP D 129 -28.17 19.59 38.48
CA TRP D 129 -29.13 18.71 37.82
C TRP D 129 -30.49 19.39 37.75
N HIS D 130 -31.18 19.21 36.60
CA HIS D 130 -32.50 19.82 36.44
C HIS D 130 -33.44 19.33 37.53
N GLY D 131 -34.16 20.26 38.14
CA GLY D 131 -34.83 19.95 39.39
C GLY D 131 -33.88 19.84 40.56
N GLY D 132 -32.75 20.56 40.51
CA GLY D 132 -31.81 20.58 41.62
C GLY D 132 -31.05 19.28 41.72
N GLY D 133 -30.15 19.23 42.69
CA GLY D 133 -29.37 18.03 42.91
C GLY D 133 -28.22 17.92 41.93
N THR D 134 -27.50 16.79 41.97
CA THR D 134 -26.28 16.52 41.22
C THR D 134 -26.42 15.29 40.29
N PRO D 135 -25.57 15.17 39.26
CA PRO D 135 -25.45 13.91 38.52
C PRO D 135 -25.03 12.76 39.44
N ASN D 136 -25.08 11.51 38.94
CA ASN D 136 -24.52 10.39 39.69
C ASN D 136 -23.54 9.59 38.86
N MET D 137 -23.27 10.04 37.65
CA MET D 137 -22.41 9.37 36.70
C MET D 137 -21.74 10.47 35.89
N ILE D 138 -20.45 10.30 35.62
CA ILE D 138 -19.66 11.20 34.78
C ILE D 138 -19.18 10.35 33.59
N LEU D 139 -19.41 10.84 32.36
CA LEU D 139 -18.97 10.19 31.11
C LEU D 139 -18.08 11.24 30.46
N ASP D 140 -16.77 11.03 30.49
CA ASP D 140 -15.82 12.11 30.27
C ASP D 140 -14.90 11.78 29.10
N ASP D 141 -14.50 12.81 28.36
CA ASP D 141 -13.46 12.70 27.34
C ASP D 141 -12.42 13.77 27.65
N GLY D 142 -11.25 13.34 28.14
CA GLY D 142 -10.25 14.27 28.61
C GLY D 142 -10.25 14.57 30.10
N GLY D 143 -11.29 14.15 30.83
CA GLY D 143 -11.33 14.35 32.26
C GLY D 143 -11.53 15.77 32.75
N ASP D 144 -12.12 16.65 31.93
CA ASP D 144 -12.32 18.02 32.38
C ASP D 144 -13.41 18.08 33.47
N ALA D 145 -14.61 17.51 33.20
CA ALA D 145 -15.66 17.47 34.21
C ALA D 145 -15.23 16.67 35.43
N THR D 146 -14.34 15.69 35.22
CA THR D 146 -13.78 14.97 36.36
C THR D 146 -12.91 15.87 37.20
N MET D 147 -11.97 16.58 36.56
CA MET D 147 -11.04 17.39 37.32
C MET D 147 -11.74 18.58 37.94
N LEU D 148 -12.83 19.07 37.32
CA LEU D 148 -13.67 20.09 37.96
C LEU D 148 -14.14 19.64 39.35
N VAL D 149 -14.75 18.43 39.43
CA VAL D 149 -15.18 17.88 40.72
C VAL D 149 -14.01 17.78 41.67
N HIS D 150 -12.88 17.31 41.15
CA HIS D 150 -11.71 17.00 41.97
C HIS D 150 -11.00 18.29 42.41
N ALA D 151 -10.78 19.22 41.48
CA ALA D 151 -10.13 20.49 41.85
C ALA D 151 -11.02 21.33 42.74
N GLY D 152 -12.33 21.15 42.64
CA GLY D 152 -13.22 21.80 43.58
C GLY D 152 -13.25 21.10 44.93
N TYR D 153 -13.23 19.76 44.91
CA TYR D 153 -13.24 19.02 46.15
C TYR D 153 -12.00 19.31 47.00
N ARG D 154 -10.82 19.21 46.39
CA ARG D 154 -9.58 19.55 47.08
C ARG D 154 -9.64 20.96 47.65
N ALA D 155 -9.97 21.94 46.80
CA ALA D 155 -10.27 23.30 47.25
C ALA D 155 -11.05 23.29 48.55
N GLU D 156 -12.10 22.52 48.56
CA GLU D 156 -13.04 22.47 49.65
C GLU D 156 -12.60 22.30 51.06
N GLN D 157 -12.09 21.14 51.45
CA GLN D 157 -11.74 21.00 52.85
C GLN D 157 -10.28 21.18 53.15
N GLY D 158 -9.79 22.30 52.67
CA GLY D 158 -8.43 22.62 52.95
C GLY D 158 -7.58 23.27 51.92
N ASP D 159 -7.09 22.47 51.00
CA ASP D 159 -6.07 23.07 50.14
C ASP D 159 -6.69 23.91 49.04
N THR D 160 -6.30 25.19 48.98
CA THR D 160 -6.70 26.06 47.88
C THR D 160 -5.55 26.86 47.28
N ALA D 161 -4.32 26.69 47.77
CA ALA D 161 -3.21 27.52 47.30
C ALA D 161 -2.88 27.31 45.82
N PHE D 162 -3.37 26.21 45.22
CA PHE D 162 -3.09 25.93 43.82
C PHE D 162 -3.97 26.72 42.88
N LEU D 163 -5.14 27.18 43.35
CA LEU D 163 -6.06 27.92 42.49
C LEU D 163 -5.44 29.24 42.05
N ASP D 164 -4.75 29.91 42.97
CA ASP D 164 -4.09 31.18 42.73
C ASP D 164 -2.81 31.04 41.90
N LYS D 165 -2.50 29.86 41.38
CA LYS D 165 -1.29 29.66 40.57
C LYS D 165 -1.73 29.15 39.21
N PRO D 166 -2.01 30.05 38.27
CA PRO D 166 -2.26 29.71 36.85
C PRO D 166 -1.41 28.63 36.23
N GLY D 167 -1.43 28.66 34.90
CA GLY D 167 -0.50 27.92 34.06
C GLY D 167 -0.62 28.48 32.66
N SER D 168 -1.64 28.01 31.93
CA SER D 168 -2.07 28.56 30.66
C SER D 168 -3.25 29.51 30.88
N GLU D 169 -3.70 30.12 29.78
CA GLU D 169 -4.88 30.96 29.84
C GLU D 169 -6.11 30.15 30.20
N GLU D 170 -6.16 28.89 29.74
CA GLU D 170 -7.24 27.97 30.07
C GLU D 170 -7.08 27.35 31.46
N GLU D 171 -6.06 27.73 32.22
CA GLU D 171 -5.94 27.31 33.61
C GLU D 171 -6.27 28.41 34.61
N GLU D 172 -5.98 29.66 34.28
CA GLU D 172 -6.50 30.75 35.09
C GLU D 172 -8.02 30.85 34.95
N ILE D 173 -8.56 30.62 33.75
CA ILE D 173 -10.01 30.54 33.54
C ILE D 173 -10.60 29.37 34.33
N PHE D 174 -9.90 28.22 34.32
CA PHE D 174 -10.38 27.05 35.06
C PHE D 174 -10.38 27.28 36.57
N TYR D 175 -9.36 27.99 37.06
CA TYR D 175 -9.28 28.25 38.50
C TYR D 175 -10.32 29.29 38.94
N ALA D 176 -10.43 30.40 38.21
CA ALA D 176 -11.45 31.42 38.51
C ALA D 176 -12.87 30.89 38.33
N LEU D 177 -13.03 29.76 37.63
CA LEU D 177 -14.31 29.08 37.64
C LEU D 177 -14.51 28.29 38.91
N VAL D 178 -13.51 27.49 39.31
CA VAL D 178 -13.55 26.79 40.59
C VAL D 178 -13.81 27.78 41.72
N LYS D 179 -13.22 28.97 41.61
CA LYS D 179 -13.49 30.02 42.58
C LYS D 179 -14.97 30.34 42.64
N ARG D 180 -15.61 30.44 41.47
CA ARG D 180 -16.98 30.93 41.43
C ARG D 180 -17.97 29.92 42.01
N LEU D 181 -17.70 28.62 41.88
CA LEU D 181 -18.60 27.62 42.44
C LEU D 181 -18.48 27.54 43.95
N LEU D 182 -17.24 27.49 44.46
CA LEU D 182 -17.03 27.54 45.90
C LEU D 182 -17.89 28.64 46.49
N LYS D 183 -17.59 29.88 46.08
CA LYS D 183 -18.40 31.05 46.37
C LYS D 183 -19.90 30.77 46.28
N GLU D 184 -20.38 30.39 45.08
CA GLU D 184 -21.80 30.44 44.72
C GLU D 184 -22.61 29.22 45.16
N LYS D 185 -21.98 28.05 45.26
CA LYS D 185 -22.77 26.91 45.70
C LYS D 185 -22.82 26.86 47.21
N PRO D 186 -23.75 26.08 47.79
CA PRO D 186 -23.63 25.75 49.21
C PRO D 186 -22.19 25.37 49.53
N LYS D 187 -21.80 25.64 50.77
CA LYS D 187 -20.46 25.28 51.22
C LYS D 187 -20.39 23.76 51.30
N GLY D 188 -19.43 23.16 50.59
CA GLY D 188 -19.23 21.73 50.65
C GLY D 188 -19.88 20.98 49.52
N TRP D 189 -20.33 21.70 48.50
CA TRP D 189 -21.04 21.11 47.37
C TRP D 189 -20.12 20.23 46.51
N PHE D 190 -18.83 20.55 46.41
CA PHE D 190 -17.92 19.71 45.65
C PHE D 190 -17.82 18.33 46.30
N ALA D 191 -17.92 18.27 47.63
CA ALA D 191 -17.98 16.98 48.32
C ALA D 191 -19.31 16.28 48.08
N GLU D 192 -20.40 17.08 48.02
CA GLU D 192 -21.72 16.59 47.62
C GLU D 192 -21.67 15.85 46.29
N ILE D 193 -21.00 16.43 45.30
CA ILE D 193 -20.93 15.81 43.98
C ILE D 193 -20.08 14.55 44.04
N ALA D 194 -18.83 14.66 44.53
CA ALA D 194 -17.96 13.48 44.55
C ALA D 194 -18.64 12.32 45.31
N LYS D 195 -19.53 12.67 46.26
CA LYS D 195 -20.35 11.70 46.99
C LYS D 195 -21.34 10.99 46.08
N ASN D 196 -22.14 11.74 45.32
CA ASN D 196 -23.18 11.08 44.56
C ASN D 196 -22.66 10.39 43.28
N ILE D 197 -21.47 10.74 42.80
CA ILE D 197 -20.91 10.13 41.60
C ILE D 197 -20.57 8.68 41.90
N LYS D 198 -21.32 7.76 41.28
CA LYS D 198 -21.06 6.32 41.39
C LYS D 198 -19.83 5.90 40.57
N GLY D 199 -19.52 6.61 39.50
CA GLY D 199 -18.40 6.23 38.65
C GLY D 199 -18.22 7.24 37.53
N VAL D 200 -17.06 7.17 36.90
CA VAL D 200 -16.77 7.94 35.70
C VAL D 200 -16.20 6.97 34.66
N SER D 201 -16.63 7.10 33.40
CA SER D 201 -15.94 6.42 32.29
C SER D 201 -15.19 7.46 31.47
N GLU D 202 -13.95 7.16 31.11
CA GLU D 202 -13.05 8.11 30.46
C GLU D 202 -12.58 7.58 29.11
N GLU D 203 -12.72 8.44 28.11
CA GLU D 203 -12.69 8.08 26.70
C GLU D 203 -11.29 8.03 26.17
N THR D 204 -10.37 8.85 26.68
CA THR D 204 -9.17 9.07 25.89
C THR D 204 -7.89 8.99 26.71
N THR D 205 -6.79 8.74 25.97
CA THR D 205 -5.48 8.48 26.58
C THR D 205 -5.11 9.55 27.63
N THR D 206 -5.19 10.84 27.25
CA THR D 206 -4.81 11.90 28.19
C THR D 206 -5.67 11.85 29.44
N GLY D 207 -6.97 11.66 29.26
CA GLY D 207 -7.86 11.60 30.42
C GLY D 207 -7.50 10.45 31.33
N VAL D 208 -7.34 9.26 30.75
CA VAL D 208 -7.14 8.07 31.56
C VAL D 208 -5.84 8.15 32.37
N HIS D 209 -4.76 8.68 31.77
CA HIS D 209 -3.50 8.78 32.53
C HIS D 209 -3.66 9.69 33.75
N ARG D 210 -4.44 10.78 33.58
CA ARG D 210 -4.81 11.64 34.71
C ARG D 210 -5.62 10.89 35.76
N LEU D 211 -6.44 9.92 35.33
CA LEU D 211 -7.12 9.04 36.28
C LEU D 211 -6.11 8.17 37.01
N TYR D 212 -5.13 7.62 36.24
CA TYR D 212 -4.10 6.74 36.80
C TYR D 212 -3.16 7.50 37.73
N GLU D 213 -2.82 8.74 37.38
CA GLU D 213 -2.00 9.57 38.26
C GLU D 213 -2.69 9.86 39.59
N MET D 214 -4.04 9.90 39.59
CA MET D 214 -4.85 10.27 40.76
C MET D 214 -5.22 9.07 41.64
N ALA D 215 -5.69 7.98 41.04
CA ALA D 215 -5.85 6.74 41.80
C ALA D 215 -4.54 6.32 42.43
N ASN D 216 -3.43 6.52 41.70
CA ASN D 216 -2.10 6.25 42.25
C ASN D 216 -1.83 7.11 43.47
N LYS D 217 -2.19 8.39 43.42
CA LYS D 217 -1.97 9.27 44.55
C LYS D 217 -2.93 9.02 45.73
N GLY D 218 -3.94 8.17 45.58
CA GLY D 218 -4.97 8.06 46.61
C GLY D 218 -5.98 9.19 46.65
N THR D 219 -6.05 10.04 45.62
CA THR D 219 -6.99 11.15 45.54
C THR D 219 -8.10 10.91 44.52
N LEU D 220 -8.26 9.69 43.98
CA LEU D 220 -9.37 9.40 43.10
C LEU D 220 -10.64 9.24 43.93
N LEU D 221 -11.66 10.06 43.63
CA LEU D 221 -12.85 10.21 44.49
C LEU D 221 -13.97 9.20 44.22
N PHE D 222 -14.04 8.65 43.02
CA PHE D 222 -15.04 7.63 42.73
C PHE D 222 -14.43 6.56 41.83
N PRO D 223 -15.09 5.41 41.65
CA PRO D 223 -14.60 4.42 40.67
C PRO D 223 -14.47 4.99 39.25
N ALA D 224 -13.66 4.33 38.44
CA ALA D 224 -13.43 4.80 37.08
C ALA D 224 -13.16 3.60 36.18
N ILE D 225 -13.79 3.58 34.98
CA ILE D 225 -13.49 2.62 33.91
C ILE D 225 -12.64 3.36 32.89
N ASN D 226 -11.44 2.84 32.62
CA ASN D 226 -10.57 3.28 31.54
C ASN D 226 -11.15 2.68 30.28
N VAL D 227 -11.99 3.45 29.59
CA VAL D 227 -12.56 3.00 28.33
C VAL D 227 -11.53 3.10 27.19
N ASN D 228 -10.57 4.04 27.25
CA ASN D 228 -9.59 4.14 26.15
C ASN D 228 -8.85 2.83 25.90
N ASP D 229 -8.73 1.96 26.90
CA ASP D 229 -7.95 0.75 26.76
C ASP D 229 -8.78 -0.54 26.81
N SER D 230 -10.06 -0.49 26.43
CA SER D 230 -10.58 -1.67 25.73
C SER D 230 -9.83 -1.78 24.40
N VAL D 231 -9.52 -3.00 23.97
CA VAL D 231 -8.88 -3.16 22.66
C VAL D 231 -9.73 -2.53 21.57
N THR D 232 -11.04 -2.66 21.68
CA THR D 232 -11.91 -2.15 20.65
C THR D 232 -12.10 -0.65 20.75
N LYS D 233 -11.32 0.05 21.59
CA LYS D 233 -11.21 1.50 21.48
C LYS D 233 -9.80 1.86 20.98
N SER D 234 -8.83 1.90 21.88
CA SER D 234 -7.46 2.23 21.49
C SER D 234 -6.94 1.68 20.16
N LYS D 235 -7.27 0.44 19.79
CA LYS D 235 -6.69 -0.16 18.60
C LYS D 235 -7.55 0.04 17.36
N PHE D 236 -8.66 0.77 17.51
CA PHE D 236 -9.59 0.98 16.40
C PHE D 236 -9.78 2.47 16.26
N ASP D 237 -10.46 3.04 17.24
CA ASP D 237 -10.62 4.49 17.30
C ASP D 237 -9.28 5.25 17.19
N ASN D 238 -8.43 5.20 18.21
CA ASN D 238 -7.14 5.95 18.16
C ASN D 238 -6.41 5.72 16.85
N LEU D 239 -6.40 4.50 16.36
CA LEU D 239 -5.63 4.14 15.17
C LEU D 239 -6.46 4.41 13.91
N TYR D 240 -7.48 3.58 13.66
CA TYR D 240 -8.21 3.67 12.42
C TYR D 240 -9.06 4.94 12.35
N GLY D 241 -9.43 5.49 13.50
CA GLY D 241 -10.18 6.73 13.51
C GLY D 241 -9.36 7.86 12.93
N CYS D 242 -8.15 8.08 13.46
CA CYS D 242 -7.26 9.10 12.91
C CYS D 242 -6.81 8.77 11.49
N ARG D 243 -6.68 7.47 11.15
CA ARG D 243 -6.32 7.14 9.76
C ARG D 243 -7.38 7.66 8.78
N GLU D 244 -8.67 7.56 9.14
CA GLU D 244 -9.75 8.09 8.32
C GLU D 244 -9.87 9.63 8.43
N SER D 245 -9.74 10.22 9.64
CA SER D 245 -10.17 11.63 9.80
C SER D 245 -9.01 12.65 9.84
N LEU D 246 -7.75 12.22 9.96
CA LEU D 246 -6.68 13.21 9.90
C LEU D 246 -6.65 13.88 8.53
N VAL D 247 -6.46 13.08 7.48
CA VAL D 247 -6.38 13.69 6.15
C VAL D 247 -7.69 14.37 5.75
N ASP D 248 -8.82 13.86 6.24
CA ASP D 248 -10.09 14.57 6.06
C ASP D 248 -10.00 16.01 6.61
N GLY D 249 -9.53 16.17 7.84
CA GLY D 249 -9.40 17.52 8.37
C GLY D 249 -8.51 18.39 7.49
N ILE D 250 -7.40 17.82 7.02
CA ILE D 250 -6.40 18.61 6.32
C ILE D 250 -6.91 19.00 4.95
N ARG D 251 -7.63 18.05 4.30
CA ARG D 251 -8.14 18.33 2.97
C ARG D 251 -9.16 19.44 3.05
N ARG D 252 -10.10 19.32 4.00
CA ARG D 252 -11.17 20.34 4.09
C ARG D 252 -10.60 21.71 4.45
N GLY D 253 -9.60 21.75 5.31
CA GLY D 253 -9.01 23.02 5.69
C GLY D 253 -8.18 23.65 4.58
N THR D 254 -7.49 22.84 3.76
CA THR D 254 -6.53 23.41 2.82
C THR D 254 -6.69 23.02 1.37
N ASP D 255 -7.39 21.92 1.02
CA ASP D 255 -7.51 21.46 -0.36
C ASP D 255 -6.15 21.33 -1.06
N VAL D 256 -5.19 20.93 -0.32
CA VAL D 256 -3.83 20.77 -0.80
CA VAL D 256 -3.85 20.79 -0.84
C VAL D 256 -3.64 19.39 -1.41
N MET D 257 -2.81 19.30 -2.44
CA MET D 257 -2.49 18.01 -2.98
C MET D 257 -1.53 17.30 -2.02
N LEU D 258 -1.87 16.08 -1.62
CA LEU D 258 -0.98 15.39 -0.71
C LEU D 258 0.10 14.57 -1.45
N SER D 259 -0.19 14.02 -2.63
CA SER D 259 0.83 13.26 -3.36
C SER D 259 1.94 14.19 -3.74
N GLY D 260 3.16 13.76 -3.50
CA GLY D 260 4.29 14.63 -3.75
C GLY D 260 4.75 15.38 -2.54
N LYS D 261 3.93 15.44 -1.48
CA LYS D 261 4.32 16.22 -0.30
C LYS D 261 5.02 15.36 0.73
N VAL D 262 5.82 16.02 1.56
CA VAL D 262 6.44 15.42 2.74
C VAL D 262 5.67 15.85 3.98
N ALA D 263 5.31 14.90 4.81
CA ALA D 263 4.58 15.19 6.05
C ALA D 263 5.44 14.73 7.21
N MET D 264 5.26 15.39 8.35
CA MET D 264 5.99 15.02 9.55
C MET D 264 5.00 14.74 10.67
N VAL D 265 5.11 13.60 11.31
CA VAL D 265 4.17 13.21 12.36
C VAL D 265 4.98 12.99 13.62
N ALA D 266 4.69 13.77 14.66
CA ALA D 266 5.35 13.60 15.93
C ALA D 266 4.51 12.61 16.68
N GLY D 267 5.13 11.49 17.04
CA GLY D 267 4.46 10.48 17.85
C GLY D 267 4.09 9.29 17.01
N PHE D 268 4.31 8.09 17.51
CA PHE D 268 3.96 6.89 16.83
C PHE D 268 3.40 5.91 17.83
N GLY D 269 2.55 6.42 18.73
CA GLY D 269 1.59 5.60 19.44
C GLY D 269 0.41 5.30 18.53
N ASP D 270 -0.73 4.98 19.15
CA ASP D 270 -1.89 4.60 18.38
C ASP D 270 -2.36 5.73 17.48
N VAL D 271 -2.36 6.96 17.98
CA VAL D 271 -2.81 8.09 17.16
C VAL D 271 -1.77 8.39 16.09
N GLY D 272 -0.50 8.32 16.44
CA GLY D 272 0.54 8.63 15.48
C GLY D 272 0.61 7.57 14.40
N LYS D 273 0.48 6.31 14.78
CA LYS D 273 0.35 5.25 13.77
C LYS D 273 -0.81 5.53 12.82
N GLY D 274 -1.98 5.94 13.38
CA GLY D 274 -3.13 6.26 12.52
C GLY D 274 -2.85 7.46 11.65
N SER D 275 -2.21 8.47 12.23
CA SER D 275 -1.93 9.72 11.53
C SER D 275 -0.92 9.52 10.39
N ALA D 276 0.24 8.89 10.67
CA ALA D 276 1.19 8.58 9.60
C ALA D 276 0.52 7.82 8.45
N ALA D 277 -0.26 6.79 8.80
CA ALA D 277 -0.94 6.01 7.76
C ALA D 277 -1.92 6.86 6.98
N SER D 278 -2.61 7.80 7.63
CA SER D 278 -3.57 8.62 6.91
C SER D 278 -2.88 9.40 5.81
N LEU D 279 -1.74 9.99 6.17
CA LEU D 279 -0.98 10.83 5.25
C LEU D 279 -0.25 9.97 4.20
N ARG D 280 0.35 8.86 4.62
CA ARG D 280 1.01 8.01 3.65
C ARG D 280 0.01 7.45 2.65
N GLN D 281 -1.15 6.96 3.13
CA GLN D 281 -2.12 6.44 2.18
C GLN D 281 -2.64 7.53 1.21
N ALA D 282 -2.62 8.79 1.63
CA ALA D 282 -3.06 9.89 0.77
C ALA D 282 -1.99 10.37 -0.20
N GLY D 283 -0.77 9.86 -0.08
CA GLY D 283 0.30 10.03 -1.06
C GLY D 283 1.53 10.76 -0.49
N CYS D 284 1.47 11.21 0.77
CA CYS D 284 2.66 11.87 1.33
C CYS D 284 3.80 10.89 1.59
N ARG D 285 5.02 11.44 1.50
CA ARG D 285 6.19 10.81 2.11
CA ARG D 285 6.18 10.78 2.10
C ARG D 285 6.21 11.24 3.56
N VAL D 286 6.13 10.30 4.49
CA VAL D 286 5.87 10.61 5.87
C VAL D 286 7.13 10.34 6.68
N MET D 287 7.49 11.33 7.50
CA MET D 287 8.56 11.17 8.47
C MET D 287 7.89 11.23 9.83
N VAL D 288 8.55 10.64 10.84
CA VAL D 288 7.98 10.40 12.17
C VAL D 288 9.02 10.77 13.23
N SER D 289 8.60 11.45 14.31
CA SER D 289 9.48 11.51 15.48
C SER D 289 8.94 10.63 16.61
N GLU D 290 9.87 10.11 17.43
CA GLU D 290 9.47 9.42 18.65
C GLU D 290 10.52 9.58 19.73
N VAL D 291 10.07 9.44 20.99
CA VAL D 291 10.95 9.24 22.14
C VAL D 291 11.00 7.77 22.62
N ASP D 292 10.06 6.95 22.21
CA ASP D 292 10.05 5.60 22.72
C ASP D 292 10.77 4.71 21.69
N PRO D 293 11.86 4.03 22.07
CA PRO D 293 12.69 3.33 21.06
C PRO D 293 11.95 2.22 20.35
N ILE D 294 11.03 1.56 21.07
CA ILE D 294 10.18 0.53 20.47
C ILE D 294 9.25 1.12 19.43
N CYS D 295 8.53 2.22 19.78
CA CYS D 295 7.68 2.79 18.73
C CYS D 295 8.49 3.37 17.60
N ALA D 296 9.70 3.87 17.88
CA ALA D 296 10.55 4.35 16.80
C ALA D 296 10.91 3.21 15.87
N LEU D 297 11.25 2.06 16.45
CA LEU D 297 11.61 0.89 15.67
C LEU D 297 10.42 0.40 14.85
N GLN D 298 9.20 0.48 15.41
CA GLN D 298 8.00 0.13 14.62
C GLN D 298 7.82 1.06 13.41
N ALA D 299 7.88 2.38 13.61
CA ALA D 299 7.85 3.30 12.48
C ALA D 299 8.90 2.94 11.42
N ALA D 300 10.17 2.77 11.85
CA ALA D 300 11.26 2.44 10.90
C ALA D 300 10.92 1.19 10.11
N MET D 301 10.32 0.19 10.79
CA MET D 301 10.01 -1.04 10.11
C MET D 301 8.82 -0.90 9.21
N GLU D 302 7.96 0.06 9.47
CA GLU D 302 6.89 0.33 8.54
C GLU D 302 7.31 1.21 7.38
N GLY D 303 8.58 1.63 7.32
CA GLY D 303 9.06 2.36 6.18
C GLY D 303 9.05 3.87 6.36
N TYR D 304 8.85 4.36 7.58
CA TYR D 304 8.84 5.81 7.84
C TYR D 304 10.26 6.26 8.19
N GLU D 305 10.71 7.37 7.62
CA GLU D 305 11.97 7.92 8.08
C GLU D 305 11.77 8.51 9.47
N VAL D 306 12.57 8.11 10.46
CA VAL D 306 12.39 8.59 11.84
C VAL D 306 13.45 9.65 12.15
N VAL D 307 13.02 10.89 12.38
CA VAL D 307 13.94 12.02 12.49
C VAL D 307 13.51 12.88 13.68
N THR D 308 14.32 13.90 13.96
CA THR D 308 13.90 14.86 14.98
C THR D 308 13.08 15.97 14.35
N MET D 309 12.32 16.66 15.19
CA MET D 309 11.56 17.80 14.70
C MET D 309 12.50 18.89 14.19
N GLU D 310 13.70 19.02 14.75
CA GLU D 310 14.65 19.99 14.18
C GLU D 310 15.07 19.60 12.77
N ASP D 311 15.19 18.30 12.52
CA ASP D 311 15.50 17.82 11.17
C ASP D 311 14.33 18.09 10.21
N ALA D 312 13.11 17.80 10.66
CA ALA D 312 11.93 17.93 9.83
C ALA D 312 11.56 19.39 9.55
N ALA D 313 11.78 20.26 10.52
CA ALA D 313 11.18 21.60 10.47
C ALA D 313 11.43 22.29 9.14
N PRO D 314 12.64 22.25 8.55
CA PRO D 314 12.83 22.92 7.25
C PRO D 314 12.36 22.09 6.06
N ARG D 315 12.04 20.82 6.24
CA ARG D 315 11.79 19.89 5.14
C ARG D 315 10.31 19.68 4.86
N ALA D 316 9.52 19.42 5.89
CA ALA D 316 8.16 18.93 5.66
C ALA D 316 7.21 20.04 5.18
N ASP D 317 6.26 19.66 4.29
CA ASP D 317 5.17 20.50 3.83
C ASP D 317 4.02 20.57 4.83
N ILE D 318 3.92 19.57 5.69
CA ILE D 318 2.79 19.30 6.56
C ILE D 318 3.35 18.75 7.84
N PHE D 319 2.93 19.32 8.95
CA PHE D 319 3.27 18.85 10.28
C PHE D 319 2.00 18.48 11.06
N VAL D 320 2.04 17.33 11.73
CA VAL D 320 0.94 16.88 12.59
C VAL D 320 1.48 16.46 13.95
N THR D 321 0.99 17.07 15.07
CA THR D 321 1.37 16.55 16.39
C THR D 321 0.38 15.51 16.90
N ALA D 322 0.93 14.41 17.45
CA ALA D 322 0.16 13.23 17.74
C ALA D 322 0.67 12.54 19.01
N THR D 323 1.15 13.33 19.96
CA THR D 323 1.90 12.80 21.08
C THR D 323 1.15 12.82 22.40
N GLY D 324 0.20 13.73 22.61
CA GLY D 324 -0.30 13.87 23.97
C GLY D 324 0.61 14.66 24.87
N ASN D 325 1.69 15.20 24.34
CA ASN D 325 2.68 15.88 25.17
C ASN D 325 2.71 17.35 24.76
N LYS D 326 3.52 18.14 25.43
CA LYS D 326 3.55 19.58 25.19
C LYS D 326 4.84 19.96 24.47
N ASP D 327 4.80 21.11 23.79
CA ASP D 327 5.99 21.75 23.24
C ASP D 327 6.66 20.87 22.19
N ILE D 328 5.84 20.25 21.35
CA ILE D 328 6.37 19.42 20.27
C ILE D 328 6.84 20.29 19.12
N ILE D 329 6.05 21.31 18.77
CA ILE D 329 6.39 22.24 17.73
C ILE D 329 6.47 23.63 18.39
N THR D 330 7.65 24.19 18.48
CA THR D 330 7.93 25.43 19.17
C THR D 330 8.17 26.55 18.17
N ILE D 331 8.38 27.75 18.71
CA ILE D 331 8.59 28.90 17.85
C ILE D 331 9.83 28.68 17.00
N GLU D 332 10.87 28.03 17.56
CA GLU D 332 12.09 27.72 16.81
C GLU D 332 11.79 26.87 15.56
N HIS D 333 10.97 25.81 15.71
CA HIS D 333 10.62 24.97 14.56
C HIS D 333 9.86 25.76 13.50
N MET D 334 8.84 26.51 13.92
CA MET D 334 7.97 27.19 12.97
C MET D 334 8.74 28.29 12.23
N ARG D 335 9.63 28.98 12.93
CA ARG D 335 10.54 29.90 12.27
C ARG D 335 11.33 29.24 11.14
N ALA D 336 11.73 28.00 11.32
CA ALA D 336 12.53 27.29 10.32
C ALA D 336 11.71 26.62 9.22
N MET D 337 10.38 26.62 9.30
CA MET D 337 9.58 25.91 8.30
C MET D 337 9.59 26.64 6.96
N LYS D 338 9.23 25.91 5.92
CA LYS D 338 9.09 26.51 4.61
C LYS D 338 7.80 27.32 4.53
N ASP D 339 7.76 28.25 3.56
CA ASP D 339 6.65 29.16 3.46
C ASP D 339 5.36 28.40 3.15
N ARG D 340 4.32 28.72 3.90
CA ARG D 340 2.99 28.10 3.78
C ARG D 340 3.01 26.62 4.08
N ALA D 341 3.98 26.18 4.89
CA ALA D 341 3.84 24.89 5.53
C ALA D 341 2.51 24.87 6.25
N ILE D 342 1.93 23.64 6.33
CA ILE D 342 0.69 23.36 7.06
C ILE D 342 1.03 22.72 8.41
N VAL D 343 0.42 23.25 9.49
CA VAL D 343 0.71 22.83 10.86
C VAL D 343 -0.63 22.52 11.53
N CYS D 344 -0.72 21.35 12.19
CA CYS D 344 -1.97 20.95 12.84
C CYS D 344 -1.70 19.93 13.95
N ASN D 345 -2.73 19.69 14.75
CA ASN D 345 -2.56 18.87 15.94
C ASN D 345 -3.73 17.90 16.04
N ILE D 346 -3.45 16.65 16.42
CA ILE D 346 -4.56 15.72 16.56
C ILE D 346 -4.49 15.00 17.91
N GLY D 347 -3.56 15.42 18.78
CA GLY D 347 -3.39 14.81 20.09
C GLY D 347 -4.28 15.37 21.19
N HIS D 348 -3.89 16.50 21.76
CA HIS D 348 -4.68 16.97 22.89
C HIS D 348 -4.53 18.47 23.05
N PHE D 349 -5.53 19.06 23.70
CA PHE D 349 -5.42 20.46 24.12
C PHE D 349 -5.04 21.29 22.90
N ASP D 350 -4.15 22.26 23.12
CA ASP D 350 -3.53 23.05 22.07
C ASP D 350 -2.13 23.46 22.45
N ASN D 351 -1.47 22.67 23.32
CA ASN D 351 -0.10 22.92 23.72
C ASN D 351 0.90 21.89 23.13
N GLU D 352 0.49 21.06 22.16
CA GLU D 352 1.50 20.35 21.36
C GLU D 352 2.26 21.34 20.49
N ILE D 353 1.53 22.27 19.88
CA ILE D 353 2.11 23.40 19.16
C ILE D 353 2.06 24.59 20.10
N GLN D 354 3.20 25.26 20.24
CA GLN D 354 3.33 26.52 20.98
C GLN D 354 2.52 27.66 20.35
N ILE D 355 1.19 27.55 20.39
CA ILE D 355 0.36 28.57 19.76
C ILE D 355 0.60 29.92 20.40
N ALA D 356 0.83 29.93 21.71
CA ALA D 356 0.96 31.20 22.43
C ALA D 356 2.13 32.03 21.89
N SER D 357 3.17 31.34 21.39
CA SER D 357 4.33 32.04 20.83
C SER D 357 3.98 32.78 19.56
N LEU D 358 2.83 32.49 18.95
CA LEU D 358 2.37 33.19 17.76
C LEU D 358 1.45 34.35 18.09
N ARG D 359 1.24 34.65 19.37
CA ARG D 359 0.16 35.55 19.73
C ARG D 359 0.39 36.99 19.28
N ASN D 360 1.60 37.37 18.88
CA ASN D 360 1.80 38.74 18.45
C ASN D 360 2.17 38.85 16.97
N LEU D 361 2.04 37.77 16.20
CA LEU D 361 2.31 37.82 14.77
C LEU D 361 1.02 38.19 14.02
N LYS D 362 1.12 38.46 12.73
CA LYS D 362 -0.11 38.72 11.95
C LYS D 362 -0.83 37.40 11.64
N TRP D 363 -2.07 37.28 12.13
CA TRP D 363 -2.97 36.17 11.76
C TRP D 363 -3.98 36.67 10.76
N THR D 364 -4.09 35.97 9.64
CA THR D 364 -5.08 36.32 8.64
C THR D 364 -6.00 35.12 8.51
N ASN D 365 -7.28 35.32 8.84
CA ASN D 365 -8.24 34.23 8.85
C ASN D 365 -8.62 33.93 7.41
N ILE D 366 -8.40 32.69 7.01
CA ILE D 366 -8.83 32.21 5.70
C ILE D 366 -10.31 31.89 5.71
N LYS D 367 -10.67 31.02 6.64
CA LYS D 367 -12.03 30.53 6.86
C LYS D 367 -12.05 29.93 8.27
N PRO D 368 -13.23 29.58 8.79
CA PRO D 368 -13.26 29.00 10.14
C PRO D 368 -12.24 27.91 10.31
N GLN D 369 -11.48 28.01 11.39
CA GLN D 369 -10.48 26.99 11.73
C GLN D 369 -9.35 26.92 10.72
N VAL D 370 -9.16 27.95 9.89
CA VAL D 370 -7.97 27.99 9.03
C VAL D 370 -7.38 29.40 9.09
N ASP D 371 -6.12 29.49 9.54
CA ASP D 371 -5.49 30.80 9.63
C ASP D 371 -4.13 30.79 8.95
N GLU D 372 -3.79 31.90 8.28
CA GLU D 372 -2.42 32.14 7.82
C GLU D 372 -1.68 33.06 8.82
N ILE D 373 -0.54 32.60 9.31
CA ILE D 373 0.24 33.33 10.34
C ILE D 373 1.51 33.83 9.65
N GLU D 374 1.76 35.13 9.74
CA GLU D 374 2.91 35.71 9.07
C GLU D 374 3.99 36.14 10.06
N PHE D 375 5.25 35.65 9.88
CA PHE D 375 6.39 35.88 10.76
C PHE D 375 7.10 37.16 10.37
N PRO D 376 7.95 37.70 11.27
CA PRO D 376 8.63 38.96 10.94
C PRO D 376 9.33 38.90 9.59
N ASP D 377 9.80 37.72 9.17
CA ASP D 377 10.57 37.63 7.93
C ASP D 377 9.68 37.46 6.69
N LYS D 378 8.36 37.60 6.84
CA LYS D 378 7.29 37.49 5.83
C LYS D 378 7.03 36.05 5.42
N HIS D 379 7.72 35.08 6.00
CA HIS D 379 7.32 33.71 5.74
C HIS D 379 6.10 33.37 6.59
N ARG D 380 5.35 32.39 6.12
CA ARG D 380 3.99 32.16 6.58
C ARG D 380 3.82 30.68 6.84
N ILE D 381 2.92 30.38 7.75
CA ILE D 381 2.45 29.01 7.95
C ILE D 381 0.94 29.05 7.93
N ILE D 382 0.34 27.89 7.69
CA ILE D 382 -1.11 27.74 7.74
C ILE D 382 -1.40 26.89 8.94
N MET D 383 -2.18 27.44 9.88
CA MET D 383 -2.47 26.77 11.12
C MET D 383 -3.90 26.28 11.08
N LEU D 384 -4.13 25.02 11.42
CA LEU D 384 -5.51 24.50 11.43
C LEU D 384 -6.05 24.49 12.85
N SER D 385 -7.30 24.92 12.98
CA SER D 385 -8.10 24.92 14.23
C SER D 385 -7.32 25.51 15.37
N GLU D 386 -6.48 26.51 15.08
CA GLU D 386 -5.72 27.16 16.12
C GLU D 386 -4.91 26.18 16.96
N GLY D 387 -4.48 25.07 16.38
CA GLY D 387 -3.69 24.14 17.12
C GLY D 387 -4.47 23.11 17.92
N ARG D 388 -5.81 23.13 17.83
CA ARG D 388 -6.63 22.16 18.52
C ARG D 388 -6.94 20.99 17.61
N LEU D 389 -7.70 20.02 18.09
CA LEU D 389 -7.85 18.78 17.32
C LEU D 389 -8.34 19.00 15.88
N VAL D 390 -7.46 18.70 14.91
CA VAL D 390 -7.70 19.05 13.50
C VAL D 390 -8.83 18.19 12.93
N ASN D 391 -9.00 16.95 13.41
CA ASN D 391 -10.00 16.12 12.74
C ASN D 391 -11.38 16.57 13.11
N LEU D 392 -11.57 17.00 14.36
CA LEU D 392 -12.86 17.53 14.80
C LEU D 392 -13.00 19.02 14.50
N GLY D 393 -11.92 19.80 14.49
CA GLY D 393 -12.09 21.22 14.19
C GLY D 393 -12.32 21.47 12.71
N ASN D 394 -11.58 20.76 11.85
CA ASN D 394 -11.67 21.09 10.45
C ASN D 394 -12.55 20.16 9.66
N ALA D 395 -12.91 19.01 10.21
CA ALA D 395 -13.80 18.09 9.52
C ALA D 395 -14.83 17.62 10.53
N MET D 396 -15.10 16.32 10.56
CA MET D 396 -16.27 15.83 11.28
C MET D 396 -15.87 14.78 12.30
N GLY D 397 -14.58 14.78 12.69
CA GLY D 397 -14.16 13.79 13.61
C GLY D 397 -14.09 12.42 12.95
N HIS D 398 -13.87 11.43 13.81
CA HIS D 398 -13.92 10.03 13.34
C HIS D 398 -15.27 9.70 12.73
N PRO D 399 -15.30 8.81 11.75
CA PRO D 399 -16.59 8.35 11.19
C PRO D 399 -17.36 7.50 12.20
N SER D 400 -18.66 7.30 11.90
CA SER D 400 -19.62 6.71 12.83
C SER D 400 -19.24 5.28 13.19
N PHE D 401 -18.86 4.48 12.19
CA PHE D 401 -18.64 3.06 12.45
C PHE D 401 -17.60 2.85 13.56
N VAL D 402 -16.50 3.63 13.52
CA VAL D 402 -15.51 3.45 14.53
C VAL D 402 -15.90 4.14 15.85
N MET D 403 -16.68 5.22 15.84
CA MET D 403 -17.19 5.73 17.12
C MET D 403 -18.20 4.79 17.76
N SER D 404 -18.90 3.99 16.95
CA SER D 404 -19.78 2.93 17.47
C SER D 404 -19.03 1.92 18.36
N ALA D 405 -17.79 1.59 18.00
CA ALA D 405 -17.00 0.73 18.87
C ALA D 405 -16.65 1.44 20.18
N SER D 406 -16.11 2.66 20.10
CA SER D 406 -15.84 3.41 21.31
C SER D 406 -17.10 3.57 22.16
N PHE D 407 -18.20 3.93 21.52
CA PHE D 407 -19.40 4.29 22.27
C PHE D 407 -20.20 3.06 22.74
N THR D 408 -20.03 1.90 22.10
CA THR D 408 -20.56 0.71 22.76
C THR D 408 -19.75 0.37 24.02
N ASN D 409 -18.43 0.58 24.00
CA ASN D 409 -17.66 0.45 25.24
C ASN D 409 -18.16 1.44 26.30
N GLN D 410 -18.26 2.74 25.93
CA GLN D 410 -18.80 3.75 26.86
C GLN D 410 -20.09 3.26 27.47
N THR D 411 -21.00 2.77 26.64
CA THR D 411 -22.30 2.37 27.16
C THR D 411 -22.16 1.27 28.19
N LEU D 412 -21.38 0.24 27.86
CA LEU D 412 -21.22 -0.88 28.77
C LEU D 412 -20.47 -0.45 30.03
N ALA D 413 -19.59 0.54 29.93
CA ALA D 413 -18.91 1.09 31.10
C ALA D 413 -19.91 1.82 31.99
N GLN D 414 -20.80 2.61 31.39
CA GLN D 414 -21.84 3.23 32.20
C GLN D 414 -22.72 2.17 32.85
N ILE D 415 -22.93 1.02 32.21
CA ILE D 415 -23.77 0.03 32.86
C ILE D 415 -23.03 -0.62 34.04
N GLU D 416 -21.71 -0.80 33.90
CA GLU D 416 -20.93 -1.42 34.97
C GLU D 416 -20.92 -0.55 36.24
N LEU D 417 -20.61 0.73 36.09
CA LEU D 417 -20.41 1.57 37.27
C LEU D 417 -21.75 1.92 37.91
N PHE D 418 -22.82 2.01 37.11
CA PHE D 418 -24.11 2.32 37.69
C PHE D 418 -24.90 1.06 38.07
N ALA D 419 -24.86 0.00 37.27
CA ALA D 419 -25.75 -1.12 37.53
C ALA D 419 -25.08 -2.35 38.15
N ASN D 420 -23.79 -2.59 37.90
CA ASN D 420 -23.13 -3.79 38.38
CA ASN D 420 -23.19 -3.80 38.44
C ASN D 420 -21.99 -3.46 39.34
N ASN D 421 -22.26 -2.65 40.37
CA ASN D 421 -21.32 -2.27 41.42
C ASN D 421 -21.94 -2.47 42.80
N LYS D 422 -22.97 -3.32 42.87
CA LYS D 422 -23.67 -3.52 44.14
C LYS D 422 -22.76 -4.18 45.17
N ASP D 423 -21.98 -5.18 44.77
CA ASP D 423 -21.00 -5.77 45.68
C ASP D 423 -19.84 -4.83 45.97
N SER D 424 -19.76 -3.70 45.26
CA SER D 424 -18.67 -2.72 45.30
C SER D 424 -17.41 -3.24 44.63
N LYS D 425 -17.54 -4.04 43.57
CA LYS D 425 -16.36 -4.61 42.92
C LYS D 425 -15.44 -3.53 42.35
N TYR D 426 -15.92 -2.29 42.24
CA TYR D 426 -15.15 -1.17 41.72
C TYR D 426 -14.90 -0.19 42.86
N ALA D 427 -13.67 -0.13 43.30
CA ALA D 427 -13.32 0.79 44.35
C ALA D 427 -12.82 2.08 43.73
N LYS D 428 -12.13 2.94 44.48
CA LYS D 428 -11.60 4.19 43.88
C LYS D 428 -10.25 4.00 43.14
N LYS D 429 -10.29 3.14 42.13
CA LYS D 429 -9.22 2.74 41.27
C LYS D 429 -9.75 2.80 39.83
N VAL D 430 -8.84 2.55 38.94
CA VAL D 430 -9.10 2.68 37.51
C VAL D 430 -9.16 1.27 36.91
N TYR D 431 -10.32 0.90 36.36
CA TYR D 431 -10.55 -0.45 35.85
C TYR D 431 -10.71 -0.45 34.33
N VAL D 432 -10.63 -1.65 33.75
CA VAL D 432 -10.98 -1.85 32.35
C VAL D 432 -12.12 -2.87 32.28
N LEU D 433 -12.85 -2.83 31.16
CA LEU D 433 -13.93 -3.80 30.97
C LEU D 433 -13.35 -5.20 30.77
N PRO D 434 -14.09 -6.26 31.12
CA PRO D 434 -13.61 -7.63 30.90
C PRO D 434 -13.39 -7.92 29.43
N LYS D 435 -12.42 -8.81 29.15
CA LYS D 435 -12.10 -9.10 27.74
C LYS D 435 -13.31 -9.65 27.01
N THR D 436 -14.12 -10.47 27.68
CA THR D 436 -15.29 -11.01 26.98
C THR D 436 -16.22 -9.89 26.54
N LEU D 437 -16.30 -8.79 27.30
CA LEU D 437 -17.12 -7.68 26.85
C LEU D 437 -16.45 -6.95 25.70
N ASP D 438 -15.13 -6.76 25.79
CA ASP D 438 -14.36 -6.22 24.68
C ASP D 438 -14.53 -7.08 23.45
N GLU D 439 -14.50 -8.39 23.63
CA GLU D 439 -14.75 -9.23 22.46
C GLU D 439 -16.18 -9.01 21.94
N LYS D 440 -17.14 -8.77 22.84
CA LYS D 440 -18.52 -8.61 22.39
C LYS D 440 -18.71 -7.35 21.55
N VAL D 441 -18.13 -6.24 22.00
CA VAL D 441 -18.13 -5.04 21.16
C VAL D 441 -17.71 -5.42 19.73
N ALA D 442 -16.61 -6.17 19.59
CA ALA D 442 -16.12 -6.51 18.26
C ALA D 442 -17.13 -7.34 17.49
N ARG D 443 -17.70 -8.37 18.16
CA ARG D 443 -18.74 -9.19 17.54
C ARG D 443 -19.89 -8.36 17.06
N LEU D 444 -20.28 -7.31 17.81
CA LEU D 444 -21.41 -6.50 17.37
C LEU D 444 -21.17 -5.75 16.06
N HIS D 445 -19.93 -5.60 15.62
CA HIS D 445 -19.68 -4.88 14.40
C HIS D 445 -19.30 -5.78 13.23
N LEU D 446 -19.33 -7.10 13.39
CA LEU D 446 -18.80 -7.93 12.32
C LEU D 446 -19.78 -8.12 11.18
N ALA D 447 -21.06 -8.28 11.51
CA ALA D 447 -22.02 -8.65 10.48
C ALA D 447 -22.27 -7.49 9.52
N LYS D 448 -22.30 -6.27 10.06
CA LYS D 448 -22.46 -5.08 9.24
C LYS D 448 -21.37 -4.99 8.16
N ILE D 449 -20.14 -5.37 8.49
CA ILE D 449 -19.09 -5.32 7.50
C ILE D 449 -18.81 -6.68 6.89
N GLY D 450 -19.73 -7.63 7.06
CA GLY D 450 -19.63 -8.87 6.29
C GLY D 450 -18.58 -9.87 6.73
N VAL D 451 -17.95 -9.66 7.89
CA VAL D 451 -17.03 -10.63 8.48
C VAL D 451 -17.82 -11.89 8.81
N LYS D 452 -17.27 -13.04 8.42
CA LYS D 452 -17.78 -14.30 8.90
C LYS D 452 -16.74 -14.91 9.83
N LEU D 453 -17.11 -15.05 11.09
CA LEU D 453 -16.22 -15.60 12.10
C LEU D 453 -16.22 -17.11 12.02
N THR D 454 -15.03 -17.70 12.19
CA THR D 454 -14.93 -19.13 12.41
C THR D 454 -15.20 -19.45 13.86
N GLU D 455 -15.78 -20.63 14.07
CA GLU D 455 -16.01 -21.23 15.36
C GLU D 455 -14.99 -22.29 15.69
N LEU D 456 -14.41 -22.19 16.88
CA LEU D 456 -13.51 -23.22 17.36
C LEU D 456 -14.26 -24.49 17.66
N ARG D 457 -13.72 -25.62 17.25
CA ARG D 457 -14.25 -26.85 17.80
CA ARG D 457 -14.18 -26.89 17.76
C ARG D 457 -13.58 -27.09 19.14
N LYS D 458 -14.23 -27.91 19.98
CA LYS D 458 -13.77 -28.05 21.36
C LYS D 458 -12.32 -28.53 21.44
N ASP D 459 -11.94 -29.49 20.58
CA ASP D 459 -10.57 -29.97 20.64
C ASP D 459 -9.60 -28.87 20.21
N GLN D 460 -10.01 -28.02 19.29
CA GLN D 460 -9.13 -26.91 18.92
C GLN D 460 -9.02 -25.90 20.07
N ALA D 461 -10.13 -25.61 20.74
CA ALA D 461 -10.11 -24.64 21.83
C ALA D 461 -9.24 -25.15 22.98
N ASP D 462 -9.42 -26.42 23.37
CA ASP D 462 -8.52 -27.08 24.32
C ASP D 462 -7.05 -26.95 23.90
N TYR D 463 -6.77 -27.16 22.61
CA TYR D 463 -5.40 -27.14 22.11
C TYR D 463 -4.71 -25.80 22.37
N ILE D 464 -5.42 -24.70 22.12
CA ILE D 464 -4.83 -23.39 22.35
C ILE D 464 -5.17 -22.83 23.73
N GLY D 465 -5.86 -23.59 24.57
CA GLY D 465 -6.11 -23.22 25.95
C GLY D 465 -7.17 -22.17 26.13
N VAL D 466 -8.24 -22.23 25.35
CA VAL D 466 -9.30 -21.22 25.48
C VAL D 466 -10.63 -21.93 25.46
N LYS D 467 -11.61 -21.31 26.12
CA LYS D 467 -13.01 -21.66 25.91
C LYS D 467 -13.45 -21.28 24.51
N GLN D 468 -14.33 -22.11 23.96
CA GLN D 468 -14.87 -21.83 22.64
C GLN D 468 -15.52 -20.46 22.57
N GLU D 469 -16.17 -20.03 23.66
CA GLU D 469 -16.89 -18.78 23.69
C GLU D 469 -15.98 -17.61 24.03
N GLY D 470 -14.69 -17.85 24.20
CA GLY D 470 -13.78 -16.78 24.58
C GLY D 470 -13.83 -16.65 26.10
N PRO D 471 -12.94 -15.84 26.68
CA PRO D 471 -11.94 -14.96 26.01
C PRO D 471 -10.83 -15.78 25.27
N TYR D 472 -10.43 -15.31 24.09
CA TYR D 472 -9.50 -16.04 23.23
C TYR D 472 -8.04 -15.68 23.46
N LYS D 473 -7.77 -14.57 24.14
CA LYS D 473 -6.40 -14.15 24.39
C LYS D 473 -6.23 -13.91 25.89
N SER D 474 -4.97 -14.01 26.34
CA SER D 474 -4.69 -13.69 27.74
C SER D 474 -4.88 -12.18 27.98
N ASP D 475 -5.05 -11.81 29.24
CA ASP D 475 -5.25 -10.38 29.49
C ASP D 475 -4.02 -9.56 29.09
N HIS D 476 -2.85 -10.17 28.97
CA HIS D 476 -1.69 -9.38 28.60
C HIS D 476 -1.46 -9.31 27.09
N TYR D 477 -2.29 -9.97 26.27
CA TYR D 477 -2.09 -10.02 24.82
C TYR D 477 -2.25 -8.62 24.17
N ARG D 478 -1.41 -8.30 23.15
CA ARG D 478 -1.28 -6.93 22.65
C ARG D 478 -1.94 -6.70 21.31
N TYR D 479 -2.46 -7.75 20.66
CA TYR D 479 -3.09 -7.61 19.36
C TYR D 479 -2.22 -6.87 18.36
PA NAD E . 12.20 2.71 -20.58
O1A NAD E . 10.70 2.48 -20.41
O2A NAD E . 12.63 3.42 -21.93
O5B NAD E . 12.90 3.26 -19.29
C5B NAD E . 14.26 3.64 -19.10
C4B NAD E . 14.27 4.89 -18.24
O4B NAD E . 15.54 5.22 -17.77
C3B NAD E . 13.75 6.08 -18.98
O3B NAD E . 12.50 6.55 -18.45
C2B NAD E . 14.80 7.05 -18.86
O2B NAD E . 14.47 8.46 -18.77
C1B NAD E . 15.58 6.59 -17.71
N9A NAD E . 16.99 6.94 -17.83
C8A NAD E . 17.79 6.92 -18.95
N7A NAD E . 19.05 7.36 -18.57
C5A NAD E . 19.04 7.59 -17.21
C6A NAD E . 20.00 8.03 -16.28
N6A NAD E . 21.34 8.30 -16.72
N1A NAD E . 19.65 8.12 -14.97
C2A NAD E . 18.37 7.85 -14.58
N3A NAD E . 17.43 7.48 -15.45
C4A NAD E . 17.74 7.33 -16.75
O3 NAD E . 12.76 1.20 -20.74
PN NAD E . 12.37 -0.02 -19.82
O1N NAD E . 11.28 -0.88 -20.47
O2N NAD E . 12.05 0.36 -18.41
O5D NAD E . 13.68 -0.99 -19.90
C5D NAD E . 14.89 -0.73 -19.24
C4D NAD E . 15.92 -1.75 -19.33
O4D NAD E . 15.45 -3.00 -18.69
C3D NAD E . 16.14 -2.08 -20.75
O3D NAD E . 17.48 -2.32 -20.96
C2D NAD E . 15.30 -3.32 -20.97
O2D NAD E . 15.77 -4.06 -22.05
C1D NAD E . 15.38 -4.02 -19.66
N1N NAD E . 14.32 -4.96 -19.22
C2N NAD E . 14.66 -5.88 -18.26
C3N NAD E . 13.72 -6.78 -17.76
C7N NAD E . 14.23 -7.80 -16.80
O7N NAD E . 13.62 -8.85 -16.63
N7N NAD E . 15.45 -7.55 -16.14
C4N NAD E . 12.35 -6.72 -18.18
C5N NAD E . 12.02 -5.72 -19.17
C6N NAD E . 13.03 -4.88 -19.67
O5' ADN F . 16.53 -9.49 -21.31
C5' ADN F . 15.48 -8.84 -20.57
C4' ADN F . 14.18 -9.59 -20.78
O4' ADN F . 14.14 -10.77 -19.96
C3' ADN F . 12.89 -8.84 -20.45
O3' ADN F . 12.37 -8.27 -21.65
C2' ADN F . 11.94 -9.98 -19.95
O2' ADN F . 10.79 -10.15 -20.73
C1' ADN F . 12.82 -11.24 -20.02
N9 ADN F . 12.57 -12.18 -18.93
C8 ADN F . 12.37 -11.85 -17.65
N7 ADN F . 12.12 -12.98 -16.89
C5 ADN F . 12.16 -14.04 -17.78
C6 ADN F . 11.96 -15.41 -17.62
N6 ADN F . 11.66 -15.93 -16.33
N1 ADN F . 12.08 -16.23 -18.70
C2 ADN F . 12.39 -15.73 -19.91
N3 ADN F . 12.56 -14.42 -20.15
C4 ADN F . 12.45 -13.56 -19.08
NA NA G . 10.59 -17.78 -13.18
C1 PEG H . -5.48 -9.88 -37.81
O1 PEG H . -6.30 -9.73 -36.72
C2 PEG H . -4.09 -9.61 -37.37
O2 PEG H . -3.21 -9.41 -38.43
C3 PEG H . -3.13 -8.14 -38.96
C4 PEG H . -1.79 -7.91 -39.56
O4 PEG H . -1.50 -6.56 -39.47
PA NAD I . -10.66 6.08 -20.41
O1A NAD I . -10.90 6.01 -21.86
O2A NAD I . -9.16 6.13 -20.13
O5B NAD I . -11.44 5.05 -19.48
C5B NAD I . -12.80 4.64 -19.67
C4B NAD I . -12.79 3.16 -19.42
O4B NAD I . -14.10 2.78 -19.22
C3B NAD I . -12.24 2.40 -20.57
O3B NAD I . -11.04 1.67 -20.19
C2B NAD I . -13.35 1.60 -20.96
O2B NAD I . -13.02 0.27 -21.42
C1B NAD I . -14.17 1.53 -19.74
N9A NAD I . -15.61 1.26 -20.03
C8A NAD I . -16.38 1.71 -21.03
N7A NAD I . -17.66 1.18 -20.91
C5A NAD I . -17.67 0.39 -19.79
C6A NAD I . -18.61 -0.44 -19.14
N6A NAD I . -19.92 -0.50 -19.66
N1A NAD I . -18.29 -1.08 -17.99
C2A NAD I . -17.03 -0.99 -17.53
N3A NAD I . -16.08 -0.26 -18.15
C4A NAD I . -16.38 0.45 -19.25
O3 NAD I . -11.34 7.51 -20.05
PN NAD I . -10.96 8.29 -18.78
O1N NAD I . -10.66 7.32 -17.69
O2N NAD I . -9.85 9.29 -19.01
O5D NAD I . -12.24 9.21 -18.40
C5D NAD I . -13.49 8.64 -18.12
C4D NAD I . -14.51 9.70 -17.87
O4D NAD I . -14.03 10.57 -16.80
C3D NAD I . -14.65 10.65 -18.99
O3D NAD I . -15.97 11.07 -19.00
C2D NAD I . -13.72 11.80 -18.70
O2D NAD I . -14.10 12.96 -19.38
C1D NAD I . -13.92 11.95 -17.24
N1N NAD I . -12.92 12.62 -16.36
C2N NAD I . -13.37 13.07 -15.12
C3N NAD I . -12.48 13.61 -14.19
C7N NAD I . -13.02 14.23 -12.91
O7N NAD I . -12.35 15.13 -12.33
N7N NAD I . -14.32 13.88 -12.49
C4N NAD I . -11.07 13.69 -14.48
C5N NAD I . -10.62 13.20 -15.79
C6N NAD I . -11.56 12.70 -16.67
O5' ADN J . -15.00 17.59 -16.62
C5' ADN J . -14.03 16.71 -16.05
C4' ADN J . -12.73 17.46 -15.86
O4' ADN J . -12.75 18.19 -14.64
C3' ADN J . -11.43 16.65 -15.80
O3' ADN J . -10.91 16.52 -17.12
C2' ADN J . -10.51 17.53 -14.92
O2' ADN J . -9.36 18.04 -15.58
C1' ADN J . -11.46 18.67 -14.43
N9 ADN J . -11.30 19.03 -13.03
C8 ADN J . -11.12 18.20 -11.99
N7 ADN J . -10.87 18.98 -10.88
C5 ADN J . -10.90 20.31 -11.26
C6 ADN J . -10.77 21.56 -10.55
N6 ADN J . -10.47 21.60 -9.18
N1 ADN J . -10.89 22.70 -11.23
C2 ADN J . -11.15 22.67 -12.56
N3 ADN J . -11.30 21.53 -13.26
C4 ADN J . -11.16 20.35 -12.62
NA NA K . -9.59 22.00 -5.41
C1 PEG L . 14.63 7.13 -28.47
O1 PEG L . 14.53 6.09 -29.38
C2 PEG L . 13.49 8.08 -28.57
O2 PEG L . 13.93 9.40 -28.49
C3 PEG L . 14.08 10.20 -29.62
C4 PEG L . 12.78 10.84 -29.95
O4 PEG L . 12.66 10.95 -31.31
C1 PEG M . 10.71 2.83 -25.50
O1 PEG M . 11.40 3.60 -24.55
C2 PEG M . 9.45 3.32 -26.18
O2 PEG M . 9.25 3.23 -27.56
C3 PEG M . 7.97 3.63 -27.93
C4 PEG M . 7.18 2.68 -28.75
O4 PEG M . 7.34 2.97 -30.10
PA NAD N . -1.23 -15.45 18.13
O1A NAD N . -0.66 -14.02 18.22
O2A NAD N . -1.89 -15.99 19.39
O5B NAD N . -2.18 -15.68 16.94
C5B NAD N . -2.87 -16.90 16.64
C4B NAD N . -4.19 -16.60 16.01
O4B NAD N . -4.72 -17.78 15.58
C3B NAD N . -5.07 -16.11 17.14
O3B NAD N . -5.50 -14.78 16.92
C2B NAD N . -6.18 -16.99 17.12
O2B NAD N . -7.41 -16.24 17.18
C1B NAD N . -6.05 -17.59 15.78
N9A NAD N . -6.73 -18.89 15.63
C8A NAD N . -6.72 -19.95 16.46
N7A NAD N . -7.48 -20.92 15.93
C5A NAD N . -7.98 -20.51 14.74
C6A NAD N . -8.75 -21.06 13.76
N6A NAD N . -9.28 -22.40 13.91
N1A NAD N . -9.01 -20.34 12.63
C2A NAD N . -8.58 -19.07 12.43
N3A NAD N . -7.80 -18.52 13.40
C4A NAD N . -7.49 -19.19 14.54
O3 NAD N . 0.05 -16.39 17.74
PN NAD N . 1.17 -15.90 16.77
O1N NAD N . 2.25 -15.26 17.53
O2N NAD N . 0.48 -15.24 15.58
O5D NAD N . 1.84 -17.36 16.40
C5D NAD N . 1.18 -18.34 15.67
C4D NAD N . 1.98 -19.58 15.37
O4D NAD N . 3.13 -19.11 14.61
C3D NAD N . 2.57 -20.32 16.50
O3D NAD N . 2.69 -21.68 16.17
C2D NAD N . 3.90 -19.64 16.69
O2D NAD N . 4.80 -20.32 17.53
C1D NAD N . 4.33 -19.48 15.26
N1N NAD N . 5.39 -18.53 14.85
C2N NAD N . 6.07 -18.86 13.68
C3N NAD N . 7.04 -18.04 13.12
C7N NAD N . 7.81 -18.53 11.92
O7N NAD N . 8.95 -18.15 11.70
N7N NAD N . 7.36 -19.48 11.03
C4N NAD N . 7.34 -16.79 13.77
C5N NAD N . 6.60 -16.46 14.98
C6N NAD N . 5.65 -17.32 15.50
O5' ADN O . 9.64 -21.94 15.54
C5' ADN O . 9.32 -20.66 14.95
C4' ADN O . 10.34 -19.60 15.29
O4' ADN O . 11.33 -19.52 14.25
C3' ADN O . 9.79 -18.18 15.38
O3' ADN O . 9.47 -17.86 16.75
C2' ADN O . 10.98 -17.29 14.89
O2' ADN O . 11.52 -16.40 15.86
C1' ADN O . 12.03 -18.34 14.43
N9 ADN O . 12.75 -17.99 13.20
C8 ADN O . 12.26 -17.42 12.10
N7 ADN O . 13.31 -17.25 11.23
C5 ADN O . 14.44 -17.73 11.83
C6 ADN O . 15.79 -17.74 11.47
N6 ADN O . 16.22 -17.22 10.21
N1 ADN O . 16.70 -18.26 12.34
C2 ADN O . 16.34 -18.73 13.56
N3 ADN O . 15.06 -18.70 13.95
C4 ADN O . 14.12 -18.16 13.10
NA NA P . 17.59 -15.80 7.04
C1 PEG Q . 5.61 4.07 32.86
O1 PEG Q . 5.38 3.39 34.03
C2 PEG Q . 4.29 4.35 32.23
O2 PEG Q . 3.81 5.59 32.58
C3 PEG Q . 2.66 6.03 31.94
C4 PEG Q . 1.72 6.66 32.91
O4 PEG Q . 2.08 6.28 34.19
C1 PEG R . 5.20 -35.61 21.12
O1 PEG R . 3.97 -35.40 21.75
C2 PEG R . 5.70 -34.42 20.35
O2 PEG R . 4.90 -34.11 19.26
C3 PEG R . 4.27 -32.87 19.14
C4 PEG R . 3.69 -32.37 20.43
O4 PEG R . 2.89 -33.26 21.12
PA NAD S . 0.05 6.73 23.03
O1A NAD S . 0.56 6.63 24.41
O2A NAD S . -0.43 5.36 22.49
O5B NAD S . 1.05 7.46 22.03
C5B NAD S . 1.76 8.68 22.19
C4B NAD S . 3.18 8.63 21.66
O4B NAD S . 3.78 9.91 21.59
C3B NAD S . 4.01 7.78 22.56
O3B NAD S . 4.44 6.59 21.84
C2B NAD S . 5.11 8.58 22.98
O2B NAD S . 6.38 7.85 23.05
C1B NAD S . 5.12 9.65 21.95
N9A NAD S . 5.69 10.90 22.44
C8A NAD S . 5.44 11.55 23.63
N7A NAD S . 6.22 12.72 23.59
C5A NAD S . 6.87 12.83 22.39
C6A NAD S . 7.78 13.76 21.80
N6A NAD S . 8.19 14.98 22.51
N1A NAD S . 8.17 13.50 20.52
C2A NAD S . 7.84 12.38 19.84
N3A NAD S . 7.02 11.46 20.41
C4A NAD S . 6.52 11.67 21.65
O3 NAD S . -1.29 7.66 23.15
PN NAD S . -2.26 7.91 21.96
O1N NAD S . -3.36 6.92 22.18
O2N NAD S . -1.51 7.85 20.62
O5D NAD S . -2.86 9.42 22.08
C5D NAD S . -2.18 10.57 21.80
C4D NAD S . -3.04 11.74 22.01
O4D NAD S . -4.10 11.69 21.02
C3D NAD S . -3.74 11.79 23.33
O3D NAD S . -3.77 13.13 23.62
C2D NAD S . -5.13 11.32 23.08
O2D NAD S . -6.07 11.83 23.98
C1D NAD S . -5.38 11.80 21.68
N1N NAD S . -6.43 11.13 20.88
C2N NAD S . -7.05 11.88 19.88
C3N NAD S . -8.00 11.32 19.05
C7N NAD S . -8.74 12.20 18.04
O7N NAD S . -9.77 11.82 17.48
N7N NAD S . -8.33 13.53 17.78
C4N NAD S . -8.28 9.93 19.19
C5N NAD S . -7.61 9.16 20.22
C6N NAD S . -6.68 9.80 21.04
O5' ADN T . -10.52 13.97 22.61
C5' ADN T . -10.07 12.87 21.81
C4' ADN T . -11.15 11.84 21.65
O4' ADN T . -12.12 12.30 20.69
C3' ADN T . -10.69 10.48 21.13
O3' ADN T . -10.46 9.54 22.20
C2' ADN T . -11.87 9.99 20.24
O2' ADN T . -12.47 8.79 20.68
C1' ADN T . -12.86 11.18 20.27
N9 ADN T . -13.51 11.42 18.96
C8 ADN T . -12.94 11.37 17.75
N7 ADN T . -13.89 11.61 16.76
C5 ADN T . -15.13 11.72 17.35
C6 ADN T . -16.47 11.95 16.90
N6 ADN T . -16.89 12.09 15.53
N1 ADN T . -17.44 12.08 17.84
C2 ADN T . -17.21 11.99 19.15
N3 ADN T . -15.97 11.78 19.60
C4 ADN T . -14.90 11.64 18.74
NA NA U . -18.01 11.94 12.03
#